data_1CCW
#
_entry.id   1CCW
#
_cell.length_a   64.430
_cell.length_b   113.050
_cell.length_c   108.300
_cell.angle_alpha   90.00
_cell.angle_beta   95.79
_cell.angle_gamma   90.00
#
_symmetry.space_group_name_H-M   'P 1 21 1'
#
loop_
_entity.id
_entity.type
_entity.pdbx_description
1 polymer 'PROTEIN (GLUTAMATE MUTASE)'
2 polymer 'PROTEIN (GLUTAMATE MUTASE)'
3 non-polymer CYANOCOBALAMIN
4 non-polymer 'D(-)-TARTARIC ACID'
5 water water
#
loop_
_entity_poly.entity_id
_entity_poly.type
_entity_poly.pdbx_seq_one_letter_code
_entity_poly.pdbx_strand_id
1 'polypeptide(L)'
;MEKKTIVLGVIGSDCHAVGNKILDHAFTNAGFNVVNIGVLSPQELFIKAAIETKADAILVSSLYGQGEIDCKGLRQKCDE
AGLEGILLYVGGNIVVGKQHWPDVEKRFKDMGYDRVYAPGTPPEVGIADLKKDLNIE
;
A,C
2 'polypeptide(L)'
;MELKNKKWTDEEFHKQREEVLQQWPTGKEVDLQEAVDYLKKIPAEKNFAEKLVLAKKKGITMAQPRAGVALLDEHIELLR
YLQDEGGADFLPSTIDAYTRQNRYDECENGIKESEKAGRSLLNGFPGVNFGVKGCRKVLEAVNLPLQARHGTPDSRLLAE
IIHAGGWTSNEGGGISYNVPYAKNVTIEKSLLDWQYCDRLVGFYEEQGVHINREPFGPLTGTLVPPSMSNAVGITEALLA
AEQGVKNITVGYGECGNMIQDIAALRCLEEQTNEYLKAYGYNDVFVTTVFHQWMGGFPQDESKAFGVIVTATTIAALAGA
TKVIVKTPHEAIGIPTKEANAAGIKATKMALNMLEGQRMPMSKELETEMAVIKAETKCILDKMFELGKGDLAIGTVKAFE
TGVMDIPFGPSKYNAGKMMPVRDNLGCVRYLEFGNVPFTEEIKNYNRERLQERAKFEGRDVSFQMVIDDIFAVGKGRLIG
RPE
;
B,D
#
loop_
_chem_comp.id
_chem_comp.type
_chem_comp.name
_chem_comp.formula
CNC non-polymer CYANOCOBALAMIN 'C63 H89 Co N14 O14 P 2'
TAR non-polymer 'D(-)-TARTARIC ACID' 'C4 H6 O6'
#
# COMPACT_ATOMS: atom_id res chain seq x y z
N MET A 1 -36.17 -24.35 -11.09
CA MET A 1 -37.23 -24.10 -10.12
C MET A 1 -38.51 -23.60 -10.79
N GLU A 2 -39.63 -23.72 -10.09
CA GLU A 2 -40.93 -23.27 -10.59
C GLU A 2 -40.90 -21.75 -10.78
N LYS A 3 -41.55 -21.19 -11.78
CA LYS A 3 -41.48 -19.78 -12.13
C LYS A 3 -42.37 -18.86 -11.29
N LYS A 4 -41.76 -17.87 -10.65
CA LYS A 4 -42.24 -16.88 -9.72
C LYS A 4 -41.75 -15.46 -10.11
N THR A 5 -42.50 -14.45 -9.71
CA THR A 5 -42.25 -13.06 -10.07
C THR A 5 -41.75 -12.25 -8.89
N ILE A 6 -40.69 -11.48 -9.13
CA ILE A 6 -40.21 -10.52 -8.14
C ILE A 6 -40.12 -9.13 -8.77
N VAL A 7 -40.35 -8.12 -7.95
CA VAL A 7 -40.03 -6.73 -8.25
C VAL A 7 -38.64 -6.43 -7.65
N LEU A 8 -37.77 -5.81 -8.43
CA LEU A 8 -36.39 -5.49 -8.05
C LEU A 8 -36.13 -4.04 -8.39
N GLY A 9 -35.52 -3.32 -7.44
CA GLY A 9 -35.17 -1.93 -7.73
C GLY A 9 -34.24 -1.41 -6.64
N VAL A 10 -33.82 -0.15 -6.84
CA VAL A 10 -32.95 0.56 -5.91
C VAL A 10 -33.72 1.79 -5.46
N ILE A 11 -33.85 1.97 -4.15
CA ILE A 11 -34.84 2.90 -3.62
C ILE A 11 -34.32 4.30 -3.38
N GLY A 12 -35.23 5.28 -3.42
CA GLY A 12 -34.94 6.63 -2.99
C GLY A 12 -34.13 7.44 -4.01
N SER A 13 -33.14 8.19 -3.49
CA SER A 13 -32.34 9.03 -4.39
C SER A 13 -31.03 8.36 -4.77
N ASP A 14 -31.05 7.03 -4.71
CA ASP A 14 -29.88 6.17 -4.91
C ASP A 14 -29.76 5.79 -6.38
N CYS A 15 -28.60 6.09 -6.97
CA CYS A 15 -28.33 5.82 -8.37
C CYS A 15 -27.47 4.60 -8.60
N HIS A 16 -27.05 3.88 -7.58
CA HIS A 16 -26.13 2.76 -7.82
C HIS A 16 -26.80 1.70 -8.66
N ALA A 17 -26.21 1.29 -9.77
CA ALA A 17 -26.86 0.51 -10.79
C ALA A 17 -26.21 -0.82 -11.08
N VAL A 18 -24.93 -1.00 -10.70
CA VAL A 18 -24.25 -2.21 -11.18
C VAL A 18 -24.78 -3.46 -10.50
N GLY A 19 -25.01 -3.35 -9.17
CA GLY A 19 -25.54 -4.50 -8.45
C GLY A 19 -26.95 -4.87 -8.91
N ASN A 20 -27.70 -3.85 -9.28
CA ASN A 20 -29.04 -4.06 -9.84
C ASN A 20 -28.95 -4.93 -11.10
N LYS A 21 -28.01 -4.62 -11.99
CA LYS A 21 -27.83 -5.43 -13.19
C LYS A 21 -27.44 -6.86 -12.84
N ILE A 22 -26.54 -7.09 -11.88
CA ILE A 22 -26.11 -8.40 -11.47
C ILE A 22 -27.24 -9.18 -10.80
N LEU A 23 -27.99 -8.52 -9.93
CA LEU A 23 -29.13 -9.17 -9.30
C LEU A 23 -30.16 -9.62 -10.31
N ASP A 24 -30.46 -8.78 -11.28
CA ASP A 24 -31.42 -9.13 -12.34
C ASP A 24 -30.90 -10.36 -13.06
N HIS A 25 -29.64 -10.30 -13.49
CA HIS A 25 -29.04 -11.44 -14.18
C HIS A 25 -29.11 -12.74 -13.39
N ALA A 26 -28.76 -12.66 -12.12
CA ALA A 26 -28.67 -13.84 -11.28
C ALA A 26 -30.06 -14.40 -10.99
N PHE A 27 -31.03 -13.55 -10.63
CA PHE A 27 -32.35 -14.10 -10.29
C PHE A 27 -33.04 -14.58 -11.57
N THR A 28 -32.74 -13.92 -12.69
CA THR A 28 -33.31 -14.42 -13.96
C THR A 28 -32.76 -15.79 -14.32
N ASN A 29 -31.45 -15.94 -14.17
CA ASN A 29 -30.79 -17.23 -14.38
C ASN A 29 -31.31 -18.33 -13.48
N ALA A 30 -31.75 -17.96 -12.28
CA ALA A 30 -32.33 -18.91 -11.35
C ALA A 30 -33.76 -19.26 -11.69
N GLY A 31 -34.39 -18.60 -12.66
CA GLY A 31 -35.72 -18.94 -13.10
C GLY A 31 -36.84 -18.02 -12.66
N PHE A 32 -36.49 -16.91 -12.01
CA PHE A 32 -37.47 -15.90 -11.71
C PHE A 32 -37.75 -14.96 -12.87
N ASN A 33 -38.99 -14.48 -12.90
CA ASN A 33 -39.46 -13.38 -13.71
C ASN A 33 -39.11 -12.09 -12.95
N VAL A 34 -38.06 -11.42 -13.41
CA VAL A 34 -37.62 -10.25 -12.65
C VAL A 34 -38.21 -9.01 -13.29
N VAL A 35 -38.99 -8.27 -12.51
CA VAL A 35 -39.58 -7.00 -12.93
C VAL A 35 -38.70 -5.91 -12.33
N ASN A 36 -37.77 -5.44 -13.18
CA ASN A 36 -36.73 -4.54 -12.70
C ASN A 36 -37.11 -3.09 -12.94
N ILE A 37 -37.44 -2.38 -11.88
CA ILE A 37 -37.86 -0.99 -11.97
C ILE A 37 -36.68 -0.02 -11.89
N GLY A 38 -35.49 -0.57 -11.67
CA GLY A 38 -34.28 0.21 -11.72
C GLY A 38 -34.08 1.12 -10.53
N VAL A 39 -33.20 2.10 -10.77
CA VAL A 39 -32.69 2.96 -9.72
C VAL A 39 -33.59 4.17 -9.47
N LEU A 40 -33.27 4.88 -8.41
CA LEU A 40 -33.94 6.13 -8.09
C LEU A 40 -35.48 5.98 -8.03
N SER A 41 -35.90 4.84 -7.48
CA SER A 41 -37.28 4.44 -7.41
C SER A 41 -37.92 4.71 -6.04
N PRO A 42 -39.01 5.48 -6.01
CA PRO A 42 -39.74 5.63 -4.76
C PRO A 42 -40.58 4.39 -4.44
N GLN A 43 -40.99 4.29 -3.19
CA GLN A 43 -41.78 3.17 -2.72
C GLN A 43 -42.96 2.85 -3.64
N GLU A 44 -43.62 3.93 -4.07
CA GLU A 44 -44.82 3.74 -4.89
C GLU A 44 -44.54 2.96 -6.16
N LEU A 45 -43.35 3.10 -6.73
CA LEU A 45 -43.09 2.34 -7.95
C LEU A 45 -42.90 0.85 -7.74
N PHE A 46 -42.38 0.53 -6.57
CA PHE A 46 -42.23 -0.87 -6.19
C PHE A 46 -43.65 -1.47 -6.09
N ILE A 47 -44.53 -0.73 -5.43
CA ILE A 47 -45.89 -1.28 -5.21
C ILE A 47 -46.68 -1.34 -6.50
N LYS A 48 -46.60 -0.30 -7.33
CA LYS A 48 -47.28 -0.37 -8.62
C LYS A 48 -46.84 -1.55 -9.48
N ALA A 49 -45.53 -1.83 -9.54
CA ALA A 49 -45.01 -2.95 -10.27
C ALA A 49 -45.54 -4.26 -9.66
N ALA A 50 -45.58 -4.34 -8.34
CA ALA A 50 -45.98 -5.60 -7.73
C ALA A 50 -47.44 -5.91 -8.06
N ILE A 51 -48.24 -4.85 -8.08
CA ILE A 51 -49.65 -5.05 -8.39
C ILE A 51 -49.86 -5.47 -9.84
N GLU A 52 -49.21 -4.73 -10.75
CA GLU A 52 -49.40 -4.97 -12.18
C GLU A 52 -48.96 -6.37 -12.59
N THR A 53 -47.99 -6.92 -11.86
CA THR A 53 -47.39 -8.18 -12.26
C THR A 53 -47.64 -9.31 -11.30
N LYS A 54 -48.46 -9.05 -10.28
CA LYS A 54 -48.81 -10.11 -9.33
C LYS A 54 -47.57 -10.75 -8.72
N ALA A 55 -46.66 -9.89 -8.27
CA ALA A 55 -45.38 -10.34 -7.76
C ALA A 55 -45.53 -11.09 -6.44
N ASP A 56 -44.67 -12.05 -6.24
CA ASP A 56 -44.49 -12.92 -5.10
C ASP A 56 -43.59 -12.33 -4.03
N ALA A 57 -42.74 -11.40 -4.48
CA ALA A 57 -41.78 -10.77 -3.58
C ALA A 57 -41.35 -9.42 -4.15
N ILE A 58 -40.92 -8.55 -3.22
CA ILE A 58 -40.30 -7.28 -3.62
C ILE A 58 -38.92 -7.22 -2.99
N LEU A 59 -37.90 -7.07 -3.85
CA LEU A 59 -36.53 -7.02 -3.38
C LEU A 59 -36.06 -5.55 -3.52
N VAL A 60 -35.90 -4.92 -2.37
CA VAL A 60 -35.44 -3.56 -2.23
C VAL A 60 -33.93 -3.58 -2.01
N SER A 61 -33.23 -2.94 -2.97
CA SER A 61 -31.80 -2.71 -2.77
C SER A 61 -31.60 -1.26 -2.32
N SER A 62 -30.71 -1.10 -1.37
CA SER A 62 -30.33 0.22 -0.88
C SER A 62 -28.83 0.22 -0.60
N LEU A 63 -28.09 0.95 -1.42
CA LEU A 63 -26.65 1.01 -1.34
C LEU A 63 -26.09 2.29 -0.77
N TYR A 64 -26.72 3.43 -1.05
CA TYR A 64 -26.08 4.71 -0.80
C TYR A 64 -26.09 5.21 0.64
N GLY A 65 -26.78 4.49 1.54
CA GLY A 65 -26.68 4.78 2.94
C GLY A 65 -28.00 5.27 3.55
N GLN A 66 -28.88 5.88 2.78
CA GLN A 66 -30.10 6.49 3.33
C GLN A 66 -31.28 5.52 3.41
N GLY A 67 -30.99 4.22 3.49
CA GLY A 67 -32.03 3.20 3.53
C GLY A 67 -32.93 3.29 4.74
N GLU A 68 -32.36 3.70 5.86
CA GLU A 68 -33.14 3.79 7.08
C GLU A 68 -34.33 4.71 6.88
N ILE A 69 -34.07 5.86 6.24
CA ILE A 69 -35.18 6.76 5.95
C ILE A 69 -36.06 6.23 4.86
N ASP A 70 -35.39 5.74 3.78
CA ASP A 70 -36.11 5.45 2.57
C ASP A 70 -37.06 4.25 2.70
N CYS A 71 -36.67 3.31 3.54
CA CYS A 71 -37.34 2.02 3.63
C CYS A 71 -38.51 2.03 4.60
N LYS A 72 -38.53 3.02 5.47
CA LYS A 72 -39.62 3.10 6.45
C LYS A 72 -40.95 3.29 5.76
N GLY A 73 -41.95 2.52 6.18
CA GLY A 73 -43.30 2.68 5.72
C GLY A 73 -43.72 1.84 4.55
N LEU A 74 -42.80 1.05 3.99
CA LEU A 74 -43.17 0.31 2.80
C LEU A 74 -44.22 -0.77 3.08
N ARG A 75 -44.01 -1.48 4.19
CA ARG A 75 -44.90 -2.58 4.58
C ARG A 75 -46.33 -2.03 4.72
N GLN A 76 -46.46 -0.89 5.40
CA GLN A 76 -47.83 -0.35 5.52
C GLN A 76 -48.44 0.01 4.18
N LYS A 77 -47.66 0.63 3.29
CA LYS A 77 -48.19 0.96 1.98
C LYS A 77 -48.59 -0.29 1.22
N CYS A 78 -47.84 -1.38 1.42
CA CYS A 78 -48.17 -2.59 0.67
C CYS A 78 -49.52 -3.15 1.13
N ASP A 79 -49.68 -3.17 2.46
CA ASP A 79 -50.92 -3.64 3.07
C ASP A 79 -52.07 -2.80 2.52
N GLU A 80 -51.90 -1.48 2.57
CA GLU A 80 -52.97 -0.60 2.10
C GLU A 80 -53.29 -0.81 0.64
N ALA A 81 -52.29 -1.21 -0.13
CA ALA A 81 -52.48 -1.51 -1.54
C ALA A 81 -53.06 -2.90 -1.79
N GLY A 82 -53.24 -3.65 -0.71
CA GLY A 82 -53.77 -4.98 -0.77
C GLY A 82 -52.78 -6.10 -1.02
N LEU A 83 -51.51 -5.85 -0.80
CA LEU A 83 -50.43 -6.83 -0.94
C LEU A 83 -50.08 -7.50 0.37
N GLU A 84 -51.11 -7.69 1.20
CA GLU A 84 -50.84 -8.25 2.52
C GLU A 84 -50.09 -9.57 2.45
N GLY A 85 -49.09 -9.67 3.32
CA GLY A 85 -48.23 -10.83 3.41
C GLY A 85 -47.18 -10.96 2.33
N ILE A 86 -47.11 -10.01 1.38
CA ILE A 86 -46.10 -10.15 0.33
C ILE A 86 -44.70 -10.23 0.94
N LEU A 87 -43.76 -10.98 0.32
CA LEU A 87 -42.40 -11.01 0.85
C LEU A 87 -41.67 -9.69 0.57
N LEU A 88 -41.03 -9.16 1.57
CA LEU A 88 -40.25 -7.93 1.48
C LEU A 88 -38.84 -8.20 1.96
N TYR A 89 -37.88 -8.07 1.02
CA TYR A 89 -36.47 -8.25 1.30
C TYR A 89 -35.75 -6.91 1.15
N VAL A 90 -34.75 -6.65 1.97
CA VAL A 90 -33.93 -5.44 1.81
C VAL A 90 -32.46 -5.82 1.97
N GLY A 91 -31.59 -5.26 1.12
CA GLY A 91 -30.17 -5.54 1.18
C GLY A 91 -29.37 -4.47 0.47
N GLY A 92 -28.07 -4.67 0.48
CA GLY A 92 -27.08 -3.76 -0.04
C GLY A 92 -26.20 -3.23 1.07
N ASN A 93 -26.24 -1.93 1.25
CA ASN A 93 -25.53 -1.22 2.29
C ASN A 93 -26.55 -0.25 2.91
N ILE A 94 -27.40 -0.82 3.76
CA ILE A 94 -28.72 -0.26 4.01
C ILE A 94 -28.73 0.79 5.11
N VAL A 95 -27.68 0.98 5.87
CA VAL A 95 -27.48 2.01 6.85
C VAL A 95 -26.22 2.82 6.56
N VAL A 96 -26.11 3.95 7.25
CA VAL A 96 -24.92 4.79 7.14
C VAL A 96 -23.83 4.24 8.04
N GLY A 97 -22.78 3.73 7.42
CA GLY A 97 -21.57 3.31 8.08
C GLY A 97 -21.61 1.87 8.55
N LYS A 98 -20.45 1.43 9.02
CA LYS A 98 -20.28 0.14 9.70
C LYS A 98 -21.07 0.22 10.99
N GLN A 99 -21.94 -0.76 11.23
CA GLN A 99 -22.74 -0.81 12.45
C GLN A 99 -22.80 -2.25 12.93
N HIS A 100 -23.27 -2.43 14.17
CA HIS A 100 -23.48 -3.76 14.71
C HIS A 100 -24.63 -4.47 14.03
N TRP A 101 -24.32 -5.54 13.30
CA TRP A 101 -25.31 -6.10 12.40
C TRP A 101 -26.60 -6.55 13.09
N PRO A 102 -26.53 -7.24 14.22
CA PRO A 102 -27.82 -7.61 14.86
C PRO A 102 -28.71 -6.43 15.17
N ASP A 103 -28.19 -5.26 15.51
CA ASP A 103 -29.06 -4.11 15.69
C ASP A 103 -29.70 -3.70 14.37
N VAL A 104 -28.92 -3.75 13.30
CA VAL A 104 -29.48 -3.29 12.02
C VAL A 104 -30.57 -4.21 11.54
N GLU A 105 -30.34 -5.51 11.69
CA GLU A 105 -31.31 -6.51 11.26
C GLU A 105 -32.62 -6.36 12.00
N LYS A 106 -32.57 -6.18 13.33
CA LYS A 106 -33.82 -5.96 14.06
C LYS A 106 -34.54 -4.69 13.68
N ARG A 107 -33.79 -3.59 13.46
CA ARG A 107 -34.40 -2.34 13.02
C ARG A 107 -35.22 -2.49 11.75
N PHE A 108 -34.66 -3.17 10.74
CA PHE A 108 -35.42 -3.35 9.49
C PHE A 108 -36.50 -4.42 9.61
N LYS A 109 -36.28 -5.48 10.37
CA LYS A 109 -37.44 -6.37 10.62
C LYS A 109 -38.60 -5.67 11.33
N ASP A 110 -38.28 -4.87 12.34
CA ASP A 110 -39.28 -4.05 13.04
C ASP A 110 -39.98 -3.11 12.09
N MET A 111 -39.33 -2.64 11.01
CA MET A 111 -39.99 -1.86 9.98
C MET A 111 -40.90 -2.66 9.06
N GLY A 112 -40.89 -3.99 9.17
CA GLY A 112 -41.77 -4.80 8.34
C GLY A 112 -41.07 -5.61 7.25
N TYR A 113 -39.74 -5.65 7.24
CA TYR A 113 -39.03 -6.46 6.23
C TYR A 113 -38.93 -7.90 6.73
N ASP A 114 -39.13 -8.84 5.80
CA ASP A 114 -39.06 -10.27 6.10
C ASP A 114 -37.63 -10.76 6.23
N ARG A 115 -36.78 -10.31 5.27
CA ARG A 115 -35.35 -10.60 5.37
C ARG A 115 -34.53 -9.34 5.10
N VAL A 116 -33.43 -9.27 5.80
CA VAL A 116 -32.53 -8.12 5.86
C VAL A 116 -31.10 -8.60 5.60
N TYR A 117 -30.41 -8.03 4.61
CA TYR A 117 -29.10 -8.50 4.24
C TYR A 117 -27.99 -7.46 4.41
N ALA A 118 -26.86 -7.96 4.91
CA ALA A 118 -25.65 -7.17 5.17
C ALA A 118 -24.86 -6.84 3.91
N PRO A 119 -23.90 -5.93 3.98
CA PRO A 119 -23.02 -5.64 2.83
C PRO A 119 -22.39 -6.89 2.24
N GLY A 120 -22.27 -6.91 0.92
CA GLY A 120 -21.55 -7.92 0.16
C GLY A 120 -22.30 -9.24 0.13
N THR A 121 -23.62 -9.22 0.33
CA THR A 121 -24.39 -10.46 0.26
C THR A 121 -24.41 -11.00 -1.17
N PRO A 122 -24.02 -12.26 -1.35
CA PRO A 122 -24.12 -12.81 -2.72
C PRO A 122 -25.56 -12.98 -3.16
N PRO A 123 -25.86 -12.73 -4.44
CA PRO A 123 -27.18 -12.98 -4.99
C PRO A 123 -27.71 -14.39 -4.66
N GLU A 124 -26.81 -15.34 -4.65
CA GLU A 124 -27.11 -16.75 -4.42
C GLU A 124 -27.72 -16.95 -3.03
N VAL A 125 -27.35 -16.17 -2.03
CA VAL A 125 -27.97 -16.35 -0.70
C VAL A 125 -29.44 -15.97 -0.74
N GLY A 126 -29.71 -14.86 -1.42
CA GLY A 126 -31.05 -14.37 -1.59
C GLY A 126 -31.91 -15.30 -2.41
N ILE A 127 -31.30 -15.87 -3.45
CA ILE A 127 -32.00 -16.85 -4.29
C ILE A 127 -32.45 -18.05 -3.45
N ALA A 128 -31.56 -18.58 -2.64
CA ALA A 128 -31.86 -19.74 -1.80
C ALA A 128 -32.94 -19.41 -0.80
N ASP A 129 -32.80 -18.24 -0.17
CA ASP A 129 -33.79 -17.84 0.82
C ASP A 129 -35.18 -17.70 0.20
N LEU A 130 -35.21 -17.14 -1.02
CA LEU A 130 -36.51 -16.89 -1.63
C LEU A 130 -37.12 -18.21 -2.10
N LYS A 131 -36.28 -19.14 -2.58
CA LYS A 131 -36.88 -20.44 -2.92
C LYS A 131 -37.46 -21.07 -1.66
N LYS A 132 -36.70 -21.04 -0.58
CA LYS A 132 -37.18 -21.59 0.69
C LYS A 132 -38.49 -20.92 1.09
N ASP A 133 -38.49 -19.58 1.08
CA ASP A 133 -39.71 -18.87 1.54
C ASP A 133 -40.88 -19.12 0.60
N LEU A 134 -40.62 -19.42 -0.67
CA LEU A 134 -41.73 -19.68 -1.61
C LEU A 134 -42.04 -21.17 -1.74
N ASN A 135 -41.32 -22.01 -1.01
CA ASN A 135 -41.59 -23.44 -1.07
C ASN A 135 -41.35 -24.06 -2.44
N ILE A 136 -40.26 -23.61 -3.05
CA ILE A 136 -39.82 -24.11 -4.35
C ILE A 136 -38.35 -24.53 -4.35
N GLU A 137 -37.85 -24.79 -3.17
CA GLU A 137 -36.70 -25.57 -2.77
C GLU A 137 -35.91 -24.81 -1.71
N MET B 1 -33.94 28.00 -22.38
CA MET B 1 -32.75 28.46 -23.09
C MET B 1 -32.37 27.47 -24.19
N GLU B 2 -31.90 28.02 -25.29
CA GLU B 2 -31.34 27.15 -26.32
C GLU B 2 -29.89 26.82 -25.93
N LEU B 3 -29.51 25.61 -26.30
CA LEU B 3 -28.17 25.10 -26.00
C LEU B 3 -27.26 25.40 -27.16
N LYS B 4 -26.22 26.18 -26.86
CA LYS B 4 -25.15 26.45 -27.78
C LYS B 4 -23.87 26.57 -26.96
N ASN B 5 -22.75 26.23 -27.57
CA ASN B 5 -21.51 26.33 -26.87
C ASN B 5 -20.95 27.76 -26.99
N LYS B 6 -21.60 28.67 -26.27
CA LYS B 6 -21.28 30.08 -26.31
C LYS B 6 -21.46 30.72 -24.96
N LYS B 7 -20.51 31.52 -24.53
CA LYS B 7 -20.60 32.18 -23.23
C LYS B 7 -21.90 32.95 -23.09
N TRP B 8 -22.55 32.71 -21.95
CA TRP B 8 -23.77 33.44 -21.66
C TRP B 8 -23.48 34.93 -21.50
N THR B 9 -24.41 35.78 -22.00
CA THR B 9 -24.18 37.19 -21.72
C THR B 9 -24.49 37.48 -20.26
N ASP B 10 -24.00 38.62 -19.78
CA ASP B 10 -24.26 39.04 -18.40
C ASP B 10 -25.74 39.14 -18.10
N GLU B 11 -26.52 39.58 -19.09
CA GLU B 11 -27.94 39.75 -18.88
C GLU B 11 -28.69 38.44 -18.77
N GLU B 12 -28.48 37.45 -19.59
CA GLU B 12 -28.86 36.07 -19.68
C GLU B 12 -28.52 35.44 -18.33
N PHE B 13 -27.26 35.61 -17.91
CA PHE B 13 -26.90 34.93 -16.66
C PHE B 13 -27.65 35.51 -15.48
N HIS B 14 -27.76 36.83 -15.41
CA HIS B 14 -28.47 37.45 -14.30
C HIS B 14 -29.94 37.04 -14.23
N LYS B 15 -30.56 36.94 -15.41
CA LYS B 15 -31.96 36.52 -15.43
C LYS B 15 -32.09 35.11 -14.85
N GLN B 16 -31.14 34.23 -15.19
CA GLN B 16 -31.20 32.88 -14.65
C GLN B 16 -30.92 32.88 -13.16
N ARG B 17 -29.97 33.72 -12.74
CA ARG B 17 -29.71 33.86 -11.33
C ARG B 17 -30.94 34.18 -10.49
N GLU B 18 -31.71 35.13 -11.00
CA GLU B 18 -32.88 35.53 -10.20
C GLU B 18 -33.89 34.40 -10.04
N GLU B 19 -33.95 33.51 -11.00
CA GLU B 19 -34.84 32.35 -10.91
C GLU B 19 -34.28 31.32 -9.94
N VAL B 20 -32.98 31.06 -10.10
CA VAL B 20 -32.32 30.00 -9.32
C VAL B 20 -32.34 30.29 -7.84
N LEU B 21 -32.10 31.53 -7.42
CA LEU B 21 -32.03 31.87 -6.00
C LEU B 21 -33.35 31.71 -5.28
N GLN B 22 -34.44 31.66 -6.05
CA GLN B 22 -35.74 31.43 -5.45
C GLN B 22 -36.02 29.96 -5.14
N GLN B 23 -35.14 29.03 -5.50
CA GLN B 23 -35.51 27.61 -5.36
C GLN B 23 -35.46 27.09 -3.94
N TRP B 24 -34.85 27.81 -3.01
CA TRP B 24 -34.96 27.50 -1.59
C TRP B 24 -34.69 28.78 -0.82
N PRO B 25 -35.24 28.97 0.38
CA PRO B 25 -35.05 30.28 1.03
C PRO B 25 -33.65 30.67 1.38
N THR B 26 -32.72 29.73 1.46
CA THR B 26 -31.35 30.13 1.67
C THR B 26 -30.77 30.86 0.47
N GLY B 27 -31.41 30.86 -0.70
CA GLY B 27 -30.97 31.65 -1.85
C GLY B 27 -30.88 33.14 -1.51
N LYS B 28 -31.68 33.59 -0.55
CA LYS B 28 -31.68 34.99 -0.14
C LYS B 28 -30.41 35.39 0.55
N GLU B 29 -29.60 34.45 0.98
CA GLU B 29 -28.35 34.70 1.69
C GLU B 29 -27.22 35.03 0.69
N VAL B 30 -27.48 34.84 -0.60
CA VAL B 30 -26.46 35.00 -1.62
C VAL B 30 -26.47 36.43 -2.15
N ASP B 31 -25.39 37.16 -1.92
CA ASP B 31 -25.21 38.54 -2.39
C ASP B 31 -23.86 38.57 -3.11
N LEU B 32 -23.86 38.64 -4.43
CA LEU B 32 -22.63 38.50 -5.17
C LEU B 32 -21.59 39.57 -4.85
N GLN B 33 -22.07 40.80 -4.62
CA GLN B 33 -21.12 41.85 -4.23
C GLN B 33 -20.43 41.48 -2.91
N GLU B 34 -21.23 41.10 -1.91
CA GLU B 34 -20.65 40.80 -0.60
C GLU B 34 -19.79 39.55 -0.69
N ALA B 35 -20.24 38.58 -1.50
CA ALA B 35 -19.49 37.33 -1.63
C ALA B 35 -18.13 37.56 -2.28
N VAL B 36 -18.03 38.44 -3.26
CA VAL B 36 -16.72 38.73 -3.85
C VAL B 36 -15.78 39.22 -2.77
N ASP B 37 -16.25 40.12 -1.89
CA ASP B 37 -15.31 40.67 -0.91
C ASP B 37 -14.93 39.57 0.10
N TYR B 38 -15.89 38.77 0.53
CA TYR B 38 -15.64 37.63 1.40
C TYR B 38 -14.59 36.70 0.81
N LEU B 39 -14.77 36.29 -0.45
CA LEU B 39 -13.87 35.39 -1.16
C LEU B 39 -12.48 35.96 -1.28
N LYS B 40 -12.37 37.26 -1.57
CA LYS B 40 -11.04 37.84 -1.71
C LYS B 40 -10.31 37.94 -0.38
N LYS B 41 -10.99 37.90 0.76
CA LYS B 41 -10.34 37.92 2.05
C LYS B 41 -9.86 36.54 2.50
N ILE B 42 -10.22 35.51 1.74
CA ILE B 42 -9.71 34.18 2.13
C ILE B 42 -8.21 34.06 1.87
N PRO B 43 -7.44 33.57 2.84
CA PRO B 43 -6.00 33.46 2.61
C PRO B 43 -5.67 32.48 1.47
N ALA B 44 -4.60 32.68 0.73
CA ALA B 44 -4.24 31.79 -0.35
C ALA B 44 -4.18 30.33 0.05
N GLU B 45 -3.80 30.08 1.31
CA GLU B 45 -3.67 28.72 1.80
C GLU B 45 -4.99 27.97 1.87
N LYS B 46 -6.09 28.72 1.77
CA LYS B 46 -7.43 28.20 1.83
C LYS B 46 -8.18 28.41 0.50
N ASN B 47 -7.40 28.79 -0.51
CA ASN B 47 -7.95 28.90 -1.87
C ASN B 47 -7.52 27.71 -2.70
N PHE B 48 -8.49 26.95 -3.19
CA PHE B 48 -8.24 25.69 -3.84
C PHE B 48 -7.50 25.90 -5.13
N ALA B 49 -7.92 26.92 -5.92
CA ALA B 49 -7.23 27.19 -7.17
C ALA B 49 -5.76 27.53 -7.00
N GLU B 50 -5.49 28.37 -6.00
CA GLU B 50 -4.14 28.81 -5.73
C GLU B 50 -3.30 27.65 -5.19
N LYS B 51 -3.85 26.83 -4.33
CA LYS B 51 -3.05 25.70 -3.80
C LYS B 51 -2.75 24.68 -4.89
N LEU B 52 -3.66 24.53 -5.87
CA LEU B 52 -3.34 23.65 -7.00
C LEU B 52 -2.14 24.16 -7.81
N VAL B 53 -2.09 25.47 -8.00
CA VAL B 53 -0.94 26.07 -8.70
C VAL B 53 0.35 25.76 -7.97
N LEU B 54 0.28 25.85 -6.64
CA LEU B 54 1.44 25.56 -5.81
C LEU B 54 1.91 24.12 -5.93
N ALA B 55 0.92 23.23 -5.89
CA ALA B 55 1.24 21.82 -6.02
C ALA B 55 1.93 21.51 -7.35
N LYS B 56 1.46 22.14 -8.42
CA LYS B 56 2.11 21.96 -9.70
C LYS B 56 3.54 22.49 -9.72
N LYS B 57 3.68 23.68 -9.14
CA LYS B 57 4.95 24.36 -9.02
C LYS B 57 5.97 23.48 -8.30
N LYS B 58 5.51 22.80 -7.26
CA LYS B 58 6.39 21.96 -6.46
C LYS B 58 6.50 20.52 -6.88
N GLY B 59 5.68 20.06 -7.80
CA GLY B 59 5.74 18.70 -8.29
C GLY B 59 5.30 17.68 -7.25
N ILE B 60 4.37 18.10 -6.43
CA ILE B 60 3.71 17.43 -5.34
C ILE B 60 2.36 16.83 -5.75
N THR B 61 2.05 15.64 -5.28
CA THR B 61 0.68 15.13 -5.35
C THR B 61 -0.02 15.42 -4.02
N MET B 62 -1.14 16.11 -4.04
CA MET B 62 -1.94 16.39 -2.86
C MET B 62 -3.04 15.36 -2.61
N ALA B 63 -3.26 14.98 -1.34
CA ALA B 63 -4.32 14.04 -1.00
C ALA B 63 -5.60 14.68 -0.48
N GLN B 64 -6.74 14.17 -0.93
CA GLN B 64 -8.05 14.67 -0.57
C GLN B 64 -9.01 13.52 -0.31
N PRO B 65 -9.67 13.47 0.85
CA PRO B 65 -10.70 12.44 1.09
C PRO B 65 -12.07 12.83 0.57
N ARG B 66 -13.03 11.93 0.77
CA ARG B 66 -14.46 12.13 0.68
C ARG B 66 -15.02 12.16 2.10
N ALA B 67 -15.94 13.07 2.41
CA ALA B 67 -16.44 13.15 3.77
C ALA B 67 -17.65 14.09 3.86
N GLY B 68 -18.67 13.67 4.61
CA GLY B 68 -19.80 14.55 4.91
C GLY B 68 -20.87 13.90 5.76
N VAL B 69 -21.45 14.70 6.68
CA VAL B 69 -22.56 14.26 7.52
C VAL B 69 -23.63 15.34 7.58
N ALA B 70 -24.78 14.96 8.12
CA ALA B 70 -25.94 15.84 8.05
C ALA B 70 -25.80 17.11 8.87
N LEU B 71 -25.18 17.07 10.02
CA LEU B 71 -25.26 18.19 10.94
C LEU B 71 -23.98 18.98 10.92
N LEU B 72 -24.19 20.29 11.07
CA LEU B 72 -23.13 21.26 10.87
C LEU B 72 -21.97 21.06 11.83
N ASP B 73 -22.23 21.03 13.15
CA ASP B 73 -21.10 20.89 14.08
C ASP B 73 -20.38 19.55 13.93
N GLU B 74 -21.12 18.50 13.67
CA GLU B 74 -20.57 17.16 13.46
C GLU B 74 -19.73 17.15 12.17
N HIS B 75 -20.23 17.84 11.16
CA HIS B 75 -19.47 17.90 9.90
C HIS B 75 -18.14 18.62 10.09
N ILE B 76 -18.19 19.72 10.85
CA ILE B 76 -16.98 20.47 11.15
C ILE B 76 -15.95 19.67 11.95
N GLU B 77 -16.40 18.93 12.93
CA GLU B 77 -15.50 18.12 13.77
C GLU B 77 -14.83 17.03 12.92
N LEU B 78 -15.66 16.47 12.03
CA LEU B 78 -15.15 15.47 11.08
C LEU B 78 -14.04 16.05 10.23
N LEU B 79 -14.29 17.18 9.56
CA LEU B 79 -13.29 17.74 8.68
C LEU B 79 -12.02 18.14 9.40
N ARG B 80 -12.16 18.69 10.62
CA ARG B 80 -11.00 19.07 11.41
C ARG B 80 -10.16 17.84 11.75
N TYR B 81 -10.86 16.72 11.98
CA TYR B 81 -10.09 15.51 12.26
C TYR B 81 -9.32 15.03 11.04
N LEU B 82 -9.96 15.04 9.86
CA LEU B 82 -9.27 14.68 8.62
C LEU B 82 -8.09 15.61 8.35
N GLN B 83 -8.26 16.89 8.69
CA GLN B 83 -7.17 17.85 8.57
C GLN B 83 -6.03 17.55 9.53
N ASP B 84 -6.39 17.39 10.80
CA ASP B 84 -5.35 17.38 11.81
C ASP B 84 -4.81 15.99 12.02
N GLU B 85 -5.64 15.00 12.26
CA GLU B 85 -5.18 13.64 12.45
C GLU B 85 -4.87 12.94 11.13
N GLY B 86 -5.64 13.23 10.06
CA GLY B 86 -5.36 12.57 8.80
C GLY B 86 -4.23 13.19 8.01
N GLY B 87 -4.00 14.51 8.14
CA GLY B 87 -3.04 15.25 7.37
C GLY B 87 -3.50 15.54 5.93
N ALA B 88 -4.82 15.67 5.73
CA ALA B 88 -5.32 15.99 4.40
C ALA B 88 -4.71 17.27 3.86
N ASP B 89 -4.60 17.32 2.52
CA ASP B 89 -4.10 18.52 1.87
C ASP B 89 -5.21 19.43 1.35
N PHE B 90 -6.35 18.83 1.06
CA PHE B 90 -7.57 19.52 0.62
C PHE B 90 -8.75 18.93 1.34
N LEU B 91 -9.81 19.67 1.62
CA LEU B 91 -10.97 19.12 2.24
C LEU B 91 -12.15 19.11 1.27
N PRO B 92 -12.89 18.01 1.35
CA PRO B 92 -14.17 17.95 0.64
C PRO B 92 -15.29 18.46 1.52
N SER B 93 -16.47 18.60 0.94
CA SER B 93 -17.72 18.38 1.65
C SER B 93 -18.60 17.62 0.67
N THR B 94 -18.76 16.33 0.97
CA THR B 94 -19.57 15.44 0.18
C THR B 94 -21.02 15.74 0.47
N ILE B 95 -21.76 16.09 -0.57
CA ILE B 95 -23.16 16.52 -0.44
C ILE B 95 -24.08 15.33 -0.46
N ASP B 96 -25.13 15.34 0.40
CA ASP B 96 -26.04 14.19 0.42
C ASP B 96 -26.85 14.03 -0.86
N ALA B 97 -27.38 12.82 -1.03
CA ALA B 97 -28.04 12.48 -2.27
C ALA B 97 -29.43 13.10 -2.44
N TYR B 98 -30.08 13.53 -1.36
CA TYR B 98 -31.37 14.23 -1.55
C TYR B 98 -31.11 15.61 -2.19
N THR B 99 -30.08 16.31 -1.69
CA THR B 99 -29.69 17.60 -2.27
C THR B 99 -29.45 17.47 -3.76
N ARG B 100 -28.86 16.31 -4.11
CA ARG B 100 -28.51 16.08 -5.52
C ARG B 100 -29.71 15.98 -6.45
N GLN B 101 -30.89 15.68 -5.91
CA GLN B 101 -32.12 15.70 -6.72
C GLN B 101 -32.97 16.92 -6.35
N ASN B 102 -32.34 17.90 -5.69
CA ASN B 102 -33.02 19.13 -5.32
C ASN B 102 -34.19 18.88 -4.38
N ARG B 103 -34.13 17.86 -3.56
CA ARG B 103 -35.18 17.51 -2.60
C ARG B 103 -34.85 17.99 -1.20
N TYR B 104 -34.85 19.33 -1.04
CA TYR B 104 -34.46 19.98 0.21
C TYR B 104 -35.46 19.70 1.34
N ASP B 105 -36.69 19.33 0.95
CA ASP B 105 -37.64 18.84 1.93
C ASP B 105 -37.13 17.59 2.63
N GLU B 106 -36.61 16.64 1.82
CA GLU B 106 -36.06 15.41 2.40
C GLU B 106 -34.76 15.68 3.15
N CYS B 107 -33.95 16.63 2.70
CA CYS B 107 -32.79 17.06 3.46
C CYS B 107 -33.19 17.54 4.86
N GLU B 108 -34.25 18.39 4.87
CA GLU B 108 -34.66 18.95 6.17
C GLU B 108 -35.14 17.86 7.11
N ASN B 109 -35.96 16.94 6.61
CA ASN B 109 -36.36 15.81 7.46
C ASN B 109 -35.16 15.02 7.94
N GLY B 110 -34.18 14.84 7.05
CA GLY B 110 -32.99 14.07 7.42
C GLY B 110 -32.16 14.73 8.50
N ILE B 111 -32.12 16.06 8.48
CA ILE B 111 -31.39 16.83 9.49
C ILE B 111 -32.08 16.62 10.83
N LYS B 112 -33.41 16.76 10.83
CA LYS B 112 -34.13 16.59 12.10
C LYS B 112 -33.98 15.18 12.65
N GLU B 113 -34.10 14.19 11.75
CA GLU B 113 -33.99 12.80 12.22
C GLU B 113 -32.59 12.47 12.69
N SER B 114 -31.59 13.09 12.08
CA SER B 114 -30.21 12.88 12.46
C SER B 114 -29.96 13.45 13.86
N GLU B 115 -30.55 14.60 14.12
CA GLU B 115 -30.48 15.25 15.43
C GLU B 115 -31.07 14.33 16.48
N LYS B 116 -32.26 13.84 16.20
CA LYS B 116 -32.95 12.95 17.13
C LYS B 116 -32.23 11.64 17.36
N ALA B 117 -31.66 11.01 16.32
CA ALA B 117 -30.98 9.72 16.47
C ALA B 117 -29.57 9.82 17.02
N GLY B 118 -28.95 11.00 17.05
CA GLY B 118 -27.57 11.11 17.49
C GLY B 118 -26.56 10.58 16.48
N ARG B 119 -26.99 10.49 15.21
CA ARG B 119 -26.06 10.02 14.20
C ARG B 119 -26.59 10.45 12.83
N SER B 120 -25.70 10.45 11.84
CA SER B 120 -26.14 10.95 10.54
C SER B 120 -26.97 9.92 9.79
N LEU B 121 -28.18 10.33 9.40
CA LEU B 121 -29.03 9.50 8.56
C LEU B 121 -28.95 9.92 7.10
N LEU B 122 -28.22 10.98 6.85
CA LEU B 122 -27.88 11.39 5.49
C LEU B 122 -26.48 10.91 5.12
N ASN B 123 -26.29 10.68 3.81
CA ASN B 123 -24.99 10.25 3.32
C ASN B 123 -24.10 11.40 2.87
N GLY B 124 -24.38 12.61 3.35
CA GLY B 124 -23.56 13.79 3.05
C GLY B 124 -24.12 15.02 3.78
N PHE B 125 -23.52 16.14 3.44
CA PHE B 125 -23.79 17.46 4.00
C PHE B 125 -24.81 18.22 3.16
N PRO B 126 -25.97 18.56 3.73
CA PRO B 126 -26.99 19.26 2.94
C PRO B 126 -26.70 20.75 2.85
N GLY B 127 -25.83 21.04 1.89
CA GLY B 127 -25.33 22.38 1.70
C GLY B 127 -26.35 23.46 1.44
N VAL B 128 -27.37 23.15 0.65
CA VAL B 128 -28.39 24.17 0.33
C VAL B 128 -29.16 24.49 1.59
N ASN B 129 -29.51 23.49 2.38
CA ASN B 129 -30.30 23.70 3.59
C ASN B 129 -29.49 24.45 4.64
N PHE B 130 -28.20 24.14 4.77
CA PHE B 130 -27.34 24.88 5.66
C PHE B 130 -27.03 26.29 5.18
N GLY B 131 -27.15 26.59 3.90
CA GLY B 131 -27.03 27.93 3.41
C GLY B 131 -25.64 28.48 3.41
N VAL B 132 -25.57 29.75 2.96
CA VAL B 132 -24.28 30.44 2.97
C VAL B 132 -23.73 30.52 4.40
N LYS B 133 -24.61 30.79 5.37
CA LYS B 133 -24.12 30.93 6.75
C LYS B 133 -23.45 29.65 7.24
N GLY B 134 -24.11 28.50 6.98
CA GLY B 134 -23.55 27.23 7.44
C GLY B 134 -22.26 26.89 6.70
N CYS B 135 -22.28 27.10 5.38
CA CYS B 135 -21.08 26.83 4.57
C CYS B 135 -19.90 27.68 5.02
N ARG B 136 -20.12 28.95 5.38
CA ARG B 136 -19.06 29.79 5.90
C ARG B 136 -18.52 29.29 7.24
N LYS B 137 -19.43 28.78 8.09
CA LYS B 137 -18.97 28.24 9.37
C LYS B 137 -17.98 27.10 9.13
N VAL B 138 -18.29 26.28 8.10
CA VAL B 138 -17.33 25.20 7.83
C VAL B 138 -16.00 25.76 7.41
N LEU B 139 -16.01 26.67 6.43
CA LEU B 139 -14.76 27.22 5.95
C LEU B 139 -13.95 27.89 7.08
N GLU B 140 -14.63 28.65 7.93
CA GLU B 140 -13.97 29.39 9.00
C GLU B 140 -13.38 28.46 10.04
N ALA B 141 -13.94 27.26 10.18
CA ALA B 141 -13.48 26.31 11.17
C ALA B 141 -12.29 25.49 10.71
N VAL B 142 -11.98 25.50 9.41
CA VAL B 142 -10.87 24.67 8.96
C VAL B 142 -9.74 25.53 8.43
N ASN B 143 -8.61 24.93 8.05
CA ASN B 143 -7.45 25.67 7.60
C ASN B 143 -6.91 25.22 6.25
N LEU B 144 -7.77 24.58 5.48
CA LEU B 144 -7.48 24.07 4.15
C LEU B 144 -8.54 24.53 3.16
N PRO B 145 -8.26 24.49 1.87
CA PRO B 145 -9.30 24.84 0.88
C PRO B 145 -10.43 23.82 0.89
N LEU B 146 -11.64 24.29 0.59
CA LEU B 146 -12.84 23.47 0.59
C LEU B 146 -13.48 23.35 -0.79
N GLN B 147 -13.93 22.12 -1.10
CA GLN B 147 -14.56 21.81 -2.37
C GLN B 147 -15.84 21.01 -2.21
N ALA B 148 -16.90 21.41 -2.92
CA ALA B 148 -18.10 20.58 -2.96
C ALA B 148 -17.87 19.38 -3.88
N ARG B 149 -18.11 18.19 -3.35
CA ARG B 149 -17.99 16.94 -4.12
C ARG B 149 -19.36 16.27 -4.05
N HIS B 150 -19.93 15.90 -5.19
CA HIS B 150 -21.35 15.46 -5.18
C HIS B 150 -21.73 14.66 -6.40
N GLY B 151 -22.84 14.92 -7.08
CA GLY B 151 -23.32 14.14 -8.23
C GLY B 151 -24.70 14.68 -8.58
N THR B 152 -24.72 15.92 -9.07
CA THR B 152 -25.96 16.69 -9.14
C THR B 152 -26.24 17.20 -10.55
N PRO B 153 -27.26 16.69 -11.24
CA PRO B 153 -27.60 17.23 -12.56
C PRO B 153 -27.92 18.73 -12.59
N ASP B 154 -28.69 19.21 -11.63
CA ASP B 154 -29.04 20.62 -11.47
C ASP B 154 -28.45 21.14 -10.17
N SER B 155 -27.22 21.66 -10.31
CA SER B 155 -26.41 22.15 -9.23
C SER B 155 -26.32 23.67 -9.12
N ARG B 156 -27.22 24.40 -9.82
CA ARG B 156 -27.10 25.86 -9.91
C ARG B 156 -27.20 26.51 -8.56
N LEU B 157 -28.25 26.19 -7.77
CA LEU B 157 -28.36 26.83 -6.46
C LEU B 157 -27.29 26.37 -5.49
N LEU B 158 -26.96 25.08 -5.51
CA LEU B 158 -25.86 24.57 -4.69
C LEU B 158 -24.57 25.33 -4.97
N ALA B 159 -24.25 25.57 -6.24
CA ALA B 159 -23.07 26.33 -6.63
C ALA B 159 -23.11 27.74 -6.08
N GLU B 160 -24.26 28.41 -6.23
CA GLU B 160 -24.36 29.76 -5.67
C GLU B 160 -24.04 29.78 -4.17
N ILE B 161 -24.64 28.84 -3.46
CA ILE B 161 -24.47 28.85 -1.99
C ILE B 161 -23.06 28.46 -1.57
N ILE B 162 -22.48 27.40 -2.17
CA ILE B 162 -21.15 26.98 -1.69
C ILE B 162 -20.07 27.99 -2.08
N HIS B 163 -20.19 28.62 -3.25
CA HIS B 163 -19.17 29.64 -3.59
C HIS B 163 -19.35 30.88 -2.74
N ALA B 164 -20.57 31.33 -2.51
CA ALA B 164 -20.73 32.48 -1.60
C ALA B 164 -20.31 32.10 -0.17
N GLY B 165 -20.36 30.81 0.10
CA GLY B 165 -19.90 30.18 1.31
C GLY B 165 -18.40 30.10 1.46
N GLY B 166 -17.63 30.56 0.49
CA GLY B 166 -16.20 30.52 0.53
C GLY B 166 -15.55 29.21 0.13
N TRP B 167 -16.33 28.32 -0.47
CA TRP B 167 -15.78 27.08 -1.00
C TRP B 167 -15.30 27.39 -2.43
N THR B 168 -14.01 27.15 -2.63
CA THR B 168 -13.29 27.64 -3.79
C THR B 168 -13.04 26.58 -4.85
N SER B 169 -13.83 25.51 -4.81
CA SER B 169 -13.87 24.56 -5.88
C SER B 169 -15.25 23.90 -5.90
N ASN B 170 -15.69 23.60 -7.11
CA ASN B 170 -16.91 22.82 -7.33
C ASN B 170 -16.60 21.71 -8.33
N GLU B 171 -16.88 20.48 -7.92
CA GLU B 171 -16.76 19.30 -8.75
C GLU B 171 -18.00 19.14 -9.65
N GLY B 172 -17.84 18.58 -10.82
CA GLY B 172 -18.92 18.15 -11.68
C GLY B 172 -18.86 18.65 -13.12
N GLY B 173 -19.88 18.27 -13.89
CA GLY B 173 -20.07 18.65 -15.27
C GLY B 173 -21.38 18.12 -15.81
N GLY B 174 -21.76 18.60 -16.99
CA GLY B 174 -23.09 18.29 -17.50
C GLY B 174 -23.20 16.87 -18.01
N ILE B 175 -22.09 16.21 -18.27
CA ILE B 175 -22.15 14.78 -18.58
C ILE B 175 -21.90 13.92 -17.33
N SER B 176 -20.79 14.20 -16.66
CA SER B 176 -20.32 13.37 -15.55
C SER B 176 -21.19 13.50 -14.29
N TYR B 177 -21.94 14.59 -14.09
CA TYR B 177 -22.91 14.62 -13.00
C TYR B 177 -24.34 14.44 -13.50
N ASN B 178 -24.48 13.85 -14.67
CA ASN B 178 -25.76 13.35 -15.16
C ASN B 178 -25.69 11.83 -15.32
N VAL B 179 -25.01 11.34 -16.32
CA VAL B 179 -25.15 9.94 -16.72
C VAL B 179 -24.88 8.96 -15.61
N PRO B 180 -23.87 9.09 -14.74
CA PRO B 180 -23.68 8.13 -13.66
C PRO B 180 -24.71 8.27 -12.52
N TYR B 181 -25.48 9.36 -12.47
CA TYR B 181 -26.21 9.76 -11.27
C TYR B 181 -27.73 9.89 -11.44
N ALA B 182 -28.21 9.87 -12.66
CA ALA B 182 -29.59 10.17 -12.96
C ALA B 182 -30.16 9.23 -14.00
N LYS B 183 -31.49 9.03 -13.93
CA LYS B 183 -32.12 8.20 -14.95
C LYS B 183 -32.91 9.01 -15.99
N ASN B 184 -33.46 10.15 -15.61
CA ASN B 184 -34.43 10.85 -16.41
C ASN B 184 -34.08 12.30 -16.72
N VAL B 185 -32.83 12.73 -16.67
CA VAL B 185 -32.49 14.13 -17.01
C VAL B 185 -31.91 14.18 -18.39
N THR B 186 -32.39 15.02 -19.32
CA THR B 186 -31.80 15.00 -20.66
C THR B 186 -30.39 15.57 -20.60
N ILE B 187 -29.58 15.16 -21.57
CA ILE B 187 -28.21 15.66 -21.69
C ILE B 187 -28.25 17.15 -21.94
N GLU B 188 -29.23 17.59 -22.75
CA GLU B 188 -29.28 19.03 -23.03
C GLU B 188 -29.47 19.90 -21.81
N LYS B 189 -30.32 19.55 -20.90
CA LYS B 189 -30.76 20.16 -19.67
C LYS B 189 -29.57 20.15 -18.71
N SER B 190 -28.93 19.00 -18.52
CA SER B 190 -27.79 19.02 -17.60
C SER B 190 -26.63 19.84 -18.21
N LEU B 191 -26.41 19.85 -19.51
CA LEU B 191 -25.40 20.74 -20.10
C LEU B 191 -25.74 22.21 -19.86
N LEU B 192 -27.00 22.60 -20.07
CA LEU B 192 -27.42 23.98 -19.79
C LEU B 192 -27.22 24.38 -18.33
N ASP B 193 -27.58 23.46 -17.41
CA ASP B 193 -27.51 23.82 -16.00
C ASP B 193 -26.05 23.84 -15.57
N TRP B 194 -25.19 23.02 -16.17
CA TRP B 194 -23.77 23.10 -15.84
C TRP B 194 -23.12 24.30 -16.54
N GLN B 195 -23.65 24.77 -17.68
CA GLN B 195 -23.17 26.07 -18.18
C GLN B 195 -23.37 27.17 -17.16
N TYR B 196 -24.50 27.13 -16.44
CA TYR B 196 -24.72 28.10 -15.35
C TYR B 196 -23.56 27.99 -14.34
N CYS B 197 -23.32 26.76 -13.87
CA CYS B 197 -22.31 26.59 -12.83
C CYS B 197 -20.93 27.08 -13.28
N ASP B 198 -20.54 26.81 -14.52
CA ASP B 198 -19.31 27.30 -15.14
C ASP B 198 -19.34 28.81 -15.29
N ARG B 199 -20.49 29.34 -15.71
CA ARG B 199 -20.61 30.80 -15.91
C ARG B 199 -20.51 31.59 -14.61
N LEU B 200 -20.96 30.99 -13.51
CA LEU B 200 -20.82 31.62 -12.20
C LEU B 200 -19.36 31.72 -11.82
N VAL B 201 -18.62 30.64 -12.06
CA VAL B 201 -17.17 30.71 -11.84
C VAL B 201 -16.56 31.73 -12.81
N GLY B 202 -17.05 31.78 -14.05
CA GLY B 202 -16.58 32.78 -15.02
C GLY B 202 -16.81 34.19 -14.48
N PHE B 203 -17.99 34.47 -13.92
CA PHE B 203 -18.25 35.77 -13.29
C PHE B 203 -17.20 36.06 -12.22
N TYR B 204 -16.98 35.10 -11.31
CA TYR B 204 -16.07 35.32 -10.18
C TYR B 204 -14.66 35.59 -10.70
N GLU B 205 -14.23 34.87 -11.73
CA GLU B 205 -12.88 35.08 -12.28
C GLU B 205 -12.77 36.50 -12.87
N GLU B 206 -13.88 36.96 -13.45
CA GLU B 206 -13.87 38.30 -14.02
C GLU B 206 -13.70 39.36 -12.93
N GLN B 207 -14.08 39.08 -11.71
CA GLN B 207 -13.88 39.99 -10.60
C GLN B 207 -12.52 39.73 -9.91
N GLY B 208 -11.72 38.80 -10.40
CA GLY B 208 -10.41 38.56 -9.76
C GLY B 208 -10.48 37.50 -8.68
N VAL B 209 -11.54 36.69 -8.62
CA VAL B 209 -11.65 35.62 -7.62
C VAL B 209 -11.42 34.27 -8.33
N HIS B 210 -10.45 33.51 -7.83
CA HIS B 210 -10.03 32.26 -8.47
C HIS B 210 -10.73 31.09 -7.81
N ILE B 211 -11.45 30.33 -8.63
CA ILE B 211 -12.25 29.20 -8.20
C ILE B 211 -12.03 28.03 -9.16
N ASN B 212 -11.70 26.87 -8.56
CA ASN B 212 -11.39 25.68 -9.38
C ASN B 212 -12.67 24.93 -9.79
N ARG B 213 -12.61 24.29 -10.94
CA ARG B 213 -13.66 23.37 -11.38
C ARG B 213 -13.06 22.01 -11.74
N GLU B 214 -13.71 20.93 -11.32
CA GLU B 214 -13.25 19.58 -11.50
C GLU B 214 -14.29 18.71 -12.16
N PRO B 215 -14.25 18.51 -13.49
CA PRO B 215 -15.06 17.48 -14.13
C PRO B 215 -14.82 16.16 -13.39
N PHE B 216 -15.80 15.36 -13.13
CA PHE B 216 -15.81 14.06 -12.49
C PHE B 216 -15.38 12.91 -13.40
N GLY B 217 -14.10 12.55 -13.37
CA GLY B 217 -13.58 11.57 -14.29
C GLY B 217 -14.09 10.16 -14.21
N PRO B 218 -14.13 9.56 -13.02
CA PRO B 218 -14.51 8.14 -12.91
C PRO B 218 -15.88 7.73 -13.41
N LEU B 219 -16.84 8.63 -13.53
CA LEU B 219 -18.19 8.30 -14.02
C LEU B 219 -18.78 7.16 -13.21
N THR B 220 -19.15 6.01 -13.78
CA THR B 220 -19.77 4.95 -13.01
C THR B 220 -18.76 4.14 -12.18
N GLY B 221 -17.47 4.45 -12.24
CA GLY B 221 -16.47 3.73 -11.46
C GLY B 221 -16.24 2.31 -11.89
N THR B 222 -16.81 1.87 -13.00
CA THR B 222 -16.88 0.46 -13.35
C THR B 222 -16.38 0.19 -14.77
N LEU B 223 -15.09 -0.16 -14.83
CA LEU B 223 -14.39 -0.56 -16.04
C LEU B 223 -14.59 0.43 -17.18
N VAL B 224 -14.42 1.72 -16.89
CA VAL B 224 -14.59 2.74 -17.94
C VAL B 224 -13.34 2.85 -18.81
N PRO B 225 -13.36 2.56 -20.11
CA PRO B 225 -12.12 2.67 -20.89
C PRO B 225 -11.54 4.09 -20.86
N PRO B 226 -10.23 4.21 -20.71
CA PRO B 226 -9.60 5.54 -20.68
C PRO B 226 -10.02 6.49 -21.78
N SER B 227 -10.13 6.04 -23.01
CA SER B 227 -10.47 6.98 -24.07
C SER B 227 -11.89 7.53 -23.93
N MET B 228 -12.82 6.75 -23.39
CA MET B 228 -14.18 7.28 -23.22
C MET B 228 -14.24 8.24 -22.06
N SER B 229 -13.59 7.87 -20.94
CA SER B 229 -13.48 8.74 -19.78
C SER B 229 -12.85 10.07 -20.13
N ASN B 230 -11.75 10.04 -20.89
CA ASN B 230 -10.97 11.22 -21.25
C ASN B 230 -11.75 12.09 -22.24
N ALA B 231 -12.49 11.47 -23.16
CA ALA B 231 -13.33 12.24 -24.04
C ALA B 231 -14.33 13.07 -23.22
N VAL B 232 -14.91 12.50 -22.18
CA VAL B 232 -15.86 13.24 -21.35
C VAL B 232 -15.17 14.41 -20.65
N GLY B 233 -13.99 14.15 -20.04
CA GLY B 233 -13.28 15.20 -19.30
C GLY B 233 -12.82 16.35 -20.17
N ILE B 234 -12.30 16.03 -21.35
CA ILE B 234 -11.88 17.08 -22.29
C ILE B 234 -13.08 17.92 -22.70
N THR B 235 -14.18 17.23 -22.97
CA THR B 235 -15.38 17.96 -23.38
C THR B 235 -15.82 18.92 -22.27
N GLU B 236 -15.89 18.41 -21.03
CA GLU B 236 -16.36 19.26 -19.92
C GLU B 236 -15.40 20.43 -19.68
N ALA B 237 -14.11 20.20 -19.85
CA ALA B 237 -13.14 21.28 -19.73
C ALA B 237 -13.37 22.36 -20.78
N LEU B 238 -13.57 21.94 -22.04
CA LEU B 238 -13.86 22.88 -23.10
C LEU B 238 -15.14 23.66 -22.85
N LEU B 239 -16.20 22.95 -22.42
CA LEU B 239 -17.47 23.64 -22.17
C LEU B 239 -17.36 24.62 -21.00
N ALA B 240 -16.56 24.27 -19.99
CA ALA B 240 -16.31 25.18 -18.89
C ALA B 240 -15.49 26.39 -19.31
N ALA B 241 -14.44 26.19 -20.08
CA ALA B 241 -13.59 27.31 -20.52
C ALA B 241 -14.42 28.33 -21.29
N GLU B 242 -15.40 27.86 -22.07
CA GLU B 242 -16.21 28.81 -22.85
C GLU B 242 -17.00 29.78 -22.00
N GLN B 243 -17.40 29.32 -20.81
CA GLN B 243 -18.16 30.16 -19.90
C GLN B 243 -17.25 31.01 -19.01
N GLY B 244 -15.91 30.90 -19.21
CA GLY B 244 -15.01 31.77 -18.45
C GLY B 244 -14.20 31.12 -17.36
N VAL B 245 -14.29 29.80 -17.22
CA VAL B 245 -13.51 29.10 -16.22
C VAL B 245 -12.03 29.09 -16.57
N LYS B 246 -11.17 29.35 -15.59
CA LYS B 246 -9.74 29.49 -15.82
C LYS B 246 -8.87 28.50 -15.05
N ASN B 247 -9.42 27.76 -14.08
CA ASN B 247 -8.63 26.81 -13.30
C ASN B 247 -9.42 25.50 -13.26
N ILE B 248 -8.93 24.50 -13.95
CA ILE B 248 -9.62 23.23 -14.17
C ILE B 248 -8.75 22.03 -13.81
N THR B 249 -9.31 21.13 -13.00
CA THR B 249 -8.69 19.85 -12.70
C THR B 249 -9.47 18.77 -13.44
N VAL B 250 -8.79 18.13 -14.40
CA VAL B 250 -9.42 17.01 -15.10
C VAL B 250 -9.05 15.72 -14.37
N GLY B 251 -10.00 14.77 -14.34
CA GLY B 251 -9.84 13.58 -13.57
C GLY B 251 -9.96 12.26 -14.33
N TYR B 252 -9.45 11.24 -13.63
CA TYR B 252 -9.41 9.89 -14.15
C TYR B 252 -9.56 8.88 -13.02
N GLY B 253 -10.38 7.86 -13.25
CA GLY B 253 -10.46 6.78 -12.25
C GLY B 253 -9.56 5.62 -12.60
N GLU B 254 -8.81 5.15 -11.61
CA GLU B 254 -7.93 4.00 -11.79
C GLU B 254 -8.60 2.81 -12.45
N CYS B 255 -7.92 2.24 -13.45
CA CYS B 255 -8.33 0.94 -13.98
C CYS B 255 -7.44 -0.18 -13.43
N GLY B 256 -6.19 0.05 -13.08
CA GLY B 256 -5.43 -0.91 -12.29
C GLY B 256 -4.13 -1.35 -12.92
N ASN B 257 -4.09 -1.32 -14.26
CA ASN B 257 -2.83 -1.56 -14.96
C ASN B 257 -2.03 -0.25 -14.92
N MET B 258 -0.88 -0.27 -14.26
CA MET B 258 -0.10 0.94 -14.02
C MET B 258 0.25 1.68 -15.30
N ILE B 259 0.76 0.99 -16.31
CA ILE B 259 1.05 1.70 -17.56
C ILE B 259 -0.21 2.22 -18.21
N GLN B 260 -1.31 1.48 -18.24
CA GLN B 260 -2.53 2.08 -18.84
C GLN B 260 -2.96 3.32 -18.09
N ASP B 261 -2.91 3.26 -16.75
CA ASP B 261 -3.39 4.38 -15.94
C ASP B 261 -2.53 5.64 -16.09
N ILE B 262 -1.22 5.42 -16.14
CA ILE B 262 -0.32 6.56 -16.36
C ILE B 262 -0.48 7.13 -17.75
N ALA B 263 -0.60 6.24 -18.73
CA ALA B 263 -0.90 6.68 -20.09
C ALA B 263 -2.18 7.52 -20.11
N ALA B 264 -3.20 7.02 -19.43
CA ALA B 264 -4.50 7.68 -19.41
C ALA B 264 -4.42 9.07 -18.81
N LEU B 265 -3.75 9.22 -17.67
CA LEU B 265 -3.66 10.54 -17.05
C LEU B 265 -2.79 11.48 -17.86
N ARG B 266 -1.72 10.99 -18.41
CA ARG B 266 -0.87 11.82 -19.28
C ARG B 266 -1.59 12.25 -20.54
N CYS B 267 -2.29 11.35 -21.22
CA CYS B 267 -3.08 11.72 -22.38
C CYS B 267 -4.17 12.73 -22.06
N LEU B 268 -4.84 12.50 -20.91
CA LEU B 268 -5.88 13.42 -20.48
C LEU B 268 -5.33 14.83 -20.34
N GLU B 269 -4.22 14.97 -19.63
CA GLU B 269 -3.66 16.31 -19.41
C GLU B 269 -3.19 16.91 -20.74
N GLU B 270 -2.46 16.11 -21.51
CA GLU B 270 -1.92 16.60 -22.77
C GLU B 270 -3.02 16.99 -23.73
N GLN B 271 -4.03 16.13 -23.91
CA GLN B 271 -5.06 16.49 -24.87
C GLN B 271 -5.98 17.58 -24.32
N THR B 272 -6.17 17.67 -23.00
CA THR B 272 -6.96 18.80 -22.48
C THR B 272 -6.27 20.13 -22.84
N ASN B 273 -4.99 20.24 -22.55
CA ASN B 273 -4.25 21.43 -22.94
C ASN B 273 -4.27 21.67 -24.46
N GLU B 274 -4.04 20.66 -25.26
CA GLU B 274 -4.05 20.76 -26.70
C GLU B 274 -5.37 21.31 -27.24
N TYR B 275 -6.47 20.74 -26.75
CA TYR B 275 -7.80 21.16 -27.22
C TYR B 275 -8.13 22.55 -26.75
N LEU B 276 -7.83 22.88 -25.50
CA LEU B 276 -8.08 24.24 -25.03
C LEU B 276 -7.37 25.27 -25.91
N LYS B 277 -6.08 25.08 -26.13
CA LYS B 277 -5.32 26.02 -26.99
C LYS B 277 -5.82 25.98 -28.42
N ALA B 278 -6.17 24.82 -28.97
CA ALA B 278 -6.67 24.80 -30.32
C ALA B 278 -7.95 25.63 -30.52
N TYR B 279 -8.76 25.71 -29.47
CA TYR B 279 -10.04 26.42 -29.50
C TYR B 279 -9.91 27.81 -28.86
N GLY B 280 -8.70 28.26 -28.61
CA GLY B 280 -8.44 29.64 -28.30
C GLY B 280 -8.52 30.00 -26.84
N TYR B 281 -8.59 29.00 -25.97
CA TYR B 281 -8.54 29.23 -24.55
C TYR B 281 -7.09 29.14 -24.07
N ASN B 282 -6.42 30.28 -23.90
CA ASN B 282 -4.98 30.29 -23.75
C ASN B 282 -4.51 30.66 -22.35
N ASP B 283 -5.46 30.81 -21.44
CA ASP B 283 -5.13 31.24 -20.09
C ASP B 283 -5.71 30.31 -19.03
N VAL B 284 -5.80 29.02 -19.35
CA VAL B 284 -6.43 28.06 -18.48
C VAL B 284 -5.34 27.22 -17.79
N PHE B 285 -5.43 27.18 -16.46
CA PHE B 285 -4.47 26.42 -15.66
C PHE B 285 -5.04 25.02 -15.38
N VAL B 286 -4.43 24.01 -15.99
CA VAL B 286 -4.90 22.64 -15.93
C VAL B 286 -4.07 21.81 -14.97
N THR B 287 -4.79 21.09 -14.09
CA THR B 287 -4.22 20.10 -13.19
C THR B 287 -4.98 18.78 -13.36
N THR B 288 -4.44 17.74 -12.70
CA THR B 288 -5.03 16.43 -12.78
C THR B 288 -5.34 15.85 -11.39
N VAL B 289 -6.38 15.01 -11.40
CA VAL B 289 -6.75 14.26 -10.18
C VAL B 289 -6.89 12.80 -10.59
N PHE B 290 -6.24 11.91 -9.83
CA PHE B 290 -6.37 10.47 -9.96
C PHE B 290 -7.22 9.95 -8.83
N HIS B 291 -8.27 9.20 -9.15
CA HIS B 291 -9.10 8.60 -8.10
C HIS B 291 -8.65 7.16 -7.88
N GLN B 292 -8.30 6.88 -6.63
CA GLN B 292 -8.10 5.47 -6.24
C GLN B 292 -9.35 4.64 -6.57
N TRP B 293 -9.08 3.41 -6.99
CA TRP B 293 -10.04 2.39 -7.38
C TRP B 293 -11.48 2.68 -6.95
N MET B 294 -12.34 2.98 -7.91
CA MET B 294 -13.72 3.38 -7.68
C MET B 294 -14.72 2.25 -7.85
N GLY B 295 -14.25 1.02 -8.07
CA GLY B 295 -15.05 -0.19 -8.11
C GLY B 295 -15.19 -0.80 -6.73
N GLY B 296 -15.77 -2.02 -6.73
CA GLY B 296 -15.92 -2.66 -5.43
C GLY B 296 -14.63 -2.97 -4.72
N PHE B 297 -14.62 -2.79 -3.41
CA PHE B 297 -13.47 -3.05 -2.56
C PHE B 297 -13.59 -4.40 -1.85
N PRO B 298 -12.45 -4.95 -1.46
CA PRO B 298 -12.52 -6.11 -0.57
C PRO B 298 -12.98 -5.65 0.81
N GLN B 299 -13.64 -6.53 1.56
CA GLN B 299 -14.05 -6.16 2.91
C GLN B 299 -12.95 -6.19 3.93
N ASP B 300 -12.00 -7.07 3.72
CA ASP B 300 -10.89 -7.13 4.67
C ASP B 300 -10.10 -5.84 4.67
N GLU B 301 -9.87 -5.26 5.85
CA GLU B 301 -9.22 -3.94 5.86
C GLU B 301 -7.78 -3.96 5.38
N SER B 302 -7.06 -5.06 5.65
CA SER B 302 -5.68 -5.13 5.19
C SER B 302 -5.64 -5.18 3.68
N LYS B 303 -6.50 -6.00 3.09
CA LYS B 303 -6.61 -6.04 1.64
C LYS B 303 -6.97 -4.66 1.08
N ALA B 304 -7.86 -3.95 1.76
CA ALA B 304 -8.24 -2.58 1.34
C ALA B 304 -6.99 -1.68 1.33
N PHE B 305 -6.09 -1.78 2.30
CA PHE B 305 -4.86 -0.99 2.25
C PHE B 305 -4.02 -1.38 1.03
N GLY B 306 -4.04 -2.67 0.66
CA GLY B 306 -3.37 -3.04 -0.57
C GLY B 306 -3.87 -2.30 -1.79
N VAL B 307 -5.19 -2.04 -1.87
CA VAL B 307 -5.74 -1.30 -3.00
C VAL B 307 -5.43 0.20 -2.89
N ILE B 308 -5.66 0.75 -1.70
CA ILE B 308 -5.39 2.17 -1.46
C ILE B 308 -3.98 2.51 -1.85
N VAL B 309 -3.00 1.71 -1.44
CA VAL B 309 -1.60 2.15 -1.56
C VAL B 309 -1.05 1.79 -2.92
N THR B 310 -1.49 0.71 -3.54
CA THR B 310 -1.08 0.51 -4.93
C THR B 310 -1.64 1.61 -5.81
N ALA B 311 -2.90 1.97 -5.59
CA ALA B 311 -3.51 3.07 -6.33
C ALA B 311 -2.70 4.35 -6.19
N THR B 312 -2.28 4.65 -4.97
CA THR B 312 -1.51 5.85 -4.69
C THR B 312 -0.17 5.85 -5.42
N THR B 313 0.46 4.67 -5.50
CA THR B 313 1.76 4.54 -6.16
C THR B 313 1.60 4.91 -7.65
N ILE B 314 0.50 4.43 -8.25
CA ILE B 314 0.23 4.74 -9.66
C ILE B 314 0.02 6.26 -9.80
N ALA B 315 -0.77 6.88 -8.92
CA ALA B 315 -0.98 8.32 -8.97
C ALA B 315 0.33 9.12 -8.89
N ALA B 316 1.17 8.73 -7.92
CA ALA B 316 2.45 9.37 -7.67
C ALA B 316 3.33 9.33 -8.92
N LEU B 317 3.51 8.13 -9.47
CA LEU B 317 4.37 7.93 -10.63
C LEU B 317 3.80 8.59 -11.91
N ALA B 318 2.49 8.76 -11.96
CA ALA B 318 1.81 9.48 -13.02
C ALA B 318 2.00 10.98 -12.90
N GLY B 319 2.42 11.53 -11.77
CA GLY B 319 2.52 12.96 -11.63
C GLY B 319 1.19 13.64 -11.44
N ALA B 320 0.23 12.92 -10.85
CA ALA B 320 -1.06 13.51 -10.55
C ALA B 320 -0.94 14.71 -9.63
N THR B 321 -1.71 15.77 -9.91
CA THR B 321 -1.69 16.89 -8.98
C THR B 321 -2.41 16.56 -7.67
N LYS B 322 -3.45 15.72 -7.73
CA LYS B 322 -4.30 15.36 -6.63
C LYS B 322 -4.68 13.88 -6.71
N VAL B 323 -4.88 13.28 -5.54
CA VAL B 323 -5.35 11.89 -5.44
C VAL B 323 -6.49 11.84 -4.43
N ILE B 324 -7.55 11.11 -4.83
CA ILE B 324 -8.73 11.02 -3.94
C ILE B 324 -8.62 9.72 -3.16
N VAL B 325 -8.70 9.83 -1.85
CA VAL B 325 -8.45 8.75 -0.90
C VAL B 325 -9.67 7.89 -0.61
N LYS B 326 -9.50 6.59 -0.73
CA LYS B 326 -10.38 5.53 -0.29
C LYS B 326 -9.97 5.07 1.10
N THR B 327 -10.87 4.37 1.82
CA THR B 327 -10.64 3.94 3.19
C THR B 327 -10.87 2.44 3.38
N PRO B 328 -10.36 1.85 4.48
CA PRO B 328 -10.61 0.46 4.76
C PRO B 328 -12.07 0.07 5.02
N HIS B 329 -12.97 1.01 5.26
CA HIS B 329 -14.42 0.86 5.30
C HIS B 329 -15.14 0.87 3.96
N GLU B 330 -14.47 1.04 2.84
CA GLU B 330 -15.16 1.23 1.57
C GLU B 330 -16.18 0.19 1.22
N ALA B 331 -15.92 -1.11 1.46
CA ALA B 331 -16.94 -2.08 1.11
C ALA B 331 -18.21 -2.09 1.95
N ILE B 332 -18.15 -1.48 3.12
CA ILE B 332 -19.16 -1.60 4.16
C ILE B 332 -20.02 -0.36 4.36
N GLY B 333 -19.40 0.79 4.55
CA GLY B 333 -20.16 2.01 4.78
C GLY B 333 -19.28 3.24 4.88
N ILE B 334 -19.96 4.39 4.91
CA ILE B 334 -19.27 5.65 5.01
C ILE B 334 -18.32 5.59 6.18
N PRO B 335 -17.04 5.86 5.93
CA PRO B 335 -16.03 5.67 6.97
C PRO B 335 -16.23 6.54 8.19
N THR B 336 -15.84 5.99 9.34
CA THR B 336 -15.70 6.84 10.52
C THR B 336 -14.55 7.81 10.28
N LYS B 337 -14.47 8.81 11.13
CA LYS B 337 -13.35 9.73 11.01
C LYS B 337 -12.02 8.97 11.18
N GLU B 338 -11.94 7.93 12.01
CA GLU B 338 -10.70 7.20 12.19
C GLU B 338 -10.22 6.42 10.97
N ALA B 339 -11.07 5.69 10.28
CA ALA B 339 -10.99 4.90 9.08
C ALA B 339 -10.59 5.85 7.94
N ASN B 340 -11.21 7.04 7.88
CA ASN B 340 -10.83 7.98 6.82
C ASN B 340 -9.42 8.53 7.05
N ALA B 341 -9.11 8.97 8.28
CA ALA B 341 -7.74 9.36 8.60
C ALA B 341 -6.77 8.23 8.31
N ALA B 342 -7.18 7.00 8.56
CA ALA B 342 -6.29 5.88 8.24
C ALA B 342 -5.95 5.83 6.73
N GLY B 343 -6.97 5.96 5.91
CA GLY B 343 -6.75 5.95 4.47
C GLY B 343 -5.90 7.13 4.04
N ILE B 344 -6.14 8.31 4.62
CA ILE B 344 -5.34 9.47 4.26
C ILE B 344 -3.89 9.30 4.72
N LYS B 345 -3.67 8.78 5.93
CA LYS B 345 -2.31 8.55 6.39
C LYS B 345 -1.55 7.53 5.54
N ALA B 346 -2.20 6.47 5.13
CA ALA B 346 -1.56 5.48 4.29
C ALA B 346 -1.18 6.08 2.93
N THR B 347 -2.10 6.89 2.40
CA THR B 347 -1.86 7.57 1.11
C THR B 347 -0.72 8.54 1.13
N LYS B 348 -0.73 9.43 2.11
CA LYS B 348 0.35 10.41 2.20
C LYS B 348 1.68 9.74 2.50
N MET B 349 1.66 8.66 3.28
CA MET B 349 2.91 7.96 3.54
C MET B 349 3.48 7.43 2.21
N ALA B 350 2.62 6.79 1.40
CA ALA B 350 3.04 6.31 0.09
C ALA B 350 3.55 7.43 -0.80
N LEU B 351 2.85 8.56 -0.87
CA LEU B 351 3.31 9.70 -1.65
C LEU B 351 4.69 10.19 -1.22
N ASN B 352 4.88 10.29 0.10
CA ASN B 352 6.16 10.76 0.61
C ASN B 352 7.27 9.74 0.47
N MET B 353 6.93 8.46 0.42
CA MET B 353 7.89 7.41 0.15
C MET B 353 8.33 7.43 -1.33
N LEU B 354 7.63 8.18 -2.16
CA LEU B 354 7.90 8.23 -3.59
C LEU B 354 8.21 9.64 -4.10
N GLU B 355 8.55 10.54 -3.19
CA GLU B 355 8.78 11.95 -3.49
C GLU B 355 9.62 12.17 -4.74
N GLY B 356 9.04 12.89 -5.71
CA GLY B 356 9.75 13.20 -6.95
C GLY B 356 9.85 12.12 -7.98
N GLN B 357 9.48 10.89 -7.65
CA GLN B 357 9.59 9.78 -8.58
C GLN B 357 8.47 9.83 -9.60
N ARG B 358 8.88 9.62 -10.85
CA ARG B 358 7.94 9.55 -11.97
C ARG B 358 8.25 8.35 -12.86
N MET B 359 7.20 7.80 -13.43
CA MET B 359 7.42 6.75 -14.41
C MET B 359 8.16 7.32 -15.62
N PRO B 360 9.31 6.78 -15.95
CA PRO B 360 10.04 7.23 -17.13
C PRO B 360 9.37 6.69 -18.39
N MET B 361 9.71 7.30 -19.52
CA MET B 361 9.07 6.88 -20.77
C MET B 361 9.62 5.56 -21.22
N SER B 362 8.75 4.74 -21.82
CA SER B 362 9.14 3.51 -22.45
C SER B 362 8.34 3.30 -23.74
N LYS B 363 8.75 2.32 -24.53
CA LYS B 363 8.00 1.95 -25.72
C LYS B 363 6.58 1.56 -25.36
N GLU B 364 6.41 0.80 -24.27
CA GLU B 364 5.08 0.34 -23.84
C GLU B 364 4.12 1.48 -23.56
N LEU B 365 4.54 2.52 -22.85
CA LEU B 365 3.90 3.70 -22.41
C LEU B 365 3.60 4.51 -23.67
N GLU B 366 4.63 4.66 -24.50
CA GLU B 366 4.38 5.43 -25.72
C GLU B 366 3.30 4.81 -26.60
N THR B 367 3.34 3.49 -26.71
CA THR B 367 2.35 2.75 -27.48
C THR B 367 0.95 2.93 -26.92
N GLU B 368 0.80 2.78 -25.59
CA GLU B 368 -0.52 2.90 -24.99
C GLU B 368 -1.05 4.33 -25.06
N MET B 369 -0.16 5.31 -24.90
CA MET B 369 -0.55 6.70 -25.10
C MET B 369 -1.04 6.93 -26.53
N ALA B 370 -0.35 6.39 -27.54
CA ALA B 370 -0.85 6.59 -28.90
C ALA B 370 -2.23 6.01 -29.11
N VAL B 371 -2.46 4.83 -28.52
CA VAL B 371 -3.75 4.16 -28.61
C VAL B 371 -4.84 5.02 -27.98
N ILE B 372 -4.60 5.50 -26.75
CA ILE B 372 -5.61 6.31 -26.06
C ILE B 372 -5.86 7.61 -26.81
N LYS B 373 -4.83 8.30 -27.26
CA LYS B 373 -5.06 9.57 -27.97
C LYS B 373 -5.84 9.34 -29.26
N ALA B 374 -5.53 8.25 -29.99
CA ALA B 374 -6.28 7.98 -31.22
C ALA B 374 -7.73 7.64 -31.00
N GLU B 375 -7.98 6.80 -29.99
CA GLU B 375 -9.35 6.48 -29.63
C GLU B 375 -10.13 7.72 -29.21
N THR B 376 -9.52 8.54 -28.36
CA THR B 376 -10.15 9.74 -27.85
C THR B 376 -10.47 10.71 -29.00
N LYS B 377 -9.49 10.87 -29.89
CA LYS B 377 -9.69 11.78 -31.03
C LYS B 377 -10.82 11.30 -31.92
N CYS B 378 -10.96 10.01 -32.14
CA CYS B 378 -12.10 9.49 -32.91
C CYS B 378 -13.42 9.98 -32.36
N ILE B 379 -13.55 9.84 -31.03
CA ILE B 379 -14.78 10.22 -30.34
C ILE B 379 -14.99 11.71 -30.42
N LEU B 380 -14.00 12.52 -30.07
CA LEU B 380 -14.16 13.98 -30.12
C LEU B 380 -14.38 14.46 -31.56
N ASP B 381 -13.67 13.89 -32.50
CA ASP B 381 -13.89 14.29 -33.89
C ASP B 381 -15.34 14.11 -34.28
N LYS B 382 -15.92 12.97 -33.87
CA LYS B 382 -17.29 12.69 -34.30
C LYS B 382 -18.26 13.65 -33.64
N MET B 383 -18.02 13.94 -32.36
CA MET B 383 -18.84 14.90 -31.64
C MET B 383 -18.85 16.28 -32.32
N PHE B 384 -17.69 16.78 -32.73
CA PHE B 384 -17.66 18.08 -33.41
C PHE B 384 -18.41 17.98 -34.74
N GLU B 385 -18.30 16.85 -35.41
CA GLU B 385 -18.99 16.66 -36.69
C GLU B 385 -20.48 16.69 -36.47
N LEU B 386 -20.99 15.92 -35.50
CA LEU B 386 -22.42 15.86 -35.24
C LEU B 386 -22.98 17.22 -34.83
N GLY B 387 -22.15 18.00 -34.13
CA GLY B 387 -22.63 19.29 -33.71
C GLY B 387 -22.36 20.41 -34.71
N LYS B 388 -21.87 20.08 -35.88
CA LYS B 388 -21.43 21.01 -36.91
C LYS B 388 -20.54 22.11 -36.34
N GLY B 389 -19.60 21.69 -35.51
CA GLY B 389 -18.63 22.57 -34.88
C GLY B 389 -18.92 22.98 -33.45
N ASP B 390 -20.16 22.74 -33.03
CA ASP B 390 -20.59 23.09 -31.67
C ASP B 390 -20.50 21.86 -30.79
N LEU B 391 -19.57 21.85 -29.84
CA LEU B 391 -19.39 20.66 -29.00
C LEU B 391 -20.53 20.36 -28.06
N ALA B 392 -21.29 21.37 -27.62
CA ALA B 392 -22.42 21.09 -26.74
C ALA B 392 -23.51 20.32 -27.46
N ILE B 393 -23.87 20.86 -28.66
CA ILE B 393 -24.85 20.14 -29.47
C ILE B 393 -24.31 18.79 -29.91
N GLY B 394 -23.03 18.70 -30.17
CA GLY B 394 -22.37 17.46 -30.56
C GLY B 394 -22.47 16.42 -29.44
N THR B 395 -22.37 16.88 -28.20
CA THR B 395 -22.52 15.99 -27.07
C THR B 395 -23.92 15.38 -26.96
N VAL B 396 -24.95 16.21 -27.08
CA VAL B 396 -26.32 15.69 -27.09
C VAL B 396 -26.49 14.62 -28.17
N LYS B 397 -26.01 14.94 -29.37
CA LYS B 397 -26.22 14.03 -30.49
C LYS B 397 -25.37 12.76 -30.34
N ALA B 398 -24.18 12.92 -29.75
CA ALA B 398 -23.31 11.79 -29.53
C ALA B 398 -23.99 10.78 -28.59
N PHE B 399 -24.65 11.29 -27.53
CA PHE B 399 -25.37 10.41 -26.63
C PHE B 399 -26.55 9.75 -27.33
N GLU B 400 -27.26 10.52 -28.15
CA GLU B 400 -28.43 9.98 -28.84
C GLU B 400 -28.02 8.88 -29.80
N THR B 401 -26.84 8.92 -30.39
CA THR B 401 -26.42 7.99 -31.42
C THR B 401 -25.45 6.95 -30.88
N GLY B 402 -25.13 6.94 -29.58
CA GLY B 402 -24.20 5.96 -29.04
C GLY B 402 -22.74 6.21 -29.30
N VAL B 403 -22.36 7.36 -29.82
CA VAL B 403 -20.98 7.73 -30.09
C VAL B 403 -20.23 7.92 -28.76
N MET B 404 -20.88 8.56 -27.79
CA MET B 404 -20.47 8.60 -26.40
C MET B 404 -21.39 7.67 -25.62
N ASP B 405 -20.87 6.75 -24.83
CA ASP B 405 -21.61 5.68 -24.17
C ASP B 405 -20.82 5.20 -22.95
N ILE B 406 -21.44 5.39 -21.79
CA ILE B 406 -20.77 5.20 -20.49
C ILE B 406 -21.19 3.87 -19.87
N PRO B 407 -20.24 2.94 -19.66
CA PRO B 407 -20.64 1.64 -19.10
C PRO B 407 -21.43 1.77 -17.82
N PHE B 408 -22.57 1.09 -17.81
CA PHE B 408 -23.44 0.91 -16.66
C PHE B 408 -24.16 2.21 -16.26
N GLY B 409 -24.10 3.26 -17.09
CA GLY B 409 -24.77 4.51 -16.76
C GLY B 409 -26.28 4.32 -16.58
N PRO B 410 -26.90 4.71 -15.47
CA PRO B 410 -28.36 4.58 -15.35
C PRO B 410 -29.18 5.49 -16.25
N SER B 411 -28.62 6.54 -16.80
CA SER B 411 -29.40 7.45 -17.62
C SER B 411 -30.10 6.78 -18.79
N LYS B 412 -31.37 7.05 -18.98
CA LYS B 412 -32.01 6.46 -20.19
C LYS B 412 -31.56 7.04 -21.49
N TYR B 413 -30.89 8.15 -21.55
CA TYR B 413 -30.19 8.86 -22.60
C TYR B 413 -28.81 8.28 -22.95
N ASN B 414 -28.32 7.33 -22.16
CA ASN B 414 -27.09 6.59 -22.42
C ASN B 414 -27.41 5.33 -23.21
N ALA B 415 -26.75 5.07 -24.34
CA ALA B 415 -27.11 3.94 -25.20
C ALA B 415 -26.98 2.61 -24.50
N GLY B 416 -25.97 2.39 -23.66
CA GLY B 416 -25.83 1.13 -22.96
C GLY B 416 -25.41 -0.02 -23.88
N LYS B 417 -24.80 0.34 -24.99
CA LYS B 417 -24.38 -0.66 -25.98
C LYS B 417 -22.92 -1.06 -25.80
N MET B 418 -22.04 -0.09 -25.61
CA MET B 418 -20.61 -0.41 -25.48
C MET B 418 -20.38 -1.21 -24.21
N MET B 419 -19.52 -2.21 -24.28
CA MET B 419 -19.24 -3.10 -23.16
C MET B 419 -17.73 -3.23 -22.96
N PRO B 420 -17.22 -2.93 -21.79
CA PRO B 420 -15.79 -3.05 -21.52
C PRO B 420 -15.42 -4.37 -20.87
N VAL B 421 -14.14 -4.73 -20.97
CA VAL B 421 -13.65 -5.91 -20.27
C VAL B 421 -12.12 -5.83 -20.19
N ARG B 422 -11.49 -6.50 -19.23
CA ARG B 422 -10.02 -6.43 -19.16
C ARG B 422 -9.34 -7.38 -20.13
N ASP B 423 -8.15 -7.01 -20.59
CA ASP B 423 -7.27 -7.86 -21.34
C ASP B 423 -6.38 -8.69 -20.40
N ASN B 424 -5.41 -9.42 -21.00
CA ASN B 424 -4.67 -10.39 -20.19
C ASN B 424 -3.69 -9.77 -19.19
N LEU B 425 -3.35 -8.50 -19.39
CA LEU B 425 -2.52 -7.76 -18.43
C LEU B 425 -3.36 -6.84 -17.56
N GLY B 426 -4.68 -6.95 -17.62
CA GLY B 426 -5.59 -6.18 -16.82
C GLY B 426 -5.92 -4.82 -17.39
N CYS B 427 -5.49 -4.51 -18.61
CA CYS B 427 -5.90 -3.22 -19.19
C CYS B 427 -7.38 -3.27 -19.61
N VAL B 428 -8.13 -2.21 -19.29
CA VAL B 428 -9.53 -2.17 -19.72
C VAL B 428 -9.56 -1.92 -21.23
N ARG B 429 -10.32 -2.75 -21.95
CA ARG B 429 -10.47 -2.65 -23.38
C ARG B 429 -11.94 -2.63 -23.77
N TYR B 430 -12.22 -2.45 -25.05
CA TYR B 430 -13.58 -2.49 -25.55
C TYR B 430 -13.87 -3.92 -26.05
N LEU B 431 -14.87 -4.57 -25.44
CA LEU B 431 -15.35 -5.88 -25.83
C LEU B 431 -16.45 -5.78 -26.88
N GLU B 432 -17.44 -4.93 -26.62
CA GLU B 432 -18.47 -4.64 -27.62
C GLU B 432 -18.40 -3.14 -27.93
N PHE B 433 -18.27 -2.77 -29.22
CA PHE B 433 -18.07 -1.37 -29.54
C PHE B 433 -19.34 -0.55 -29.62
N GLY B 434 -20.48 -1.16 -29.77
CA GLY B 434 -21.70 -0.37 -30.01
C GLY B 434 -21.46 0.58 -31.17
N ASN B 435 -21.86 1.83 -30.99
CA ASN B 435 -21.70 2.85 -32.01
C ASN B 435 -20.50 3.75 -31.77
N VAL B 436 -19.58 3.32 -30.87
CA VAL B 436 -18.37 4.12 -30.71
C VAL B 436 -17.56 4.13 -32.00
N PRO B 437 -17.28 5.33 -32.50
CA PRO B 437 -16.82 5.47 -33.88
C PRO B 437 -15.36 5.21 -34.18
N PHE B 438 -14.86 4.03 -33.84
CA PHE B 438 -13.48 3.70 -34.08
C PHE B 438 -13.25 3.13 -35.49
N THR B 439 -12.03 3.31 -35.95
CA THR B 439 -11.57 2.67 -37.15
C THR B 439 -11.39 1.17 -36.92
N GLU B 440 -11.33 0.41 -38.01
CA GLU B 440 -11.05 -1.03 -37.85
C GLU B 440 -9.70 -1.30 -37.23
N GLU B 441 -8.71 -0.49 -37.55
CA GLU B 441 -7.40 -0.67 -36.95
C GLU B 441 -7.48 -0.61 -35.42
N ILE B 442 -8.19 0.31 -34.88
CA ILE B 442 -8.42 0.63 -33.48
C ILE B 442 -9.22 -0.52 -32.88
N LYS B 443 -10.25 -0.97 -33.59
CA LYS B 443 -11.02 -2.12 -33.09
C LYS B 443 -10.15 -3.37 -33.04
N ASN B 444 -9.30 -3.52 -34.04
CA ASN B 444 -8.45 -4.69 -34.19
C ASN B 444 -7.52 -4.82 -32.98
N TYR B 445 -6.93 -3.71 -32.58
CA TYR B 445 -5.99 -3.73 -31.49
C TYR B 445 -6.68 -4.17 -30.19
N ASN B 446 -7.88 -3.64 -29.96
CA ASN B 446 -8.69 -4.06 -28.83
C ASN B 446 -8.93 -5.57 -28.86
N ARG B 447 -9.35 -6.09 -30.03
CA ARG B 447 -9.62 -7.53 -30.13
C ARG B 447 -8.37 -8.39 -29.97
N GLU B 448 -7.25 -7.92 -30.50
CA GLU B 448 -5.98 -8.63 -30.37
C GLU B 448 -5.56 -8.75 -28.90
N ARG B 449 -5.70 -7.65 -28.19
CA ARG B 449 -5.35 -7.70 -26.75
C ARG B 449 -6.24 -8.68 -26.01
N LEU B 450 -7.54 -8.67 -26.34
CA LEU B 450 -8.49 -9.50 -25.62
C LEU B 450 -8.31 -10.99 -25.94
N GLN B 451 -7.92 -11.24 -27.18
CA GLN B 451 -7.71 -12.65 -27.58
C GLN B 451 -6.63 -13.29 -26.73
N GLU B 452 -5.66 -12.49 -26.28
CA GLU B 452 -4.62 -13.05 -25.40
C GLU B 452 -5.17 -13.57 -24.09
N ARG B 453 -6.20 -12.88 -23.59
CA ARG B 453 -6.85 -13.33 -22.38
C ARG B 453 -7.66 -14.59 -22.64
N ALA B 454 -8.37 -14.63 -23.77
CA ALA B 454 -9.09 -15.86 -24.13
C ALA B 454 -8.16 -17.07 -24.18
N LYS B 455 -7.00 -16.90 -24.81
CA LYS B 455 -6.03 -18.00 -24.91
C LYS B 455 -5.51 -18.41 -23.55
N PHE B 456 -5.14 -17.43 -22.71
CA PHE B 456 -4.61 -17.76 -21.40
C PHE B 456 -5.62 -18.44 -20.49
N GLU B 457 -6.87 -17.96 -20.50
CA GLU B 457 -7.90 -18.49 -19.62
C GLU B 457 -8.62 -19.69 -20.21
N GLY B 458 -8.49 -19.93 -21.51
CA GLY B 458 -9.14 -21.04 -22.19
C GLY B 458 -10.65 -20.90 -22.26
N ARG B 459 -11.14 -19.68 -22.41
CA ARG B 459 -12.56 -19.38 -22.58
C ARG B 459 -12.68 -18.17 -23.48
N ASP B 460 -13.78 -18.07 -24.24
CA ASP B 460 -13.98 -16.91 -25.09
C ASP B 460 -14.24 -15.67 -24.25
N VAL B 461 -13.83 -14.49 -24.72
CA VAL B 461 -14.16 -13.25 -24.03
C VAL B 461 -15.68 -13.07 -24.10
N SER B 462 -16.26 -12.55 -23.03
CA SER B 462 -17.71 -12.61 -22.93
C SER B 462 -18.19 -11.73 -21.78
N PHE B 463 -19.51 -11.60 -21.70
CA PHE B 463 -20.11 -10.87 -20.58
C PHE B 463 -19.85 -11.54 -19.24
N GLN B 464 -19.73 -12.86 -19.17
CA GLN B 464 -19.33 -13.51 -17.93
C GLN B 464 -17.97 -12.99 -17.47
N MET B 465 -17.04 -12.72 -18.40
CA MET B 465 -15.77 -12.15 -17.97
C MET B 465 -15.94 -10.76 -17.41
N VAL B 466 -16.86 -9.99 -17.99
CA VAL B 466 -17.18 -8.66 -17.46
C VAL B 466 -17.69 -8.77 -16.03
N ILE B 467 -18.63 -9.69 -15.78
CA ILE B 467 -19.07 -9.95 -14.43
C ILE B 467 -17.94 -10.34 -13.47
N ASP B 468 -17.09 -11.26 -13.96
CA ASP B 468 -15.92 -11.67 -13.19
C ASP B 468 -15.05 -10.47 -12.85
N ASP B 469 -14.82 -9.56 -13.78
CA ASP B 469 -13.99 -8.39 -13.55
C ASP B 469 -14.68 -7.43 -12.58
N ILE B 470 -16.00 -7.32 -12.61
CA ILE B 470 -16.72 -6.48 -11.65
C ILE B 470 -16.51 -6.96 -10.24
N PHE B 471 -16.43 -8.27 -10.02
CA PHE B 471 -16.24 -8.78 -8.67
C PHE B 471 -14.79 -9.00 -8.27
N ALA B 472 -13.84 -8.95 -9.21
CA ALA B 472 -12.50 -9.45 -8.94
C ALA B 472 -11.82 -8.76 -7.77
N VAL B 473 -11.80 -7.43 -7.72
CA VAL B 473 -11.05 -6.76 -6.65
C VAL B 473 -11.65 -7.06 -5.29
N GLY B 474 -12.98 -7.11 -5.19
CA GLY B 474 -13.63 -7.48 -3.93
C GLY B 474 -13.24 -8.88 -3.50
N LYS B 475 -12.96 -9.73 -4.48
CA LYS B 475 -12.51 -11.09 -4.26
C LYS B 475 -10.99 -11.26 -4.16
N GLY B 476 -10.23 -10.19 -4.23
CA GLY B 476 -8.81 -10.27 -3.90
C GLY B 476 -7.86 -10.11 -5.06
N ARG B 477 -8.24 -9.73 -6.26
CA ARG B 477 -7.32 -9.60 -7.38
C ARG B 477 -7.85 -8.64 -8.44
N LEU B 478 -6.98 -8.21 -9.37
CA LEU B 478 -7.42 -7.28 -10.41
C LEU B 478 -8.27 -7.93 -11.50
N ILE B 479 -7.80 -9.08 -11.96
CA ILE B 479 -8.37 -9.72 -13.14
C ILE B 479 -9.27 -10.88 -12.71
N GLY B 480 -10.49 -10.89 -13.28
CA GLY B 480 -11.47 -11.92 -12.94
C GLY B 480 -11.16 -13.22 -13.68
N ARG B 481 -10.06 -13.86 -13.26
CA ARG B 481 -9.72 -15.18 -13.74
C ARG B 481 -10.74 -16.24 -13.31
N PRO B 482 -10.81 -17.31 -14.10
CA PRO B 482 -11.74 -18.38 -13.74
C PRO B 482 -11.39 -19.07 -12.41
N GLU B 483 -12.45 -19.57 -11.81
CA GLU B 483 -12.65 -20.37 -10.63
C GLU B 483 -11.51 -21.31 -10.28
N MET C 1 25.75 19.64 29.96
CA MET C 1 26.41 20.83 30.56
C MET C 1 27.82 20.48 31.02
N GLU C 2 28.13 20.38 32.32
CA GLU C 2 29.46 19.91 32.69
C GLU C 2 29.65 18.42 32.37
N LYS C 3 30.89 18.04 32.24
CA LYS C 3 31.53 16.77 32.01
C LYS C 3 31.00 15.60 32.86
N LYS C 4 30.79 14.41 32.32
CA LYS C 4 30.32 13.19 32.95
C LYS C 4 30.51 12.00 31.99
N THR C 5 30.64 10.81 32.58
CA THR C 5 30.91 9.58 31.81
C THR C 5 29.75 8.63 31.82
N ILE C 6 29.39 8.10 30.63
CA ILE C 6 28.41 7.03 30.57
C ILE C 6 29.04 5.79 29.90
N VAL C 7 28.57 4.61 30.31
CA VAL C 7 28.83 3.37 29.58
C VAL C 7 27.59 3.14 28.71
N LEU C 8 27.80 2.79 27.46
CA LEU C 8 26.70 2.59 26.50
C LEU C 8 26.95 1.28 25.79
N GLY C 9 25.90 0.49 25.65
CA GLY C 9 26.07 -0.74 24.83
C GLY C 9 24.72 -1.36 24.56
N VAL C 10 24.77 -2.50 23.84
CA VAL C 10 23.59 -3.28 23.51
C VAL C 10 23.78 -4.68 24.09
N ILE C 11 22.82 -5.13 24.86
CA ILE C 11 23.04 -6.27 25.78
C ILE C 11 22.68 -7.61 25.17
N GLY C 12 23.35 -8.66 25.67
CA GLY C 12 23.00 -10.02 25.32
C GLY C 12 23.49 -10.46 23.95
N SER C 13 22.59 -11.19 23.27
CA SER C 13 22.92 -11.73 21.96
C SER C 13 22.42 -10.79 20.84
N ASP C 14 22.21 -9.54 21.19
CA ASP C 14 21.66 -8.51 20.31
C ASP C 14 22.74 -7.80 19.49
N CYS C 15 22.58 -7.84 18.16
CA CYS C 15 23.55 -7.25 17.26
C CYS C 15 23.14 -5.90 16.68
N HIS C 16 21.99 -5.36 17.07
CA HIS C 16 21.51 -4.12 16.46
C HIS C 16 22.45 -2.97 16.81
N ALA C 17 22.95 -2.27 15.82
CA ALA C 17 24.07 -1.36 15.98
C ALA C 17 23.78 0.08 15.57
N VAL C 18 22.72 0.33 14.80
CA VAL C 18 22.53 1.66 14.23
C VAL C 18 22.17 2.66 15.33
N GLY C 19 21.21 2.24 16.17
CA GLY C 19 20.82 3.13 17.27
C GLY C 19 21.98 3.38 18.22
N ASN C 20 22.85 2.39 18.41
CA ASN C 20 24.02 2.54 19.29
C ASN C 20 24.90 3.64 18.74
N LYS C 21 25.11 3.67 17.42
CA LYS C 21 25.93 4.73 16.83
C LYS C 21 25.30 6.11 16.99
N ILE C 22 23.98 6.21 16.80
CA ILE C 22 23.25 7.47 16.96
C ILE C 22 23.30 7.93 18.41
N LEU C 23 23.07 7.00 19.34
CA LEU C 23 23.13 7.40 20.76
C LEU C 23 24.52 7.88 21.15
N ASP C 24 25.55 7.20 20.70
CA ASP C 24 26.93 7.62 20.96
C ASP C 24 27.13 9.03 20.45
N HIS C 25 26.80 9.22 19.18
CA HIS C 25 26.88 10.53 18.55
C HIS C 25 26.12 11.60 19.33
N ALA C 26 24.88 11.33 19.72
CA ALA C 26 24.05 12.33 20.36
C ALA C 26 24.55 12.67 21.78
N PHE C 27 24.86 11.65 22.55
CA PHE C 27 25.32 11.92 23.93
C PHE C 27 26.69 12.59 23.90
N THR C 28 27.49 12.20 22.91
CA THR C 28 28.80 12.85 22.79
C THR C 28 28.61 14.31 22.48
N ASN C 29 27.72 14.61 21.52
CA ASN C 29 27.49 16.02 21.21
C ASN C 29 26.89 16.81 22.36
N ALA C 30 26.10 16.20 23.21
CA ALA C 30 25.58 16.84 24.41
C ALA C 30 26.65 17.05 25.50
N GLY C 31 27.83 16.51 25.33
CA GLY C 31 28.92 16.79 26.26
C GLY C 31 29.37 15.65 27.13
N PHE C 32 28.75 14.47 26.95
CA PHE C 32 29.17 13.33 27.72
C PHE C 32 30.39 12.65 27.14
N ASN C 33 31.08 11.99 28.04
CA ASN C 33 32.12 11.06 27.69
C ASN C 33 31.51 9.66 27.58
N VAL C 34 31.32 9.23 26.34
CA VAL C 34 30.65 7.98 26.09
C VAL C 34 31.65 6.84 25.92
N VAL C 35 31.55 5.89 26.82
CA VAL C 35 32.36 4.66 26.80
C VAL C 35 31.44 3.61 26.18
N ASN C 36 31.62 3.44 24.87
CA ASN C 36 30.71 2.58 24.10
C ASN C 36 31.29 1.19 23.96
N ILE C 37 30.74 0.24 24.68
CA ILE C 37 31.18 -1.16 24.61
C ILE C 37 30.55 -1.94 23.44
N GLY C 38 29.64 -1.29 22.71
CA GLY C 38 29.10 -1.87 21.49
C GLY C 38 28.08 -2.96 21.78
N VAL C 39 27.87 -3.75 20.72
CA VAL C 39 26.84 -4.76 20.66
C VAL C 39 27.27 -6.09 21.30
N LEU C 40 26.28 -6.96 21.48
CA LEU C 40 26.51 -8.32 21.91
C LEU C 40 27.28 -8.33 23.23
N SER C 41 26.90 -7.38 24.10
CA SER C 41 27.58 -7.20 25.38
C SER C 41 26.87 -7.87 26.54
N PRO C 42 27.53 -8.81 27.25
CA PRO C 42 26.99 -9.31 28.50
C PRO C 42 27.12 -8.28 29.64
N GLN C 43 26.29 -8.50 30.66
CA GLN C 43 26.26 -7.62 31.85
C GLN C 43 27.64 -7.28 32.37
N GLU C 44 28.51 -8.28 32.42
CA GLU C 44 29.84 -8.08 33.02
C GLU C 44 30.65 -7.03 32.29
N LEU C 45 30.36 -6.84 30.98
CA LEU C 45 31.17 -5.86 30.26
C LEU C 45 30.75 -4.43 30.57
N PHE C 46 29.48 -4.31 30.88
CA PHE C 46 28.95 -2.98 31.23
C PHE C 46 29.58 -2.58 32.58
N ILE C 47 29.59 -3.56 33.49
CA ILE C 47 30.13 -3.35 34.85
C ILE C 47 31.62 -3.10 34.79
N LYS C 48 32.42 -3.90 34.12
CA LYS C 48 33.85 -3.66 34.01
C LYS C 48 34.16 -2.32 33.38
N ALA C 49 33.41 -1.87 32.37
CA ALA C 49 33.72 -0.56 31.78
C ALA C 49 33.41 0.57 32.76
N ALA C 50 32.30 0.39 33.46
CA ALA C 50 31.87 1.38 34.44
C ALA C 50 32.90 1.51 35.56
N ILE C 51 33.46 0.39 35.98
CA ILE C 51 34.52 0.50 37.01
C ILE C 51 35.74 1.21 36.46
N GLU C 52 36.24 0.71 35.34
CA GLU C 52 37.48 1.26 34.81
C GLU C 52 37.41 2.74 34.48
N THR C 53 36.23 3.23 34.16
CA THR C 53 36.09 4.61 33.73
C THR C 53 35.38 5.45 34.77
N LYS C 54 35.01 4.84 35.89
CA LYS C 54 34.35 5.63 36.93
C LYS C 54 33.09 6.30 36.39
N ALA C 55 32.28 5.51 35.70
CA ALA C 55 31.12 6.08 35.04
C ALA C 55 30.03 6.50 35.99
N ASP C 56 29.28 7.50 35.59
CA ASP C 56 28.19 8.09 36.29
C ASP C 56 26.86 7.40 35.97
N ALA C 57 26.85 6.67 34.84
CA ALA C 57 25.62 5.98 34.47
C ALA C 57 25.98 4.88 33.45
N ILE C 58 25.07 3.90 33.44
CA ILE C 58 25.07 2.82 32.46
C ILE C 58 23.74 2.86 31.68
N LEU C 59 23.92 3.02 30.37
CA LEU C 59 22.79 3.07 29.45
C LEU C 59 22.74 1.75 28.67
N VAL C 60 21.77 0.94 29.01
CA VAL C 60 21.58 -0.37 28.42
C VAL C 60 20.52 -0.24 27.33
N SER C 61 20.94 -0.56 26.10
CA SER C 61 20.02 -0.67 24.98
C SER C 61 19.70 -2.15 24.69
N SER C 62 18.43 -2.36 24.46
CA SER C 62 17.97 -3.71 24.13
C SER C 62 16.88 -3.58 23.06
N LEU C 63 17.21 -4.03 21.85
CA LEU C 63 16.28 -3.92 20.74
C LEU C 63 15.65 -5.23 20.30
N TYR C 64 16.35 -6.34 20.41
CA TYR C 64 15.95 -7.56 19.72
C TYR C 64 14.85 -8.36 20.38
N GLY C 65 14.42 -7.96 21.59
CA GLY C 65 13.28 -8.55 22.20
C GLY C 65 13.59 -9.33 23.49
N GLN C 66 14.79 -9.84 23.68
CA GLN C 66 15.06 -10.71 24.84
C GLN C 66 15.59 -9.92 26.05
N GLY C 67 15.31 -8.62 26.09
CA GLY C 67 15.70 -7.75 27.17
C GLY C 67 15.18 -8.22 28.51
N GLU C 68 13.99 -8.81 28.51
CA GLU C 68 13.43 -9.22 29.78
C GLU C 68 14.30 -10.26 30.44
N ILE C 69 14.85 -11.20 29.66
CA ILE C 69 15.83 -12.11 30.24
C ILE C 69 17.16 -11.45 30.49
N ASP C 70 17.65 -10.71 29.48
CA ASP C 70 19.03 -10.25 29.53
C ASP C 70 19.29 -9.21 30.65
N CYS C 71 18.26 -8.47 30.97
CA CYS C 71 18.41 -7.30 31.84
C CYS C 71 18.25 -7.65 33.33
N LYS C 72 17.66 -8.80 33.58
CA LYS C 72 17.47 -9.22 34.97
C LYS C 72 18.82 -9.44 35.66
N GLY C 73 18.93 -8.88 36.89
CA GLY C 73 20.16 -9.12 37.62
C GLY C 73 21.24 -8.10 37.59
N LEU C 74 21.12 -7.07 36.73
CA LEU C 74 22.25 -6.18 36.56
C LEU C 74 22.52 -5.31 37.80
N ARG C 75 21.44 -4.83 38.37
CA ARG C 75 21.57 -3.95 39.53
C ARG C 75 22.30 -4.72 40.64
N GLN C 76 21.92 -5.97 40.86
CA GLN C 76 22.59 -6.71 41.93
C GLN C 76 24.05 -6.88 41.63
N LYS C 77 24.33 -7.16 40.35
CA LYS C 77 25.74 -7.37 40.04
C LYS C 77 26.48 -6.04 40.24
N CYS C 78 25.76 -4.94 39.95
CA CYS C 78 26.47 -3.66 40.10
C CYS C 78 26.80 -3.42 41.58
N ASP C 79 25.81 -3.78 42.40
CA ASP C 79 25.97 -3.60 43.86
C ASP C 79 27.16 -4.42 44.33
N GLU C 80 27.17 -5.70 43.95
CA GLU C 80 28.25 -6.60 44.35
C GLU C 80 29.60 -6.12 43.88
N ALA C 81 29.58 -5.30 42.82
CA ALA C 81 30.80 -4.80 42.24
C ALA C 81 31.24 -3.46 42.81
N GLY C 82 30.49 -2.90 43.77
CA GLY C 82 30.91 -1.62 44.32
C GLY C 82 30.37 -0.39 43.62
N LEU C 83 29.36 -0.57 42.78
CA LEU C 83 28.70 0.48 42.00
C LEU C 83 27.31 0.80 42.50
N GLU C 84 27.17 0.63 43.82
CA GLU C 84 25.90 0.95 44.47
C GLU C 84 25.50 2.39 44.12
N GLY C 85 24.19 2.50 43.92
CA GLY C 85 23.50 3.67 43.44
C GLY C 85 23.83 4.16 42.05
N ILE C 86 24.65 3.47 41.24
CA ILE C 86 24.92 4.01 39.90
C ILE C 86 23.62 4.17 39.14
N LEU C 87 23.49 5.15 38.24
CA LEU C 87 22.27 5.30 37.43
C LEU C 87 22.21 4.20 36.35
N LEU C 88 21.07 3.58 36.21
CA LEU C 88 20.90 2.49 35.26
C LEU C 88 19.69 2.83 34.40
N TYR C 89 19.89 3.01 33.09
CA TYR C 89 18.84 3.30 32.14
C TYR C 89 18.68 2.11 31.20
N VAL C 90 17.44 1.84 30.82
CA VAL C 90 17.27 0.82 29.78
C VAL C 90 16.24 1.30 28.77
N GLY C 91 16.52 1.06 27.48
CA GLY C 91 15.58 1.48 26.44
C GLY C 91 15.79 0.70 25.14
N GLY C 92 15.04 1.05 24.11
CA GLY C 92 15.01 0.34 22.84
C GLY C 92 13.65 -0.29 22.61
N ASN C 93 13.63 -1.63 22.47
CA ASN C 93 12.44 -2.46 22.28
C ASN C 93 12.63 -3.65 23.22
N ILE C 94 12.33 -3.36 24.49
CA ILE C 94 12.95 -4.14 25.58
C ILE C 94 12.19 -5.40 25.96
N VAL C 95 11.02 -5.64 25.40
CA VAL C 95 10.22 -6.85 25.57
C VAL C 95 9.83 -7.41 24.20
N VAL C 96 9.35 -8.65 24.23
CA VAL C 96 8.89 -9.28 22.99
C VAL C 96 7.47 -8.83 22.73
N GLY C 97 7.30 -8.08 21.63
CA GLY C 97 5.97 -7.72 21.16
C GLY C 97 5.50 -6.40 21.70
N LYS C 98 4.43 -5.93 21.09
CA LYS C 98 3.68 -4.78 21.58
C LYS C 98 3.04 -5.17 22.92
N GLN C 99 3.32 -4.43 23.98
CA GLN C 99 2.75 -4.72 25.31
C GLN C 99 2.23 -3.42 25.90
N HIS C 100 1.46 -3.47 26.99
CA HIS C 100 0.96 -2.24 27.64
C HIS C 100 2.10 -1.55 28.38
N TRP C 101 2.51 -0.37 27.91
CA TRP C 101 3.77 0.23 28.36
C TRP C 101 3.87 0.39 29.87
N PRO C 102 2.85 0.86 30.58
CA PRO C 102 2.99 0.96 32.05
C PRO C 102 3.36 -0.34 32.75
N ASP C 103 2.86 -1.47 32.23
CA ASP C 103 3.24 -2.75 32.82
C ASP C 103 4.71 -3.03 32.62
N VAL C 104 5.18 -2.75 31.39
CA VAL C 104 6.57 -3.01 31.06
C VAL C 104 7.50 -2.11 31.87
N GLU C 105 7.14 -0.83 31.91
CA GLU C 105 8.00 0.08 32.67
C GLU C 105 8.19 -0.33 34.13
N LYS C 106 7.07 -0.72 34.75
CA LYS C 106 7.04 -1.22 36.12
C LYS C 106 7.93 -2.43 36.31
N ARG C 107 7.79 -3.35 35.33
CA ARG C 107 8.61 -4.56 35.30
C ARG C 107 10.11 -4.30 35.37
N PHE C 108 10.59 -3.34 34.57
CA PHE C 108 12.04 -3.09 34.58
C PHE C 108 12.46 -2.20 35.75
N LYS C 109 11.58 -1.35 36.20
CA LYS C 109 11.94 -0.63 37.46
C LYS C 109 12.06 -1.60 38.64
N ASP C 110 11.19 -2.60 38.68
CA ASP C 110 11.30 -3.67 39.68
C ASP C 110 12.60 -4.42 39.57
N MET C 111 13.19 -4.54 38.37
CA MET C 111 14.50 -5.13 38.24
C MET C 111 15.61 -4.21 38.73
N GLY C 112 15.28 -2.96 39.08
CA GLY C 112 16.34 -2.09 39.54
C GLY C 112 16.74 -1.01 38.57
N TYR C 113 16.06 -0.88 37.44
CA TYR C 113 16.36 0.19 36.48
C TYR C 113 15.80 1.53 36.97
N ASP C 114 16.58 2.60 36.93
CA ASP C 114 16.13 3.94 37.35
C ASP C 114 15.16 4.58 36.36
N ARG C 115 15.48 4.38 35.06
CA ARG C 115 14.62 4.86 33.99
C ARG C 115 14.54 3.79 32.86
N VAL C 116 13.34 3.74 32.35
CA VAL C 116 12.91 2.76 31.36
C VAL C 116 12.21 3.45 30.20
N TYR C 117 12.68 3.19 28.97
CA TYR C 117 12.16 3.89 27.81
C TYR C 117 11.52 2.99 26.75
N ALA C 118 10.42 3.48 26.22
CA ALA C 118 9.62 2.87 25.16
C ALA C 118 10.28 2.89 23.77
N PRO C 119 9.75 2.07 22.87
CA PRO C 119 10.20 2.08 21.46
C PRO C 119 10.18 3.49 20.90
N GLY C 120 11.19 3.83 20.12
CA GLY C 120 11.25 5.08 19.38
C GLY C 120 11.54 6.30 20.23
N THR C 121 12.12 6.11 21.42
CA THR C 121 12.50 7.23 22.27
C THR C 121 13.60 8.03 21.63
N PRO C 122 13.42 9.34 21.45
CA PRO C 122 14.53 10.15 20.90
C PRO C 122 15.69 10.25 21.88
N PRO C 123 16.93 10.25 21.39
CA PRO C 123 18.09 10.42 22.26
C PRO C 123 18.01 11.65 23.17
N GLU C 124 17.44 12.72 22.67
CA GLU C 124 17.28 13.98 23.40
C GLU C 124 16.48 13.80 24.68
N VAL C 125 15.53 12.87 24.73
CA VAL C 125 14.80 12.61 25.97
C VAL C 125 15.73 12.03 27.01
N GLY C 126 16.54 11.05 26.61
CA GLY C 126 17.45 10.44 27.55
C GLY C 126 18.52 11.44 28.01
N ILE C 127 18.99 12.27 27.07
CA ILE C 127 19.97 13.27 27.45
C ILE C 127 19.38 14.24 28.49
N ALA C 128 18.18 14.72 28.29
CA ALA C 128 17.61 15.67 29.26
C ALA C 128 17.42 14.99 30.61
N ASP C 129 17.02 13.71 30.61
CA ASP C 129 16.78 13.03 31.87
C ASP C 129 18.08 12.80 32.62
N LEU C 130 19.16 12.45 31.91
CA LEU C 130 20.44 12.20 32.54
C LEU C 130 21.02 13.50 33.11
N LYS C 131 20.84 14.59 32.37
CA LYS C 131 21.32 15.89 32.88
C LYS C 131 20.58 16.22 34.16
N LYS C 132 19.28 15.92 34.17
CA LYS C 132 18.51 16.26 35.38
C LYS C 132 18.98 15.35 36.49
N ASP C 133 19.08 14.04 36.26
CA ASP C 133 19.48 13.12 37.31
C ASP C 133 20.89 13.34 37.83
N LEU C 134 21.77 13.92 37.04
CA LEU C 134 23.14 14.21 37.44
C LEU C 134 23.27 15.65 37.94
N ASN C 135 22.21 16.41 37.95
CA ASN C 135 22.14 17.76 38.49
C ASN C 135 23.04 18.72 37.71
N ILE C 136 23.04 18.49 36.39
CA ILE C 136 23.82 19.33 35.48
C ILE C 136 22.95 19.94 34.37
N GLU C 137 21.64 19.93 34.53
CA GLU C 137 20.64 20.42 33.59
C GLU C 137 20.56 21.94 33.61
N MET D 1 40.86 -25.91 9.39
CA MET D 1 40.78 -26.19 7.96
C MET D 1 41.35 -25.00 7.21
N GLU D 2 42.06 -25.21 6.09
CA GLU D 2 42.48 -23.95 5.42
C GLU D 2 41.35 -23.53 4.47
N LEU D 3 41.27 -22.23 4.24
CA LEU D 3 40.19 -21.70 3.40
C LEU D 3 40.68 -21.59 1.96
N LYS D 4 39.95 -22.26 1.08
CA LYS D 4 40.09 -22.16 -0.35
C LYS D 4 38.70 -22.34 -0.97
N ASN D 5 38.52 -21.76 -2.14
CA ASN D 5 37.25 -21.90 -2.81
C ASN D 5 37.23 -23.16 -3.70
N LYS D 6 37.15 -24.27 -2.99
CA LYS D 6 37.15 -25.60 -3.57
C LYS D 6 36.22 -26.51 -2.79
N LYS D 7 35.44 -27.27 -3.57
CA LYS D 7 34.51 -28.24 -3.01
C LYS D 7 35.20 -29.18 -2.03
N TRP D 8 34.64 -29.27 -0.82
CA TRP D 8 35.20 -30.19 0.16
C TRP D 8 35.05 -31.63 -0.36
N THR D 9 36.06 -32.44 -0.05
CA THR D 9 35.86 -33.84 -0.40
C THR D 9 34.89 -34.48 0.58
N ASP D 10 34.38 -35.64 0.15
CA ASP D 10 33.47 -36.42 0.97
C ASP D 10 34.06 -36.78 2.32
N GLU D 11 35.35 -37.10 2.32
CA GLU D 11 36.03 -37.44 3.56
C GLU D 11 36.15 -36.29 4.55
N GLU D 12 36.60 -35.14 4.14
CA GLU D 12 36.77 -33.85 4.76
C GLU D 12 35.41 -33.46 5.36
N PHE D 13 34.38 -33.52 4.53
CA PHE D 13 33.03 -33.14 5.01
C PHE D 13 32.57 -34.07 6.10
N HIS D 14 32.69 -35.41 5.93
CA HIS D 14 32.29 -36.34 6.98
C HIS D 14 33.03 -36.11 8.30
N LYS D 15 34.33 -35.86 8.22
CA LYS D 15 35.09 -35.60 9.44
C LYS D 15 34.51 -34.39 10.15
N GLN D 16 34.17 -33.33 9.41
CA GLN D 16 33.55 -32.17 10.07
C GLN D 16 32.20 -32.50 10.66
N ARG D 17 31.39 -33.26 9.93
CA ARG D 17 30.07 -33.63 10.40
C ARG D 17 30.15 -34.33 11.77
N GLU D 18 31.12 -35.24 11.92
CA GLU D 18 31.17 -35.95 13.20
C GLU D 18 31.51 -35.03 14.37
N GLU D 19 32.27 -33.99 14.07
CA GLU D 19 32.53 -32.97 15.09
C GLU D 19 31.28 -32.15 15.42
N VAL D 20 30.67 -31.64 14.35
CA VAL D 20 29.50 -30.77 14.47
C VAL D 20 28.34 -31.42 15.20
N LEU D 21 28.03 -32.70 14.96
CA LEU D 21 26.88 -33.34 15.57
C LEU D 21 27.06 -33.50 17.08
N GLN D 22 28.30 -33.40 17.54
CA GLN D 22 28.46 -33.50 19.02
C GLN D 22 28.21 -32.20 19.74
N GLN D 23 27.92 -31.11 19.03
CA GLN D 23 27.79 -29.81 19.70
C GLN D 23 26.52 -29.63 20.51
N TRP D 24 25.52 -30.48 20.40
CA TRP D 24 24.39 -30.50 21.32
C TRP D 24 23.76 -31.88 21.27
N PRO D 25 23.16 -32.39 22.31
CA PRO D 25 22.64 -33.77 22.21
C PRO D 25 21.63 -34.04 21.13
N THR D 26 20.92 -33.03 20.60
CA THR D 26 19.99 -33.32 19.50
C THR D 26 20.73 -33.67 18.22
N GLY D 27 22.04 -33.49 18.13
CA GLY D 27 22.83 -33.90 17.00
C GLY D 27 22.70 -35.41 16.79
N LYS D 28 22.39 -36.14 17.86
CA LYS D 28 22.24 -37.58 17.76
C LYS D 28 20.99 -37.96 16.98
N GLU D 29 20.06 -37.03 16.80
CA GLU D 29 18.84 -37.27 16.03
C GLU D 29 19.09 -37.21 14.53
N VAL D 30 20.25 -36.75 14.10
CA VAL D 30 20.52 -36.59 12.66
C VAL D 30 21.13 -37.86 12.10
N ASP D 31 20.40 -38.55 11.24
CA ASP D 31 20.87 -39.74 10.54
C ASP D 31 20.73 -39.46 9.06
N LEU D 32 21.84 -39.19 8.37
CA LEU D 32 21.83 -38.80 6.99
C LEU D 32 21.12 -39.78 6.07
N GLN D 33 21.39 -41.06 6.26
CA GLN D 33 20.66 -42.01 5.41
C GLN D 33 19.15 -41.91 5.60
N GLU D 34 18.70 -41.84 6.85
CA GLU D 34 17.27 -41.77 7.13
C GLU D 34 16.69 -40.45 6.64
N ALA D 35 17.43 -39.36 6.82
CA ALA D 35 16.98 -38.03 6.42
C ALA D 35 16.77 -37.91 4.93
N VAL D 36 17.61 -38.50 4.08
CA VAL D 36 17.41 -38.47 2.63
C VAL D 36 16.07 -39.10 2.29
N ASP D 37 15.75 -40.25 2.88
CA ASP D 37 14.46 -40.86 2.54
C ASP D 37 13.28 -40.04 3.07
N TYR D 38 13.39 -39.49 4.28
CA TYR D 38 12.38 -38.57 4.81
C TYR D 38 12.14 -37.40 3.86
N LEU D 39 13.21 -36.73 3.43
CA LEU D 39 13.13 -35.58 2.54
C LEU D 39 12.50 -35.93 1.21
N LYS D 40 12.84 -37.11 0.68
CA LYS D 40 12.32 -37.54 -0.62
C LYS D 40 10.83 -37.85 -0.55
N LYS D 41 10.28 -38.11 0.64
CA LYS D 41 8.86 -38.31 0.77
C LYS D 41 8.09 -37.01 0.97
N ILE D 42 8.77 -35.87 1.04
CA ILE D 42 7.96 -34.65 1.17
C ILE D 42 7.32 -34.28 -0.16
N PRO D 43 6.03 -33.94 -0.20
CA PRO D 43 5.44 -33.63 -1.50
C PRO D 43 5.99 -32.32 -2.06
N ALA D 44 5.97 -32.25 -3.38
CA ALA D 44 6.57 -31.11 -4.06
C ALA D 44 6.01 -29.79 -3.59
N GLU D 45 4.74 -29.82 -3.17
CA GLU D 45 4.10 -28.61 -2.68
C GLU D 45 4.76 -28.06 -1.42
N LYS D 46 5.53 -28.93 -0.75
CA LYS D 46 6.19 -28.56 0.49
C LYS D 46 7.71 -28.54 0.33
N ASN D 47 8.16 -28.60 -0.92
CA ASN D 47 9.61 -28.49 -1.19
C ASN D 47 9.90 -27.07 -1.69
N PHE D 48 10.75 -26.36 -0.96
CA PHE D 48 10.98 -24.95 -1.19
C PHE D 48 11.61 -24.72 -2.56
N ALA D 49 12.58 -25.54 -2.90
CA ALA D 49 13.27 -25.46 -4.16
C ALA D 49 12.29 -25.65 -5.32
N GLU D 50 11.45 -26.66 -5.21
CA GLU D 50 10.52 -26.98 -6.31
C GLU D 50 9.47 -25.92 -6.45
N LYS D 51 9.00 -25.35 -5.37
CA LYS D 51 7.97 -24.30 -5.45
C LYS D 51 8.57 -23.05 -6.05
N LEU D 52 9.84 -22.77 -5.77
CA LEU D 52 10.46 -21.63 -6.45
C LEU D 52 10.50 -21.81 -7.96
N VAL D 53 10.81 -23.03 -8.41
CA VAL D 53 10.81 -23.27 -9.88
C VAL D 53 9.45 -22.96 -10.49
N LEU D 54 8.41 -23.39 -9.79
CA LEU D 54 7.01 -23.14 -10.20
C LEU D 54 6.70 -21.66 -10.29
N ALA D 55 7.11 -20.92 -9.27
CA ALA D 55 6.86 -19.50 -9.24
C ALA D 55 7.51 -18.82 -10.44
N LYS D 56 8.74 -19.25 -10.70
CA LYS D 56 9.46 -18.71 -11.88
C LYS D 56 8.72 -19.03 -13.16
N LYS D 57 8.27 -20.28 -13.26
CA LYS D 57 7.58 -20.77 -14.45
C LYS D 57 6.28 -19.99 -14.68
N LYS D 58 5.61 -19.66 -13.58
CA LYS D 58 4.33 -18.97 -13.66
C LYS D 58 4.46 -17.45 -13.65
N GLY D 59 5.63 -16.90 -13.41
CA GLY D 59 5.80 -15.44 -13.43
C GLY D 59 5.05 -14.81 -12.26
N ILE D 60 5.00 -15.54 -11.17
CA ILE D 60 4.38 -15.15 -9.90
C ILE D 60 5.39 -14.68 -8.85
N THR D 61 5.03 -13.67 -8.08
CA THR D 61 5.80 -13.29 -6.89
C THR D 61 5.15 -13.95 -5.68
N MET D 62 5.92 -14.70 -4.90
CA MET D 62 5.35 -15.34 -3.73
C MET D 62 5.68 -14.60 -2.45
N ALA D 63 4.79 -14.59 -1.47
CA ALA D 63 4.93 -13.85 -0.22
C ALA D 63 5.32 -14.74 0.94
N GLN D 64 6.26 -14.26 1.77
CA GLN D 64 6.76 -15.01 2.89
C GLN D 64 6.96 -14.10 4.08
N PRO D 65 6.37 -14.40 5.25
CA PRO D 65 6.63 -13.60 6.45
C PRO D 65 7.88 -14.03 7.20
N ARG D 66 8.15 -13.30 8.26
CA ARG D 66 9.07 -13.67 9.32
C ARG D 66 8.26 -14.09 10.55
N ALA D 67 8.67 -15.13 11.27
CA ALA D 67 7.85 -15.58 12.40
C ALA D 67 8.57 -16.67 13.20
N GLY D 68 8.45 -16.53 14.52
CA GLY D 68 8.99 -17.60 15.36
C GLY D 68 8.81 -17.30 16.83
N VAL D 69 8.51 -18.37 17.59
CA VAL D 69 8.36 -18.26 19.04
C VAL D 69 9.00 -19.46 19.74
N ALA D 70 9.19 -19.36 21.06
CA ALA D 70 9.97 -20.33 21.79
C ALA D 70 9.38 -21.73 21.79
N LEU D 71 8.09 -21.89 22.01
CA LEU D 71 7.53 -23.21 22.28
C LEU D 71 6.95 -23.83 21.03
N LEU D 72 7.15 -25.14 20.95
CA LEU D 72 6.73 -25.90 19.80
C LEU D 72 5.28 -25.78 19.43
N ASP D 73 4.33 -26.06 20.32
CA ASP D 73 2.91 -25.98 19.94
C ASP D 73 2.49 -24.56 19.52
N GLU D 74 3.01 -23.57 20.21
CA GLU D 74 2.73 -22.17 19.95
C GLU D 74 3.27 -21.76 18.56
N HIS D 75 4.48 -22.24 18.28
CA HIS D 75 5.08 -21.95 16.97
C HIS D 75 4.28 -22.56 15.84
N ILE D 76 3.81 -23.81 15.99
CA ILE D 76 2.95 -24.47 15.02
C ILE D 76 1.64 -23.73 14.81
N GLU D 77 0.99 -23.29 15.89
CA GLU D 77 -0.26 -22.54 15.79
C GLU D 77 -0.04 -21.22 15.03
N LEU D 78 1.06 -20.56 15.36
CA LEU D 78 1.43 -19.34 14.66
C LEU D 78 1.58 -19.58 13.16
N LEU D 79 2.38 -20.58 12.76
CA LEU D 79 2.59 -20.80 11.33
C LEU D 79 1.32 -21.22 10.62
N ARG D 80 0.49 -22.04 11.28
CA ARG D 80 -0.79 -22.41 10.68
C ARG D 80 -1.68 -21.21 10.40
N TYR D 81 -1.65 -20.27 11.33
CA TYR D 81 -2.42 -19.04 11.17
C TYR D 81 -1.90 -18.21 10.01
N LEU D 82 -0.57 -18.09 9.88
CA LEU D 82 -0.01 -17.33 8.76
C LEU D 82 -0.35 -17.99 7.42
N GLN D 83 -0.36 -19.32 7.42
CA GLN D 83 -0.71 -20.10 6.24
C GLN D 83 -2.18 -19.89 5.87
N ASP D 84 -3.02 -20.10 6.89
CA ASP D 84 -4.44 -20.21 6.64
C ASP D 84 -5.13 -18.86 6.59
N GLU D 85 -4.98 -18.05 7.63
CA GLU D 85 -5.60 -16.72 7.66
C GLU D 85 -4.74 -15.72 6.88
N GLY D 86 -3.42 -15.84 6.88
CA GLY D 86 -2.60 -14.87 6.18
C GLY D 86 -2.49 -15.14 4.71
N GLY D 87 -2.59 -16.40 4.27
CA GLY D 87 -2.42 -16.72 2.87
C GLY D 87 -0.97 -16.82 2.41
N ALA D 88 -0.06 -17.05 3.37
CA ALA D 88 1.36 -17.14 3.01
C ALA D 88 1.60 -18.19 1.91
N ASP D 89 2.59 -17.92 1.07
CA ASP D 89 3.00 -18.84 0.03
C ASP D 89 4.17 -19.75 0.46
N PHE D 90 4.95 -19.22 1.39
CA PHE D 90 6.09 -19.91 1.99
C PHE D 90 6.12 -19.63 3.48
N LEU D 91 6.65 -20.55 4.30
CA LEU D 91 6.71 -20.33 5.71
C LEU D 91 8.17 -20.23 6.15
N PRO D 92 8.39 -19.31 7.08
CA PRO D 92 9.68 -19.24 7.74
C PRO D 92 9.67 -20.08 9.01
N SER D 93 10.83 -20.23 9.60
CA SER D 93 10.90 -20.29 11.06
C SER D 93 12.10 -19.42 11.43
N THR D 94 11.77 -18.29 12.06
CA THR D 94 12.80 -17.36 12.51
C THR D 94 13.41 -17.91 13.78
N ILE D 95 14.71 -18.13 13.73
CA ILE D 95 15.46 -18.75 14.81
C ILE D 95 15.86 -17.70 15.86
N ASP D 96 15.74 -18.04 17.14
CA ASP D 96 16.08 -17.06 18.18
C ASP D 96 17.53 -16.67 18.20
N ALA D 97 17.84 -15.51 18.78
CA ALA D 97 19.21 -14.99 18.73
C ALA D 97 20.20 -15.70 19.65
N TYR D 98 19.74 -16.44 20.67
CA TYR D 98 20.68 -17.27 21.46
C TYR D 98 21.24 -18.41 20.60
N THR D 99 20.34 -19.08 19.87
CA THR D 99 20.75 -20.13 18.94
C THR D 99 21.84 -19.65 18.01
N ARG D 100 21.69 -18.38 17.59
CA ARG D 100 22.57 -17.77 16.60
C ARG D 100 24.00 -17.60 17.09
N GLN D 101 24.18 -17.54 18.42
CA GLN D 101 25.50 -17.56 19.04
C GLN D 101 25.79 -18.92 19.66
N ASN D 102 25.06 -19.96 19.26
CA ASN D 102 25.32 -21.34 19.72
C ASN D 102 25.18 -21.42 21.25
N ARG D 103 24.35 -20.58 21.85
CA ARG D 103 24.09 -20.63 23.29
C ARG D 103 22.82 -21.39 23.65
N TYR D 104 22.89 -22.72 23.44
CA TYR D 104 21.76 -23.60 23.65
C TYR D 104 21.35 -23.69 25.13
N ASP D 105 22.30 -23.37 26.01
CA ASP D 105 21.91 -23.24 27.42
C ASP D 105 20.91 -22.12 27.65
N GLU D 106 21.19 -20.97 26.98
CA GLU D 106 20.26 -19.84 27.11
C GLU D 106 18.95 -20.08 26.39
N CYS D 107 19.00 -20.82 25.26
CA CYS D 107 17.74 -21.25 24.68
C CYS D 107 16.88 -22.07 25.65
N GLU D 108 17.54 -23.02 26.32
CA GLU D 108 16.82 -23.90 27.26
C GLU D 108 16.17 -23.09 28.37
N ASN D 109 16.97 -22.17 28.92
CA ASN D 109 16.39 -21.32 29.97
C ASN D 109 15.21 -20.53 29.45
N GLY D 110 15.35 -20.04 28.21
CA GLY D 110 14.29 -19.29 27.57
C GLY D 110 13.00 -20.04 27.37
N ILE D 111 13.13 -21.32 27.07
CA ILE D 111 11.98 -22.18 26.87
C ILE D 111 11.25 -22.31 28.21
N LYS D 112 12.09 -22.54 29.23
CA LYS D 112 11.45 -22.75 30.56
C LYS D 112 10.74 -21.49 31.02
N GLU D 113 11.35 -20.34 30.78
CA GLU D 113 10.71 -19.09 31.20
C GLU D 113 9.46 -18.78 30.41
N SER D 114 9.46 -19.17 29.13
CA SER D 114 8.31 -18.92 28.30
C SER D 114 7.14 -19.81 28.74
N GLU D 115 7.45 -21.02 29.17
CA GLU D 115 6.36 -21.92 29.59
C GLU D 115 5.66 -21.33 30.82
N LYS D 116 6.52 -20.89 31.72
CA LYS D 116 6.08 -20.30 32.99
C LYS D 116 5.39 -18.98 32.75
N ALA D 117 5.87 -18.17 31.80
CA ALA D 117 5.20 -16.90 31.55
C ALA D 117 3.93 -17.00 30.74
N GLY D 118 3.72 -18.10 30.00
CA GLY D 118 2.60 -18.14 29.09
C GLY D 118 2.73 -17.28 27.85
N ARG D 119 3.98 -16.93 27.52
CA ARG D 119 4.30 -16.11 26.37
C ARG D 119 5.78 -16.25 26.04
N SER D 120 6.12 -15.89 24.79
CA SER D 120 7.50 -16.19 24.40
C SER D 120 8.46 -15.14 24.94
N LEU D 121 9.47 -15.59 25.66
CA LEU D 121 10.52 -14.67 26.07
C LEU D 121 11.72 -14.74 25.11
N LEU D 122 11.65 -15.66 24.14
CA LEU D 122 12.60 -15.69 23.03
C LEU D 122 12.09 -14.95 21.80
N ASN D 123 13.02 -14.44 21.01
CA ASN D 123 12.65 -13.73 19.78
C ASN D 123 12.68 -14.63 18.54
N GLY D 124 12.54 -15.94 18.75
CA GLY D 124 12.47 -16.90 17.67
C GLY D 124 12.33 -18.33 18.20
N PHE D 125 12.40 -19.29 17.31
CA PHE D 125 12.27 -20.71 17.56
C PHE D 125 13.63 -21.35 17.72
N PRO D 126 13.89 -21.97 18.87
CA PRO D 126 15.18 -22.61 19.13
C PRO D 126 15.28 -23.99 18.53
N GLY D 127 15.57 -23.95 17.22
CA GLY D 127 15.55 -25.17 16.43
C GLY D 127 16.52 -26.25 16.84
N VAL D 128 17.73 -25.89 17.28
CA VAL D 128 18.68 -26.91 17.73
C VAL D 128 18.14 -27.57 18.99
N ASN D 129 17.59 -26.81 19.92
CA ASN D 129 17.05 -27.43 21.14
C ASN D 129 15.85 -28.31 20.87
N PHE D 130 14.97 -27.89 19.94
CA PHE D 130 13.79 -28.70 19.60
C PHE D 130 14.16 -29.94 18.81
N GLY D 131 15.30 -29.89 18.14
CA GLY D 131 15.86 -31.07 17.49
C GLY D 131 15.20 -31.42 16.18
N VAL D 132 15.68 -32.52 15.58
CA VAL D 132 15.00 -33.03 14.37
C VAL D 132 13.55 -33.38 14.66
N LYS D 133 13.29 -33.98 15.85
CA LYS D 133 11.91 -34.38 16.15
C LYS D 133 10.99 -33.16 16.18
N GLY D 134 11.40 -32.07 16.81
CA GLY D 134 10.54 -30.89 16.89
C GLY D 134 10.42 -30.24 15.51
N CYS D 135 11.52 -30.18 14.77
CA CYS D 135 11.50 -29.57 13.44
C CYS D 135 10.57 -30.32 12.50
N ARG D 136 10.55 -31.66 12.59
CA ARG D 136 9.62 -32.45 11.79
C ARG D 136 8.17 -32.24 12.22
N LYS D 137 7.93 -32.06 13.52
CA LYS D 137 6.56 -31.80 13.96
C LYS D 137 6.04 -30.53 13.28
N VAL D 138 6.93 -29.53 13.20
CA VAL D 138 6.53 -28.27 12.56
C VAL D 138 6.19 -28.52 11.11
N LEU D 139 7.09 -29.19 10.37
CA LEU D 139 6.86 -29.45 8.96
C LEU D 139 5.57 -30.25 8.73
N GLU D 140 5.37 -31.28 9.55
CA GLU D 140 4.21 -32.18 9.37
C GLU D 140 2.90 -31.46 9.69
N ALA D 141 2.94 -30.41 10.49
CA ALA D 141 1.75 -29.66 10.87
C ALA D 141 1.37 -28.59 9.85
N VAL D 142 2.23 -28.27 8.90
CA VAL D 142 1.92 -27.24 7.89
C VAL D 142 1.83 -27.82 6.49
N ASN D 143 1.36 -27.03 5.53
CA ASN D 143 1.11 -27.45 4.17
C ASN D 143 1.88 -26.65 3.11
N LEU D 144 2.91 -25.95 3.54
CA LEU D 144 3.76 -25.14 2.71
C LEU D 144 5.24 -25.49 2.96
N PRO D 145 6.09 -25.11 2.02
CA PRO D 145 7.53 -25.32 2.28
C PRO D 145 8.04 -24.46 3.44
N LEU D 146 9.05 -24.97 4.13
CA LEU D 146 9.62 -24.36 5.33
C LEU D 146 11.10 -24.02 5.14
N GLN D 147 11.47 -22.83 5.60
CA GLN D 147 12.84 -22.31 5.56
C GLN D 147 13.30 -21.73 6.90
N ALA D 148 14.53 -22.06 7.31
CA ALA D 148 15.12 -21.41 8.46
C ALA D 148 15.61 -20.03 8.07
N ARG D 149 15.16 -19.03 8.80
CA ARG D 149 15.54 -17.62 8.59
C ARG D 149 16.18 -17.16 9.89
N HIS D 150 17.38 -16.59 9.81
CA HIS D 150 18.13 -16.37 11.06
C HIS D 150 19.24 -15.37 10.88
N GLY D 151 20.46 -15.63 11.37
CA GLY D 151 21.57 -14.70 11.34
C GLY D 151 22.69 -15.27 12.19
N THR D 152 23.28 -16.34 11.70
CA THR D 152 24.14 -17.21 12.50
C THR D 152 25.49 -17.43 11.88
N PRO D 153 26.56 -16.87 12.48
CA PRO D 153 27.88 -17.12 11.91
C PRO D 153 28.31 -18.59 11.80
N ASP D 154 28.01 -19.41 12.80
CA ASP D 154 28.29 -20.83 12.80
C ASP D 154 26.97 -21.59 12.91
N SER D 155 26.44 -21.92 11.74
CA SER D 155 25.14 -22.50 11.50
C SER D 155 25.18 -23.99 11.16
N ARG D 156 26.34 -24.61 11.38
CA ARG D 156 26.54 -25.99 10.93
C ARG D 156 25.57 -26.95 11.55
N LEU D 157 25.51 -26.97 12.88
CA LEU D 157 24.56 -27.87 13.55
C LEU D 157 23.11 -27.52 13.26
N LEU D 158 22.79 -26.21 13.29
CA LEU D 158 21.43 -25.81 12.93
C LEU D 158 21.03 -26.33 11.56
N ALA D 159 21.91 -26.19 10.57
CA ALA D 159 21.64 -26.68 9.22
C ALA D 159 21.40 -28.19 9.22
N GLU D 160 22.25 -28.96 9.91
CA GLU D 160 22.04 -30.41 9.96
C GLU D 160 20.66 -30.75 10.49
N ILE D 161 20.26 -30.09 11.57
CA ILE D 161 18.98 -30.39 12.23
C ILE D 161 17.78 -29.93 11.41
N ILE D 162 17.81 -28.71 10.86
CA ILE D 162 16.61 -28.25 10.12
C ILE D 162 16.41 -28.99 8.80
N HIS D 163 17.49 -29.36 8.12
CA HIS D 163 17.37 -30.12 6.87
C HIS D 163 16.93 -31.53 7.17
N ALA D 164 17.49 -32.22 8.17
CA ALA D 164 17.01 -33.54 8.55
C ALA D 164 15.57 -33.43 9.05
N GLY D 165 15.20 -32.25 9.51
CA GLY D 165 13.89 -31.89 9.93
C GLY D 165 12.89 -31.66 8.82
N GLY D 166 13.31 -31.73 7.58
CA GLY D 166 12.49 -31.55 6.43
C GLY D 166 12.25 -30.13 5.98
N TRP D 167 13.03 -29.19 6.51
CA TRP D 167 13.01 -27.80 6.05
C TRP D 167 13.91 -27.72 4.84
N THR D 168 13.34 -27.31 3.71
CA THR D 168 13.99 -27.48 2.43
C THR D 168 14.56 -26.18 1.86
N SER D 169 14.86 -25.28 2.78
CA SER D 169 15.66 -24.10 2.50
C SER D 169 16.36 -23.62 3.78
N ASN D 170 17.55 -23.07 3.58
CA ASN D 170 18.33 -22.41 4.62
C ASN D 170 18.82 -21.06 4.10
N GLU D 171 18.50 -20.00 4.85
CA GLU D 171 18.95 -18.66 4.55
C GLU D 171 20.35 -18.43 5.10
N GLY D 172 21.16 -17.61 4.43
CA GLY D 172 22.42 -17.18 4.98
C GLY D 172 23.63 -17.29 4.09
N GLY D 173 24.79 -16.91 4.62
CA GLY D 173 26.07 -16.94 3.90
C GLY D 173 27.18 -16.48 4.84
N GLY D 174 28.42 -16.74 4.41
CA GLY D 174 29.51 -16.45 5.35
C GLY D 174 29.83 -14.98 5.48
N ILE D 175 29.32 -14.16 4.59
CA ILE D 175 29.44 -12.71 4.75
C ILE D 175 28.17 -12.18 5.41
N SER D 176 27.01 -12.52 4.84
CA SER D 176 25.76 -11.88 5.20
C SER D 176 25.27 -12.31 6.58
N TYR D 177 25.68 -13.48 7.06
CA TYR D 177 25.34 -13.95 8.40
C TYR D 177 26.53 -13.85 9.35
N ASN D 178 27.50 -13.00 8.96
CA ASN D 178 28.54 -12.57 9.90
C ASN D 178 28.43 -11.07 10.10
N VAL D 179 28.83 -10.28 9.10
CA VAL D 179 29.08 -8.84 9.28
C VAL D 179 27.90 -8.11 9.88
N PRO D 180 26.64 -8.33 9.50
CA PRO D 180 25.54 -7.64 10.16
C PRO D 180 25.18 -8.14 11.55
N TYR D 181 25.69 -9.31 11.96
CA TYR D 181 25.19 -10.06 13.09
C TYR D 181 26.21 -10.36 14.19
N ALA D 182 27.46 -10.08 13.94
CA ALA D 182 28.54 -10.47 14.83
C ALA D 182 29.59 -9.36 14.95
N LYS D 183 30.29 -9.37 16.09
CA LYS D 183 31.37 -8.48 16.32
C LYS D 183 32.74 -9.14 16.20
N ASN D 184 32.86 -10.37 16.67
CA ASN D 184 34.18 -10.96 16.86
C ASN D 184 34.48 -12.23 16.07
N VAL D 185 33.73 -12.54 15.02
CA VAL D 185 33.96 -13.75 14.24
C VAL D 185 34.75 -13.38 13.00
N THR D 186 35.88 -14.02 12.70
CA THR D 186 36.63 -13.67 11.51
C THR D 186 35.85 -14.03 10.24
N ILE D 187 36.17 -13.32 9.19
CA ILE D 187 35.52 -13.58 7.89
C ILE D 187 35.92 -14.96 7.42
N GLU D 188 37.20 -15.30 7.65
CA GLU D 188 37.66 -16.63 7.24
C GLU D 188 36.87 -17.71 7.96
N LYS D 189 36.62 -17.57 9.26
CA LYS D 189 35.91 -18.62 9.99
C LYS D 189 34.45 -18.76 9.55
N SER D 190 33.76 -17.64 9.34
CA SER D 190 32.36 -17.74 8.89
C SER D 190 32.29 -18.27 7.45
N LEU D 191 33.23 -17.90 6.59
CA LEU D 191 33.27 -18.48 5.24
C LEU D 191 33.47 -19.99 5.33
N LEU D 192 34.40 -20.44 6.18
CA LEU D 192 34.59 -21.88 6.35
C LEU D 192 33.34 -22.58 6.87
N ASP D 193 32.67 -21.95 7.85
CA ASP D 193 31.51 -22.63 8.44
C ASP D 193 30.34 -22.57 7.45
N TRP D 194 30.26 -21.54 6.60
CA TRP D 194 29.18 -21.54 5.60
C TRP D 194 29.51 -22.47 4.43
N GLN D 195 30.79 -22.77 4.15
CA GLN D 195 31.11 -23.84 3.20
C GLN D 195 30.51 -25.15 3.70
N TYR D 196 30.53 -25.41 5.00
CA TYR D 196 29.89 -26.61 5.53
C TYR D 196 28.42 -26.60 5.16
N CYS D 197 27.72 -25.52 5.46
CA CYS D 197 26.30 -25.45 5.24
C CYS D 197 25.94 -25.64 3.76
N ASP D 198 26.72 -25.03 2.88
CA ASP D 198 26.60 -25.23 1.44
C ASP D 198 26.93 -26.65 1.01
N ARG D 199 28.00 -27.23 1.58
CA ARG D 199 28.43 -28.59 1.25
C ARG D 199 27.40 -29.63 1.67
N LEU D 200 26.66 -29.38 2.74
CA LEU D 200 25.59 -30.27 3.17
C LEU D 200 24.46 -30.29 2.14
N VAL D 201 24.10 -29.08 1.69
CA VAL D 201 23.13 -29.02 0.60
C VAL D 201 23.71 -29.68 -0.65
N GLY D 202 24.99 -29.53 -0.93
CA GLY D 202 25.63 -30.24 -2.05
C GLY D 202 25.53 -31.75 -1.95
N PHE D 203 25.73 -32.26 -0.75
CA PHE D 203 25.51 -33.68 -0.46
C PHE D 203 24.09 -34.09 -0.84
N TYR D 204 23.10 -33.35 -0.30
CA TYR D 204 21.70 -33.71 -0.49
C TYR D 204 21.38 -33.69 -1.99
N GLU D 205 21.84 -32.67 -2.70
CA GLU D 205 21.56 -32.59 -4.12
C GLU D 205 22.19 -33.78 -4.87
N GLU D 206 23.36 -34.22 -4.43
CA GLU D 206 23.99 -35.38 -5.05
C GLU D 206 23.13 -36.64 -4.84
N GLN D 207 22.25 -36.66 -3.83
CA GLN D 207 21.36 -37.79 -3.62
C GLN D 207 20.02 -37.53 -4.33
N GLY D 208 19.88 -36.45 -5.06
CA GLY D 208 18.63 -36.12 -5.71
C GLY D 208 17.63 -35.40 -4.82
N VAL D 209 18.09 -34.88 -3.68
CA VAL D 209 17.23 -34.09 -2.80
C VAL D 209 17.47 -32.59 -3.05
N HIS D 210 16.41 -31.85 -3.37
CA HIS D 210 16.55 -30.43 -3.76
C HIS D 210 16.26 -29.53 -2.57
N ILE D 211 17.23 -28.68 -2.25
CA ILE D 211 17.17 -27.78 -1.09
C ILE D 211 17.66 -26.41 -1.53
N ASN D 212 16.91 -25.37 -1.27
CA ASN D 212 17.28 -24.01 -1.66
C ASN D 212 18.18 -23.35 -0.63
N ARG D 213 19.04 -22.48 -1.14
CA ARG D 213 19.87 -21.62 -0.30
C ARG D 213 19.62 -20.17 -0.68
N GLU D 214 19.48 -19.32 0.33
CA GLU D 214 19.24 -17.88 0.16
C GLU D 214 20.25 -17.01 0.87
N PRO D 215 21.26 -16.50 0.18
CA PRO D 215 22.12 -15.44 0.76
C PRO D 215 21.23 -14.29 1.25
N PHE D 216 21.61 -13.69 2.35
CA PHE D 216 20.84 -12.63 3.01
C PHE D 216 21.17 -11.26 2.45
N GLY D 217 20.38 -10.78 1.49
CA GLY D 217 20.72 -9.58 0.76
C GLY D 217 20.78 -8.28 1.55
N PRO D 218 19.75 -7.96 2.33
CA PRO D 218 19.70 -6.65 3.01
C PRO D 218 20.84 -6.30 3.99
N LEU D 219 21.59 -7.25 4.48
CA LEU D 219 22.71 -7.01 5.41
C LEU D 219 22.23 -6.21 6.61
N THR D 220 22.75 -5.01 6.86
CA THR D 220 22.35 -4.23 8.01
C THR D 220 21.02 -3.49 7.82
N GLY D 221 20.43 -3.58 6.63
CA GLY D 221 19.15 -2.99 6.35
C GLY D 221 19.11 -1.49 6.32
N THR D 222 20.30 -0.87 6.32
CA THR D 222 20.41 0.56 6.53
C THR D 222 21.30 1.22 5.46
N LEU D 223 20.60 1.73 4.44
CA LEU D 223 21.20 2.48 3.34
C LEU D 223 22.36 1.75 2.67
N VAL D 224 22.17 0.47 2.37
CA VAL D 224 23.25 -0.28 1.71
C VAL D 224 23.21 -0.04 0.22
N PRO D 225 24.24 0.52 -0.40
CA PRO D 225 24.19 0.75 -1.88
C PRO D 225 24.01 -0.56 -2.63
N PRO D 226 23.16 -0.57 -3.65
CA PRO D 226 22.94 -1.78 -4.43
C PRO D 226 24.18 -2.51 -4.87
N SER D 227 25.18 -1.78 -5.34
CA SER D 227 26.38 -2.46 -5.86
C SER D 227 27.12 -3.21 -4.75
N MET D 228 27.12 -2.69 -3.53
CA MET D 228 27.84 -3.40 -2.46
C MET D 228 27.05 -4.64 -2.05
N SER D 229 25.73 -4.45 -1.89
CA SER D 229 24.82 -5.54 -1.55
C SER D 229 24.91 -6.67 -2.55
N ASN D 230 24.86 -6.31 -3.84
CA ASN D 230 24.86 -7.30 -4.93
C ASN D 230 26.20 -8.03 -5.00
N ALA D 231 27.28 -7.31 -4.71
CA ALA D 231 28.60 -7.94 -4.72
C ALA D 231 28.64 -9.04 -3.68
N VAL D 232 28.05 -8.78 -2.51
CA VAL D 232 27.99 -9.81 -1.47
C VAL D 232 27.18 -11.03 -1.92
N GLY D 233 26.00 -10.80 -2.47
CA GLY D 233 25.13 -11.91 -2.90
C GLY D 233 25.69 -12.70 -4.04
N ILE D 234 26.30 -12.05 -5.03
CA ILE D 234 26.94 -12.80 -6.11
C ILE D 234 28.08 -13.64 -5.56
N THR D 235 28.86 -13.05 -4.66
CA THR D 235 29.94 -13.84 -4.02
C THR D 235 29.42 -15.07 -3.29
N GLU D 236 28.37 -14.88 -2.49
CA GLU D 236 27.82 -15.99 -1.71
C GLU D 236 27.21 -17.01 -2.65
N ALA D 237 26.59 -16.60 -3.74
CA ALA D 237 26.09 -17.57 -4.72
C ALA D 237 27.20 -18.41 -5.33
N LEU D 238 28.29 -17.77 -5.72
CA LEU D 238 29.46 -18.46 -6.25
C LEU D 238 30.09 -19.39 -5.24
N LEU D 239 30.24 -18.97 -4.00
CA LEU D 239 30.84 -19.86 -2.98
C LEU D 239 29.95 -21.05 -2.69
N ALA D 240 28.63 -20.86 -2.77
CA ALA D 240 27.70 -21.97 -2.56
C ALA D 240 27.76 -22.97 -3.72
N ALA D 241 27.80 -22.41 -4.93
CA ALA D 241 27.79 -23.25 -6.12
C ALA D 241 29.01 -24.17 -6.11
N GLU D 242 30.14 -23.65 -5.64
CA GLU D 242 31.35 -24.50 -5.63
C GLU D 242 31.19 -25.69 -4.71
N GLN D 243 30.36 -25.62 -3.68
CA GLN D 243 30.16 -26.71 -2.75
C GLN D 243 29.03 -27.64 -3.21
N GLY D 244 28.41 -27.34 -4.35
CA GLY D 244 27.43 -28.17 -4.99
C GLY D 244 25.99 -27.75 -4.88
N VAL D 245 25.75 -26.54 -4.38
CA VAL D 245 24.40 -26.01 -4.31
C VAL D 245 23.85 -25.72 -5.70
N LYS D 246 22.57 -26.07 -5.94
CA LYS D 246 21.99 -25.96 -7.27
C LYS D 246 20.74 -25.10 -7.38
N ASN D 247 20.18 -24.71 -6.24
CA ASN D 247 18.98 -23.85 -6.20
C ASN D 247 19.23 -22.71 -5.23
N ILE D 248 19.37 -21.51 -5.81
CA ILE D 248 19.81 -20.33 -5.05
C ILE D 248 18.88 -19.15 -5.26
N THR D 249 18.47 -18.53 -4.16
CA THR D 249 17.69 -17.29 -4.23
C THR D 249 18.58 -16.15 -3.78
N VAL D 250 18.94 -15.25 -4.67
CA VAL D 250 19.74 -14.09 -4.24
C VAL D 250 18.77 -12.98 -3.81
N GLY D 251 19.14 -12.22 -2.79
CA GLY D 251 18.29 -11.20 -2.26
C GLY D 251 18.76 -9.76 -2.32
N TYR D 252 17.79 -8.87 -2.15
CA TYR D 252 18.03 -7.42 -2.16
C TYR D 252 17.01 -6.76 -1.22
N GLY D 253 17.56 -5.82 -0.44
CA GLY D 253 16.73 -5.01 0.41
C GLY D 253 16.36 -3.68 -0.23
N GLU D 254 15.05 -3.39 -0.21
CA GLU D 254 14.53 -2.14 -0.71
C GLU D 254 15.33 -0.92 -0.27
N CYS D 255 15.71 -0.08 -1.23
CA CYS D 255 16.21 1.26 -0.88
C CYS D 255 15.11 2.33 -1.04
N GLY D 256 14.12 2.19 -1.92
CA GLY D 256 12.94 3.03 -1.92
C GLY D 256 12.70 3.77 -3.22
N ASN D 257 13.75 4.06 -3.97
CA ASN D 257 13.56 4.59 -5.31
C ASN D 257 13.24 3.42 -6.24
N MET D 258 12.04 3.44 -6.83
CA MET D 258 11.57 2.31 -7.61
C MET D 258 12.51 1.94 -8.73
N ILE D 259 12.98 2.90 -9.51
CA ILE D 259 13.90 2.56 -10.59
C ILE D 259 15.21 2.04 -10.06
N GLN D 260 15.75 2.59 -8.98
CA GLN D 260 16.98 2.05 -8.42
C GLN D 260 16.81 0.60 -7.96
N ASP D 261 15.69 0.36 -7.30
CA ASP D 261 15.44 -0.95 -6.72
C ASP D 261 15.21 -2.01 -7.80
N ILE D 262 14.47 -1.63 -8.85
CA ILE D 262 14.27 -2.59 -9.96
C ILE D 262 15.59 -2.81 -10.68
N ALA D 263 16.36 -1.75 -10.89
CA ALA D 263 17.68 -1.89 -11.47
C ALA D 263 18.52 -2.86 -10.63
N ALA D 264 18.49 -2.68 -9.31
CA ALA D 264 19.28 -3.48 -8.41
C ALA D 264 18.94 -4.95 -8.50
N LEU D 265 17.64 -5.25 -8.47
CA LEU D 265 17.24 -6.67 -8.50
C LEU D 265 17.51 -7.29 -9.87
N ARG D 266 17.32 -6.53 -10.92
CA ARG D 266 17.63 -7.09 -12.25
C ARG D 266 19.10 -7.32 -12.42
N CYS D 267 19.91 -6.36 -11.98
CA CYS D 267 21.35 -6.53 -12.09
C CYS D 267 21.84 -7.73 -11.29
N LEU D 268 21.27 -7.84 -10.07
CA LEU D 268 21.62 -8.92 -9.19
C LEU D 268 21.38 -10.27 -9.87
N GLU D 269 20.19 -10.45 -10.43
CA GLU D 269 19.87 -11.71 -11.08
C GLU D 269 20.74 -11.91 -12.34
N GLU D 270 20.83 -10.87 -13.17
CA GLU D 270 21.62 -11.03 -14.41
C GLU D 270 23.08 -11.33 -14.11
N GLN D 271 23.68 -10.60 -13.18
CA GLN D 271 25.11 -10.82 -12.92
C GLN D 271 25.33 -12.10 -12.13
N THR D 272 24.37 -12.51 -11.29
CA THR D 272 24.51 -13.80 -10.63
C THR D 272 24.62 -14.90 -11.69
N ASN D 273 23.67 -14.91 -12.63
CA ASN D 273 23.68 -15.92 -13.66
C ASN D 273 24.96 -15.79 -14.50
N GLU D 274 25.35 -14.59 -14.88
CA GLU D 274 26.54 -14.38 -15.69
C GLU D 274 27.78 -14.93 -15.01
N TYR D 275 27.95 -14.61 -13.72
CA TYR D 275 29.13 -15.07 -12.98
C TYR D 275 29.12 -16.59 -12.78
N LEU D 276 27.96 -17.14 -12.43
CA LEU D 276 27.88 -18.60 -12.30
C LEU D 276 28.33 -19.26 -13.61
N LYS D 277 27.79 -18.81 -14.73
CA LYS D 277 28.16 -19.46 -16.00
C LYS D 277 29.62 -19.24 -16.36
N ALA D 278 30.12 -18.03 -16.11
CA ALA D 278 31.51 -17.71 -16.43
C ALA D 278 32.46 -18.59 -15.65
N TYR D 279 32.09 -19.07 -14.46
CA TYR D 279 32.96 -19.89 -13.61
C TYR D 279 32.57 -21.35 -13.76
N GLY D 280 31.73 -21.66 -14.73
CA GLY D 280 31.43 -23.01 -15.11
C GLY D 280 30.35 -23.72 -14.33
N TYR D 281 29.56 -22.96 -13.58
CA TYR D 281 28.43 -23.53 -12.87
C TYR D 281 27.20 -23.36 -13.75
N ASN D 282 26.86 -24.41 -14.49
CA ASN D 282 25.93 -24.27 -15.59
C ASN D 282 24.58 -24.91 -15.30
N ASP D 283 24.38 -25.43 -14.10
CA ASP D 283 23.14 -26.08 -13.76
C ASP D 283 22.49 -25.51 -12.50
N VAL D 284 22.65 -24.21 -12.27
CA VAL D 284 22.12 -23.61 -11.05
C VAL D 284 20.86 -22.83 -11.36
N PHE D 285 19.81 -23.09 -10.62
CA PHE D 285 18.54 -22.41 -10.79
C PHE D 285 18.47 -21.22 -9.82
N VAL D 286 18.48 -20.02 -10.42
CA VAL D 286 18.53 -18.76 -9.69
C VAL D 286 17.16 -18.07 -9.66
N THR D 287 16.76 -17.65 -8.47
CA THR D 287 15.54 -16.87 -8.22
C THR D 287 15.95 -15.66 -7.38
N THR D 288 14.99 -14.75 -7.19
CA THR D 288 15.26 -13.52 -6.46
C THR D 288 14.26 -13.34 -5.35
N VAL D 289 14.70 -12.60 -4.33
CA VAL D 289 13.88 -12.23 -3.18
C VAL D 289 14.10 -10.74 -2.93
N PHE D 290 13.01 -10.03 -2.84
CA PHE D 290 12.95 -8.62 -2.52
C PHE D 290 12.42 -8.45 -1.11
N HIS D 291 13.23 -7.82 -0.28
CA HIS D 291 12.75 -7.57 1.10
C HIS D 291 12.18 -6.16 1.22
N GLN D 292 10.91 -6.13 1.69
CA GLN D 292 10.33 -4.85 2.02
C GLN D 292 11.20 -4.14 3.07
N TRP D 293 11.22 -2.83 2.92
CA TRP D 293 11.98 -1.85 3.71
C TRP D 293 12.47 -2.41 5.04
N MET D 294 13.78 -2.56 5.13
CA MET D 294 14.45 -3.16 6.27
C MET D 294 14.98 -2.17 7.29
N GLY D 295 14.76 -0.88 7.07
CA GLY D 295 15.17 0.15 8.02
C GLY D 295 14.04 0.47 8.99
N GLY D 296 14.21 1.53 9.79
CA GLY D 296 13.12 1.81 10.72
C GLY D 296 11.76 2.11 10.12
N PHE D 297 10.68 1.61 10.73
CA PHE D 297 9.32 1.88 10.29
C PHE D 297 8.67 3.01 11.09
N PRO D 298 7.63 3.59 10.52
CA PRO D 298 6.78 4.46 11.34
C PRO D 298 5.96 3.67 12.31
N GLN D 299 5.62 4.28 13.46
CA GLN D 299 4.82 3.56 14.45
C GLN D 299 3.36 3.46 14.09
N ASP D 300 2.90 4.49 13.35
CA ASP D 300 1.50 4.51 12.96
C ASP D 300 1.21 3.35 12.02
N GLU D 301 0.24 2.51 12.34
CA GLU D 301 -0.02 1.31 11.55
C GLU D 301 -0.50 1.61 10.13
N SER D 302 -1.28 2.68 9.93
CA SER D 302 -1.71 3.07 8.59
C SER D 302 -0.53 3.50 7.74
N LYS D 303 0.37 4.31 8.31
CA LYS D 303 1.63 4.62 7.64
C LYS D 303 2.46 3.37 7.35
N ALA D 304 2.51 2.42 8.28
CA ALA D 304 3.22 1.17 8.02
C ALA D 304 2.70 0.45 6.77
N PHE D 305 1.37 0.41 6.60
CA PHE D 305 0.82 -0.17 5.36
C PHE D 305 1.28 0.58 4.11
N GLY D 306 1.44 1.89 4.26
CA GLY D 306 2.01 2.68 3.20
C GLY D 306 3.34 2.14 2.72
N VAL D 307 4.19 1.78 3.66
CA VAL D 307 5.51 1.25 3.35
C VAL D 307 5.43 -0.18 2.84
N ILE D 308 4.67 -1.03 3.52
CA ILE D 308 4.50 -2.42 3.10
C ILE D 308 4.05 -2.50 1.66
N VAL D 309 3.05 -1.71 1.28
CA VAL D 309 2.44 -1.93 -0.03
C VAL D 309 3.18 -1.20 -1.14
N THR D 310 3.78 -0.04 -0.86
CA THR D 310 4.66 0.55 -1.88
C THR D 310 5.83 -0.42 -2.14
N ALA D 311 6.41 -0.97 -1.09
CA ALA D 311 7.52 -1.93 -1.23
C ALA D 311 7.09 -3.11 -2.08
N THR D 312 5.89 -3.61 -1.87
CA THR D 312 5.38 -4.75 -2.62
C THR D 312 5.21 -4.41 -4.10
N THR D 313 4.77 -3.17 -4.40
CA THR D 313 4.57 -2.73 -5.77
C THR D 313 5.88 -2.80 -6.54
N ILE D 314 6.95 -2.32 -5.87
CA ILE D 314 8.30 -2.33 -6.43
C ILE D 314 8.72 -3.77 -6.68
N ALA D 315 8.51 -4.67 -5.71
CA ALA D 315 8.83 -6.09 -5.88
C ALA D 315 8.12 -6.70 -7.08
N ALA D 316 6.82 -6.43 -7.18
CA ALA D 316 5.98 -6.96 -8.25
C ALA D 316 6.49 -6.54 -9.61
N LEU D 317 6.69 -5.24 -9.78
CA LEU D 317 7.14 -4.67 -11.07
C LEU D 317 8.57 -5.06 -11.41
N ALA D 318 9.37 -5.35 -10.39
CA ALA D 318 10.71 -5.89 -10.60
C ALA D 318 10.69 -7.33 -11.06
N GLY D 319 9.62 -8.09 -10.92
CA GLY D 319 9.62 -9.49 -11.26
C GLY D 319 10.28 -10.36 -10.20
N ALA D 320 10.24 -9.92 -8.92
CA ALA D 320 10.84 -10.73 -7.86
C ALA D 320 10.18 -12.09 -7.73
N THR D 321 10.95 -13.14 -7.49
CA THR D 321 10.34 -14.44 -7.28
C THR D 321 9.63 -14.50 -5.93
N LYS D 322 10.18 -13.82 -4.94
CA LYS D 322 9.69 -13.85 -3.57
C LYS D 322 9.77 -12.45 -2.94
N VAL D 323 8.86 -12.18 -2.01
CA VAL D 323 8.93 -10.88 -1.30
C VAL D 323 8.73 -11.19 0.19
N ILE D 324 9.55 -10.57 1.03
CA ILE D 324 9.49 -10.81 2.47
C ILE D 324 8.63 -9.73 3.11
N VAL D 325 7.61 -10.14 3.85
CA VAL D 325 6.57 -9.28 4.40
C VAL D 325 6.96 -8.68 5.76
N LYS D 326 6.79 -7.37 5.83
CA LYS D 326 6.77 -6.57 7.03
C LYS D 326 5.35 -6.40 7.53
N THR D 327 5.21 -5.98 8.81
CA THR D 327 3.92 -5.86 9.47
C THR D 327 3.70 -4.49 10.10
N PRO D 328 2.44 -4.13 10.36
CA PRO D 328 2.15 -2.87 11.04
C PRO D 328 2.75 -2.72 12.43
N HIS D 329 3.17 -3.77 13.07
CA HIS D 329 3.92 -3.74 14.33
C HIS D 329 5.42 -3.57 14.21
N GLU D 330 5.97 -3.41 13.01
CA GLU D 330 7.43 -3.37 12.85
C GLU D 330 8.16 -2.43 13.77
N ALA D 331 7.64 -1.21 14.00
CA ALA D 331 8.40 -0.26 14.83
C ALA D 331 8.43 -0.65 16.32
N ILE D 332 7.51 -1.50 16.74
CA ILE D 332 7.26 -1.74 18.16
C ILE D 332 7.75 -3.08 18.69
N GLY D 333 7.38 -4.17 18.03
CA GLY D 333 7.75 -5.48 18.51
C GLY D 333 7.32 -6.61 17.56
N ILE D 334 7.83 -7.81 17.89
CA ILE D 334 7.48 -8.99 17.06
C ILE D 334 5.98 -9.06 16.93
N PRO D 335 5.50 -9.13 15.70
CA PRO D 335 4.05 -9.09 15.48
C PRO D 335 3.32 -10.27 16.09
N THR D 336 2.10 -9.94 16.51
CA THR D 336 1.11 -10.95 16.77
C THR D 336 0.80 -11.67 15.47
N LYS D 337 0.21 -12.86 15.62
CA LYS D 337 -0.25 -13.60 14.46
C LYS D 337 -1.19 -12.74 13.62
N GLU D 338 -2.06 -11.94 14.27
CA GLU D 338 -3.01 -11.10 13.54
C GLU D 338 -2.29 -9.98 12.80
N ALA D 339 -1.31 -9.31 13.42
CA ALA D 339 -0.58 -8.24 12.70
C ALA D 339 0.23 -8.79 11.53
N ASN D 340 0.79 -10.00 11.72
CA ASN D 340 1.54 -10.66 10.65
C ASN D 340 0.59 -11.03 9.51
N ALA D 341 -0.54 -11.67 9.77
CA ALA D 341 -1.53 -11.98 8.75
C ALA D 341 -1.97 -10.71 8.03
N ALA D 342 -2.09 -9.63 8.76
CA ALA D 342 -2.49 -8.37 8.13
C ALA D 342 -1.45 -7.94 7.10
N GLY D 343 -0.17 -7.98 7.47
CA GLY D 343 0.86 -7.63 6.51
C GLY D 343 0.87 -8.57 5.30
N ILE D 344 0.71 -9.86 5.51
CA ILE D 344 0.69 -10.80 4.40
C ILE D 344 -0.50 -10.55 3.48
N LYS D 345 -1.69 -10.31 4.04
CA LYS D 345 -2.91 -10.02 3.25
C LYS D 345 -2.73 -8.76 2.40
N ALA D 346 -2.15 -7.70 2.97
CA ALA D 346 -1.93 -6.45 2.22
C ALA D 346 -0.94 -6.69 1.08
N THR D 347 0.11 -7.47 1.39
CA THR D 347 1.09 -7.82 0.38
C THR D 347 0.55 -8.61 -0.77
N LYS D 348 -0.15 -9.69 -0.44
CA LYS D 348 -0.74 -10.50 -1.49
C LYS D 348 -1.81 -9.76 -2.28
N MET D 349 -2.60 -8.92 -1.62
CA MET D 349 -3.55 -8.11 -2.38
C MET D 349 -2.84 -7.25 -3.42
N ALA D 350 -1.77 -6.59 -2.99
CA ALA D 350 -1.01 -5.77 -3.90
C ALA D 350 -0.45 -6.59 -5.06
N LEU D 351 0.09 -7.76 -4.77
CA LEU D 351 0.64 -8.62 -5.81
C LEU D 351 -0.44 -8.99 -6.82
N ASN D 352 -1.61 -9.36 -6.28
CA ASN D 352 -2.69 -9.79 -7.17
C ASN D 352 -3.31 -8.61 -7.92
N MET D 353 -3.21 -7.42 -7.38
CA MET D 353 -3.65 -6.21 -8.07
C MET D 353 -2.70 -5.82 -9.22
N LEU D 354 -1.52 -6.45 -9.26
CA LEU D 354 -0.50 -6.15 -10.24
C LEU D 354 -0.11 -7.38 -11.07
N GLU D 355 -0.96 -8.38 -11.11
CA GLU D 355 -0.69 -9.64 -11.75
C GLU D 355 -0.10 -9.49 -13.14
N GLY D 356 1.09 -10.02 -13.35
CA GLY D 356 1.76 -9.98 -14.64
C GLY D 356 2.39 -8.69 -15.04
N GLN D 357 2.18 -7.62 -14.31
CA GLN D 357 2.76 -6.33 -14.66
C GLN D 357 4.25 -6.25 -14.27
N ARG D 358 5.00 -5.71 -15.22
CA ARG D 358 6.45 -5.50 -15.09
C ARG D 358 6.80 -4.09 -15.50
N MET D 359 7.81 -3.53 -14.80
CA MET D 359 8.36 -2.24 -15.26
C MET D 359 9.00 -2.43 -16.64
N PRO D 360 8.54 -1.68 -17.65
CA PRO D 360 9.18 -1.74 -18.96
C PRO D 360 10.51 -0.99 -18.94
N MET D 361 11.30 -1.30 -19.99
CA MET D 361 12.63 -0.71 -20.10
C MET D 361 12.48 0.77 -20.46
N SER D 362 13.37 1.56 -19.86
CA SER D 362 13.52 2.96 -20.19
C SER D 362 15.01 3.36 -20.16
N LYS D 363 15.23 4.58 -20.68
CA LYS D 363 16.60 5.07 -20.63
C LYS D 363 17.04 5.23 -19.18
N GLU D 364 16.18 5.71 -18.34
CA GLU D 364 16.55 5.86 -16.92
C GLU D 364 17.01 4.58 -16.27
N LEU D 365 16.37 3.46 -16.44
CA LEU D 365 16.50 2.13 -15.94
C LEU D 365 17.80 1.61 -16.57
N GLU D 366 17.94 1.80 -17.89
CA GLU D 366 19.16 1.29 -18.54
C GLU D 366 20.41 1.93 -17.93
N THR D 367 20.32 3.22 -17.70
CA THR D 367 21.42 4.01 -17.14
C THR D 367 21.77 3.50 -15.74
N GLU D 368 20.73 3.32 -14.90
CA GLU D 368 20.99 2.88 -13.52
C GLU D 368 21.53 1.45 -13.49
N MET D 369 21.01 0.58 -14.36
CA MET D 369 21.56 -0.76 -14.46
C MET D 369 23.04 -0.72 -14.84
N ALA D 370 23.37 0.14 -15.80
CA ALA D 370 24.79 0.21 -16.21
C ALA D 370 25.66 0.68 -15.05
N VAL D 371 25.19 1.63 -14.26
CA VAL D 371 25.95 2.10 -13.09
C VAL D 371 26.15 0.97 -12.10
N ILE D 372 25.07 0.28 -11.75
CA ILE D 372 25.15 -0.78 -10.74
C ILE D 372 26.04 -1.92 -11.25
N LYS D 373 25.90 -2.36 -12.49
CA LYS D 373 26.78 -3.44 -12.95
C LYS D 373 28.24 -3.02 -12.93
N ALA D 374 28.54 -1.78 -13.30
CA ALA D 374 29.94 -1.33 -13.30
C ALA D 374 30.53 -1.20 -11.92
N GLU D 375 29.78 -0.63 -10.98
CA GLU D 375 30.23 -0.60 -9.61
C GLU D 375 30.46 -1.98 -9.04
N THR D 376 29.49 -2.87 -9.26
CA THR D 376 29.59 -4.24 -8.76
C THR D 376 30.81 -4.94 -9.31
N LYS D 377 31.01 -4.82 -10.62
CA LYS D 377 32.13 -5.49 -11.28
C LYS D 377 33.47 -5.00 -10.75
N CYS D 378 33.53 -3.71 -10.47
CA CYS D 378 34.72 -3.15 -9.89
C CYS D 378 35.13 -3.82 -8.59
N ILE D 379 34.15 -4.05 -7.70
CA ILE D 379 34.34 -4.71 -6.42
C ILE D 379 34.71 -6.16 -6.61
N LEU D 380 33.96 -6.90 -7.44
CA LEU D 380 34.27 -8.31 -7.68
C LEU D 380 35.63 -8.47 -8.35
N ASP D 381 35.93 -7.64 -9.35
CA ASP D 381 37.26 -7.70 -10.00
C ASP D 381 38.39 -7.60 -8.98
N LYS D 382 38.26 -6.65 -8.07
CA LYS D 382 39.31 -6.43 -7.07
C LYS D 382 39.41 -7.61 -6.11
N MET D 383 38.28 -8.18 -5.71
CA MET D 383 38.26 -9.38 -4.89
C MET D 383 38.98 -10.53 -5.57
N PHE D 384 38.72 -10.76 -6.85
CA PHE D 384 39.41 -11.86 -7.53
C PHE D 384 40.91 -11.60 -7.59
N GLU D 385 41.26 -10.33 -7.81
CA GLU D 385 42.69 -10.00 -7.86
C GLU D 385 43.35 -10.23 -6.54
N LEU D 386 42.75 -9.79 -5.43
CA LEU D 386 43.36 -9.95 -4.11
C LEU D 386 43.53 -11.42 -3.75
N GLY D 387 42.56 -12.23 -4.22
CA GLY D 387 42.60 -13.64 -3.89
C GLY D 387 43.39 -14.44 -4.94
N LYS D 388 44.03 -13.74 -5.87
CA LYS D 388 44.75 -14.34 -6.98
C LYS D 388 43.96 -15.47 -7.64
N GLY D 389 42.70 -15.15 -7.95
CA GLY D 389 41.76 -16.06 -8.56
C GLY D 389 40.84 -16.79 -7.57
N ASP D 390 41.19 -16.79 -6.29
CA ASP D 390 40.33 -17.48 -5.32
C ASP D 390 39.40 -16.50 -4.63
N LEU D 391 38.09 -16.63 -4.86
CA LEU D 391 37.16 -15.61 -4.31
C LEU D 391 36.98 -15.68 -2.81
N ALA D 392 37.21 -16.85 -2.22
CA ALA D 392 37.08 -16.93 -0.76
C ALA D 392 38.23 -16.18 -0.08
N ILE D 393 39.46 -16.47 -0.56
CA ILE D 393 40.61 -15.70 -0.06
C ILE D 393 40.46 -14.23 -0.40
N GLY D 394 39.96 -13.92 -1.60
CA GLY D 394 39.69 -12.57 -2.00
C GLY D 394 38.72 -11.82 -1.10
N THR D 395 37.69 -12.54 -0.63
CA THR D 395 36.73 -11.92 0.28
C THR D 395 37.36 -11.58 1.62
N VAL D 396 38.14 -12.49 2.18
CA VAL D 396 38.86 -12.15 3.41
C VAL D 396 39.72 -10.89 3.23
N LYS D 397 40.48 -10.85 2.14
CA LYS D 397 41.41 -9.74 1.92
C LYS D 397 40.67 -8.45 1.61
N ALA D 398 39.53 -8.57 0.94
CA ALA D 398 38.68 -7.43 0.63
C ALA D 398 38.16 -6.80 1.91
N PHE D 399 37.74 -7.58 2.91
CA PHE D 399 37.29 -7.01 4.15
C PHE D 399 38.47 -6.38 4.88
N GLU D 400 39.63 -7.06 4.86
CA GLU D 400 40.78 -6.50 5.56
C GLU D 400 41.17 -5.15 4.98
N THR D 401 40.97 -4.93 3.68
CA THR D 401 41.47 -3.73 3.02
C THR D 401 40.37 -2.71 2.76
N GLY D 402 39.14 -2.98 3.17
CA GLY D 402 38.00 -2.13 2.98
C GLY D 402 37.50 -2.04 1.56
N VAL D 403 37.90 -2.94 0.70
CA VAL D 403 37.36 -3.06 -0.66
C VAL D 403 35.87 -3.43 -0.61
N MET D 404 35.51 -4.36 0.27
CA MET D 404 34.13 -4.68 0.65
C MET D 404 33.91 -4.08 2.04
N ASP D 405 32.87 -3.29 2.21
CA ASP D 405 32.62 -2.53 3.42
C ASP D 405 31.11 -2.31 3.55
N ILE D 406 30.53 -2.85 4.60
CA ILE D 406 29.08 -2.86 4.79
C ILE D 406 28.64 -1.78 5.77
N PRO D 407 27.82 -0.80 5.35
CA PRO D 407 27.45 0.28 6.28
C PRO D 407 26.87 -0.23 7.59
N PHE D 408 27.42 0.31 8.69
CA PHE D 408 26.96 0.10 10.06
C PHE D 408 27.21 -1.33 10.53
N GLY D 409 27.95 -2.15 9.80
CA GLY D 409 28.22 -3.51 10.26
C GLY D 409 28.91 -3.55 11.62
N PRO D 410 28.40 -4.28 12.59
CA PRO D 410 29.06 -4.38 13.92
C PRO D 410 30.39 -5.15 13.91
N SER D 411 30.62 -5.96 12.87
CA SER D 411 31.86 -6.74 12.84
C SER D 411 33.12 -5.88 12.91
N LYS D 412 34.00 -6.29 13.83
CA LYS D 412 35.28 -5.56 13.89
C LYS D 412 36.17 -5.75 12.69
N TYR D 413 36.00 -6.70 11.83
CA TYR D 413 36.57 -7.03 10.54
C TYR D 413 35.96 -6.25 9.37
N ASN D 414 34.94 -5.46 9.62
CA ASN D 414 34.39 -4.50 8.65
C ASN D 414 35.07 -3.15 8.79
N ALA D 415 35.57 -2.56 7.72
CA ALA D 415 36.34 -1.31 7.82
C ALA D 415 35.48 -0.17 8.36
N GLY D 416 34.20 -0.03 8.01
CA GLY D 416 33.44 1.07 8.60
C GLY D 416 33.79 2.43 8.02
N LYS D 417 34.40 2.45 6.85
CA LYS D 417 34.88 3.69 6.25
C LYS D 417 33.91 4.23 5.19
N MET D 418 33.34 3.35 4.37
CA MET D 418 32.39 3.82 3.34
C MET D 418 31.14 4.35 4.04
N MET D 419 30.57 5.40 3.51
CA MET D 419 29.42 6.07 4.09
C MET D 419 28.40 6.30 2.96
N PRO D 420 27.20 5.77 3.10
CA PRO D 420 26.14 5.99 2.12
C PRO D 420 25.21 7.14 2.49
N VAL D 421 24.50 7.66 1.47
CA VAL D 421 23.49 8.70 1.72
C VAL D 421 22.55 8.75 0.52
N ARG D 422 21.34 9.23 0.64
CA ARG D 422 20.47 9.37 -0.55
C ARG D 422 20.73 10.61 -1.38
N ASP D 423 20.47 10.49 -2.69
CA ASP D 423 20.53 11.63 -3.61
C ASP D 423 19.16 12.31 -3.65
N ASN D 424 18.97 13.24 -4.58
CA ASN D 424 17.80 14.11 -4.48
C ASN D 424 16.49 13.42 -4.89
N LEU D 425 16.63 12.28 -5.55
CA LEU D 425 15.48 11.45 -5.91
C LEU D 425 15.34 10.26 -4.98
N GLY D 426 16.15 10.17 -3.94
CA GLY D 426 16.13 9.14 -2.95
C GLY D 426 16.93 7.90 -3.26
N CYS D 427 17.73 7.90 -4.33
CA CYS D 427 18.56 6.75 -4.61
C CYS D 427 19.72 6.71 -3.61
N VAL D 428 20.01 5.53 -3.06
CA VAL D 428 21.18 5.44 -2.19
C VAL D 428 22.47 5.55 -3.02
N ARG D 429 23.38 6.41 -2.59
CA ARG D 429 24.63 6.66 -3.27
C ARG D 429 25.77 6.56 -2.26
N TYR D 430 27.00 6.60 -2.74
CA TYR D 430 28.19 6.61 -1.92
C TYR D 430 28.59 8.04 -1.60
N LEU D 431 28.60 8.44 -0.34
CA LEU D 431 29.02 9.74 0.14
C LEU D 431 30.52 9.78 0.38
N GLU D 432 31.01 8.82 1.15
CA GLU D 432 32.43 8.62 1.39
C GLU D 432 32.81 7.24 0.85
N PHE D 433 33.82 7.15 -0.01
CA PHE D 433 34.14 5.90 -0.65
C PHE D 433 35.01 4.96 0.17
N GLY D 434 35.73 5.47 1.17
CA GLY D 434 36.70 4.58 1.83
C GLY D 434 37.64 3.98 0.81
N ASN D 435 37.87 2.67 0.91
CA ASN D 435 38.72 1.94 -0.01
C ASN D 435 37.94 1.13 -1.05
N VAL D 436 36.67 1.50 -1.26
CA VAL D 436 35.89 0.83 -2.30
C VAL D 436 36.53 1.23 -3.64
N PRO D 437 36.96 0.22 -4.36
CA PRO D 437 37.90 0.45 -5.48
C PRO D 437 37.39 1.09 -6.76
N PHE D 438 36.52 2.07 -6.74
CA PHE D 438 35.89 2.65 -7.91
C PHE D 438 36.86 3.55 -8.71
N THR D 439 36.60 3.60 -10.00
CA THR D 439 37.26 4.57 -10.88
C THR D 439 36.73 5.97 -10.60
N GLU D 440 37.45 6.99 -11.08
CA GLU D 440 36.98 8.35 -10.85
C GLU D 440 35.66 8.62 -11.56
N GLU D 441 35.45 7.99 -12.70
CA GLU D 441 34.17 8.22 -13.38
C GLU D 441 32.96 7.85 -12.52
N ILE D 442 33.06 6.71 -11.87
CA ILE D 442 32.07 6.09 -11.01
C ILE D 442 31.90 6.96 -9.80
N LYS D 443 33.04 7.41 -9.26
CA LYS D 443 32.91 8.27 -8.09
C LYS D 443 32.23 9.60 -8.43
N ASN D 444 32.64 10.15 -9.59
CA ASN D 444 32.05 11.43 -9.97
C ASN D 444 30.56 11.36 -10.24
N TYR D 445 30.05 10.24 -10.74
CA TYR D 445 28.63 10.11 -10.95
C TYR D 445 27.89 10.19 -9.60
N ASN D 446 28.40 9.44 -8.63
CA ASN D 446 27.83 9.53 -7.29
C ASN D 446 27.85 10.96 -6.79
N ARG D 447 29.00 11.66 -6.94
CA ARG D 447 29.07 13.04 -6.50
C ARG D 447 28.10 13.99 -7.19
N GLU D 448 27.97 13.83 -8.50
CA GLU D 448 27.03 14.66 -9.23
C GLU D 448 25.60 14.46 -8.75
N ARG D 449 25.22 13.21 -8.49
CA ARG D 449 23.85 12.97 -8.03
C ARG D 449 23.62 13.62 -6.67
N LEU D 450 24.63 13.51 -5.80
CA LEU D 450 24.47 14.09 -4.48
C LEU D 450 24.47 15.61 -4.47
N GLN D 451 25.22 16.22 -5.35
CA GLN D 451 25.24 17.68 -5.39
C GLN D 451 23.84 18.19 -5.70
N GLU D 452 23.03 17.44 -6.43
CA GLU D 452 21.68 17.92 -6.69
C GLU D 452 20.86 18.03 -5.43
N ARG D 453 21.11 17.11 -4.48
CA ARG D 453 20.43 17.20 -3.19
C ARG D 453 20.90 18.40 -2.36
N ALA D 454 22.22 18.63 -2.39
CA ALA D 454 22.75 19.80 -1.70
C ALA D 454 22.12 21.09 -2.23
N LYS D 455 22.03 21.19 -3.56
CA LYS D 455 21.43 22.38 -4.16
C LYS D 455 19.98 22.55 -3.75
N PHE D 456 19.21 21.45 -3.84
CA PHE D 456 17.81 21.53 -3.46
C PHE D 456 17.55 21.85 -2.01
N GLU D 457 18.34 21.27 -1.12
CA GLU D 457 18.18 21.40 0.31
C GLU D 457 18.93 22.63 0.84
N GLY D 458 19.85 23.21 0.09
CA GLY D 458 20.59 24.37 0.55
C GLY D 458 21.53 24.07 1.69
N ARG D 459 22.09 22.87 1.68
CA ARG D 459 23.06 22.45 2.69
C ARG D 459 24.03 21.50 2.03
N ASP D 460 25.28 21.50 2.54
CA ASP D 460 26.27 20.59 2.00
C ASP D 460 25.91 19.16 2.35
N VAL D 461 26.25 18.24 1.45
CA VAL D 461 26.03 16.85 1.71
C VAL D 461 26.89 16.43 2.89
N SER D 462 26.40 15.64 3.82
CA SER D 462 27.13 15.41 5.06
C SER D 462 26.62 14.20 5.82
N PHE D 463 27.35 13.85 6.88
CA PHE D 463 26.85 12.85 7.81
C PHE D 463 25.53 13.21 8.45
N GLN D 464 25.22 14.50 8.67
CA GLN D 464 23.90 14.86 9.16
C GLN D 464 22.81 14.38 8.20
N MET D 465 23.04 14.46 6.89
CA MET D 465 22.06 13.93 5.95
C MET D 465 21.87 12.42 6.13
N VAL D 466 22.95 11.72 6.41
CA VAL D 466 22.88 10.27 6.67
C VAL D 466 21.99 10.00 7.87
N ILE D 467 22.20 10.76 8.96
CA ILE D 467 21.37 10.62 10.15
C ILE D 467 19.89 10.88 9.81
N ASP D 468 19.68 11.99 9.09
CA ASP D 468 18.31 12.32 8.68
C ASP D 468 17.69 11.18 7.87
N ASP D 469 18.48 10.58 6.97
CA ASP D 469 17.94 9.49 6.16
C ASP D 469 17.63 8.27 7.02
N ILE D 470 18.45 7.99 8.04
CA ILE D 470 18.19 6.87 8.94
C ILE D 470 16.83 7.03 9.60
N PHE D 471 16.43 8.23 9.95
CA PHE D 471 15.19 8.47 10.66
C PHE D 471 13.99 8.77 9.76
N ALA D 472 14.26 9.05 8.50
CA ALA D 472 13.19 9.64 7.65
C ALA D 472 11.94 8.78 7.55
N VAL D 473 12.07 7.48 7.28
CA VAL D 473 10.85 6.67 7.03
C VAL D 473 10.01 6.60 8.29
N GLY D 474 10.63 6.48 9.45
CA GLY D 474 9.94 6.49 10.74
C GLY D 474 9.22 7.80 10.99
N LYS D 475 9.76 8.87 10.43
CA LYS D 475 9.17 10.20 10.50
C LYS D 475 8.23 10.52 9.34
N GLY D 476 7.96 9.57 8.47
CA GLY D 476 6.94 9.74 7.45
C GLY D 476 7.33 9.96 6.02
N ARG D 477 8.59 9.76 5.62
CA ARG D 477 8.97 10.05 4.26
C ARG D 477 10.26 9.33 3.90
N LEU D 478 10.57 9.22 2.61
CA LEU D 478 11.77 8.48 2.22
C LEU D 478 13.07 9.25 2.45
N ILE D 479 13.07 10.53 2.08
CA ILE D 479 14.30 11.32 2.07
C ILE D 479 14.31 12.25 3.30
N GLY D 480 15.45 12.25 4.00
CA GLY D 480 15.61 13.08 5.18
C GLY D 480 15.86 14.54 4.84
N ARG D 481 14.78 15.19 4.42
CA ARG D 481 14.82 16.62 4.15
C ARG D 481 14.97 17.40 5.46
N PRO D 482 15.55 18.58 5.38
CA PRO D 482 15.69 19.35 6.62
C PRO D 482 14.35 19.92 7.10
N GLU D 483 14.43 20.31 8.36
CA GLU D 483 13.43 21.06 9.09
C GLU D 483 12.27 20.18 9.52
CO CNC E . -20.98 4.82 -4.10
N21 CNC E . -21.21 4.29 -2.29
N22 CNC E . -21.68 6.57 -3.67
N23 CNC E . -20.66 5.15 -5.97
N24 CNC E . -20.16 3.13 -4.29
C1 CNC E . -20.78 2.90 -1.96
C20 CNC E . -21.99 1.96 -2.20
C2 CNC E . -20.40 3.04 -0.45
C25 CNC E . -20.57 1.73 0.34
C26 CNC E . -18.91 3.49 -0.31
C27 CNC E . -18.53 3.89 1.11
O28 CNC E . -18.65 5.07 1.49
N29 CNC E . -18.07 2.98 1.93
C3 CNC E . -21.30 4.20 0.04
C30 CNC E . -22.57 3.81 0.84
C31 CNC E . -22.33 4.18 2.30
C32 CNC E . -23.17 3.50 3.35
O34 CNC E . -22.81 3.78 4.48
N33 CNC E . -24.17 2.73 3.05
C4 CNC E . -21.51 4.98 -1.23
C5 CNC E . -21.80 6.40 -1.25
C35 CNC E . -22.03 6.97 0.15
C6 CNC E . -21.89 7.11 -2.40
C7 CNC E . -22.04 8.63 -2.58
C36 CNC E . -22.89 9.54 -1.66
C37 CNC E . -20.61 9.25 -2.60
C38 CNC E . -19.75 8.97 -1.41
O39 CNC E . -18.84 8.12 -1.47
N40 CNC E . -19.99 9.60 -0.30
C8 CNC E . -22.60 8.71 -4.02
C41 CNC E . -24.14 8.62 -4.05
C42 CNC E . -24.75 8.48 -5.45
C43 CNC E . -26.23 8.20 -5.29
O44 CNC E . -26.62 7.14 -4.83
N45 CNC E . -27.04 9.14 -5.66
C9 CNC E . -21.96 7.45 -4.60
C10 CNC E . -21.64 7.37 -5.95
C11 CNC E . -21.01 6.30 -6.57
C12 CNC E . -20.56 6.29 -8.01
C46 CNC E . -19.11 6.83 -8.08
C47 CNC E . -21.43 7.17 -8.93
C13 CNC E . -20.55 4.77 -8.29
C48 CNC E . -21.91 4.23 -8.77
C49 CNC E . -22.18 4.28 -10.30
C50 CNC E . -23.54 3.71 -10.57
O51 CNC E . -23.78 2.57 -10.33
N52 CNC E . -24.44 4.52 -11.06
C14 CNC E . -20.29 4.21 -6.90
C15 CNC E . -19.79 2.95 -6.67
C53 CNC E . -19.39 2.14 -7.87
C16 CNC E . -19.70 2.48 -5.30
C17 CNC E . -18.91 1.25 -4.82
C54 CNC E . -17.42 1.60 -4.95
C55 CNC E . -19.14 -0.11 -5.53
C56 CNC E . -20.62 -0.45 -5.76
C57 CNC E . -20.75 -1.55 -6.80
O58 CNC E . -21.15 -1.31 -7.93
N59 CNC E . -20.37 -2.77 -6.44
C18 CNC E . -19.35 1.13 -3.34
C60 CNC E . -18.33 0.57 -2.33
C61 CNC E . -17.98 -0.88 -2.43
O63 CNC E . -18.82 -1.80 -2.53
N62 CNC E . -16.71 -1.17 -2.38
C19 CNC E . -19.66 2.61 -2.99
C1P CNC E . -20.51 -3.90 -7.36
C2P CNC E . -21.89 -4.54 -7.22
C3P CNC E . -21.98 -5.78 -8.08
O3 CNC E . -22.13 -4.90 -5.86
O4 CNC E . -23.45 -2.85 -5.45
O5 CNC E . -22.52 -4.24 -3.53
P CNC E . -23.11 -4.15 -4.86
O2 CNC E . -24.42 -5.07 -4.94
C3R CNC E . -24.36 -6.44 -4.54
C2R CNC E . -24.63 -6.69 -3.08
O7R CNC E . -24.74 -5.61 -2.21
C1R CNC E . -25.89 -7.54 -3.08
O6R CNC E . -25.88 -8.19 -4.33
C4R CNC E . -25.43 -7.21 -5.29
C5R CNC E . -25.07 -7.88 -6.60
O8R CNC E . -23.92 -8.75 -6.47
N1B CNC E . -27.13 -6.83 -2.92
C8B CNC E . -28.33 -7.38 -2.49
C2B CNC E . -27.38 -5.53 -3.11
N3B CNC E . -28.65 -5.18 -2.90
C9B CNC E . -29.27 -6.35 -2.48
C4B CNC E . -30.62 -6.61 -2.16
C5B CNC E . -30.94 -7.91 -1.85
C5M CNC E . -32.37 -8.20 -1.40
C6B CNC E . -29.98 -8.95 -1.93
C6M CNC E . -30.37 -10.36 -1.53
C7B CNC E . -28.66 -8.70 -2.19
N1A CNC E . -18.11 5.78 -3.60
C1A CNC E . -19.17 5.34 -3.62
O1 TAR F . -20.78 10.98 -5.77
O11 TAR F . -19.98 12.13 -4.02
C1 TAR F . -19.86 11.47 -5.10
C2 TAR F . -18.41 11.30 -5.57
O2 TAR F . -18.25 10.30 -6.58
C3 TAR F . -17.85 12.64 -6.07
O3 TAR F . -18.18 12.88 -7.42
C4 TAR F . -16.33 12.60 -5.92
O4 TAR F . -15.58 12.46 -6.85
O41 TAR F . -15.94 12.75 -4.72
CO CNC G . 15.79 -6.31 13.82
N21 CNC G . 14.35 -6.24 15.06
N22 CNC G . 16.02 -8.16 14.21
N23 CNC G . 17.13 -6.17 12.50
N24 CNC G . 15.24 -4.55 13.42
C1 CNC G . 13.68 -4.92 15.24
C20 CNC G . 14.45 -4.13 16.32
C2 CNC G . 12.23 -5.35 15.68
C25 CNC G . 11.53 -4.29 16.54
C26 CNC G . 11.34 -5.67 14.46
C27 CNC G . 10.00 -6.30 14.82
O28 CNC G . 9.90 -7.54 14.89
N29 CNC G . 8.98 -5.49 15.06
C3 CNC G . 12.48 -6.70 16.39
C30 CNC G . 12.52 -6.67 17.94
C31 CNC G . 11.21 -7.25 18.43
C32 CNC G . 10.80 -6.96 19.84
O34 CNC G . 9.69 -7.41 20.13
N33 CNC G . 11.55 -6.29 20.68
C4 CNC G . 13.74 -7.17 15.69
C5 CNC G . 14.09 -8.59 15.62
C35 CNC G . 13.05 -9.46 16.32
C6 CNC G . 15.16 -9.01 14.92
C7 CNC G . 15.58 -10.47 14.61
C36 CNC G . 15.38 -11.61 15.61
C37 CNC G . 14.92 -10.86 13.24
C38 CNC G . 13.43 -10.73 13.20
O39 CNC G . 12.88 -9.78 12.60
N40 CNC G . 12.71 -11.61 13.80
C8 CNC G . 17.09 -10.27 14.28
C41 CNC G . 17.93 -10.34 15.56
C42 CNC G . 19.42 -10.04 15.34
C43 CNC G . 20.12 -9.95 16.69
O44 CNC G . 19.85 -9.04 17.44
N45 CNC G . 20.99 -10.89 16.96
C9 CNC G . 17.06 -8.87 13.71
C10 CNC G . 17.94 -8.43 12.74
C11 CNC G . 17.92 -7.19 12.12
C12 CNC G . 18.85 -6.78 11.02
C46 CNC G . 18.11 -7.09 9.69
C47 CNC G . 20.19 -7.54 11.04
C13 CNC G . 18.91 -5.26 11.23
C48 CNC G . 20.00 -4.80 12.21
C49 CNC G . 21.40 -4.55 11.58
C50 CNC G . 22.36 -4.08 12.65
O51 CNC G . 22.19 -3.01 13.20
N52 CNC G . 23.36 -4.89 12.99
C14 CNC G . 17.59 -4.99 11.92
C15 CNC G . 16.94 -3.77 11.92
C53 CNC G . 17.62 -2.67 11.17
C16 CNC G . 15.73 -3.62 12.67
C17 CNC G . 14.74 -2.44 12.56
C54 CNC G . 14.00 -2.59 11.21
C55 CNC G . 15.26 -1.00 12.70
C56 CNC G . 16.31 -0.81 13.82
C57 CNC G . 17.07 0.50 13.62
O58 CNC G . 18.24 0.45 13.24
N59 CNC G . 16.40 1.62 13.83
C18 CNC G . 13.80 -2.73 13.76
C60 CNC G . 12.34 -2.27 13.60
C61 CNC G . 12.06 -0.79 13.58
O63 CNC G . 12.51 -0.02 14.45
N62 CNC G . 11.29 -0.40 12.60
C19 CNC G . 13.88 -4.25 13.87
C1P CNC G . 17.07 2.92 13.69
C2P CNC G . 17.78 3.31 15.00
C3P CNC G . 18.43 4.67 14.90
O3 CNC G . 16.81 3.37 16.03
O4 CNC G . 17.45 1.13 16.90
O5 CNC G . 15.13 2.09 17.33
P CNC G . 16.57 2.29 17.14
O2 CNC G . 17.18 3.06 18.42
C3R CNC G . 16.70 4.32 18.86
C2R CNC G . 15.68 4.22 19.97
O7R CNC G . 15.15 2.98 20.32
C1R CNC G . 16.39 4.86 21.16
O6R CNC G . 17.29 5.75 20.59
C4R CNC G . 17.87 5.07 19.47
C5R CNC G . 18.69 6.02 18.62
O8R CNC G . 17.82 6.99 17.99
N1B CNC G . 17.04 3.99 22.07
C8B CNC G . 17.33 4.25 23.41
C2B CNC G . 17.48 2.72 21.85
N3B CNC G . 18.08 2.18 22.91
C9B CNC G . 18.00 3.15 23.91
C4B CNC G . 18.48 3.16 25.24
C5B CNC G . 18.24 4.30 25.99
C5M CNC G . 18.64 4.33 27.44
C6B CNC G . 17.58 5.43 25.42
C6M CNC G . 17.44 6.69 26.23
C7B CNC G . 17.15 5.44 24.12
N1A CNC G . 13.78 -6.87 11.55
C1A CNC G . 14.49 -6.79 12.44
O1 TAR H . 17.69 -11.81 11.34
O11 TAR H . 16.04 -13.29 11.33
C1 TAR H . 16.71 -12.36 10.79
C2 TAR H . 16.23 -11.92 9.41
O2 TAR H . 16.84 -10.71 8.97
C3 TAR H . 16.52 -13.03 8.38
O3 TAR H . 17.86 -12.96 7.90
C4 TAR H . 15.51 -12.84 7.24
O4 TAR H . 15.90 -12.38 6.18
O41 TAR H . 14.33 -13.19 7.57
#